data_9C4N
# 
_entry.id   9C4N 
# 
_audit_conform.dict_name       mmcif_pdbx.dic 
_audit_conform.dict_version    5.399 
_audit_conform.dict_location   http://mmcif.pdb.org/dictionaries/ascii/mmcif_pdbx.dic 
# 
loop_
_database_2.database_id 
_database_2.database_code 
_database_2.pdbx_database_accession 
_database_2.pdbx_DOI 
PDB   9C4N         pdb_00009c4n 10.2210/pdb9c4n/pdb 
WWPDB D_1000284735 ?            ?                   
EMDB  EMD-45191    ?            ?                   
# 
_pdbx_audit_revision_history.ordinal             1 
_pdbx_audit_revision_history.data_content_type   'Structure model' 
_pdbx_audit_revision_history.major_revision      1 
_pdbx_audit_revision_history.minor_revision      0 
_pdbx_audit_revision_history.revision_date       2024-11-13 
# 
_pdbx_audit_revision_details.ordinal             1 
_pdbx_audit_revision_details.revision_ordinal    1 
_pdbx_audit_revision_details.data_content_type   'Structure model' 
_pdbx_audit_revision_details.provider            repository 
_pdbx_audit_revision_details.type                'Initial release' 
_pdbx_audit_revision_details.description         ? 
_pdbx_audit_revision_details.details             ? 
# 
_database_PDB_caveat.id     1 
_database_PDB_caveat.text   
;Residues PRO Y 662 and GLY Y 663 that are next to each other in the sample sequence are not properly linked: distance between C and N is 0.92 A.
;
# 
_pdbx_database_status.status_code                     REL 
_pdbx_database_status.status_code_sf                  ? 
_pdbx_database_status.status_code_mr                  ? 
_pdbx_database_status.entry_id                        9C4N 
_pdbx_database_status.recvd_initial_deposition_date   2024-06-04 
_pdbx_database_status.SG_entry                        N 
_pdbx_database_status.deposit_site                    RCSB 
_pdbx_database_status.process_site                    RCSB 
_pdbx_database_status.status_code_cs                  ? 
_pdbx_database_status.status_code_nmr_data            ? 
_pdbx_database_status.methods_development_category    ? 
_pdbx_database_status.pdb_format_compatible           Y 
# 
_pdbx_database_related.db_name        EMDB 
_pdbx_database_related.details        'Infectious B19V capsid' 
_pdbx_database_related.db_id          EMD-45191 
_pdbx_database_related.content_type   'associated EM volume' 
# 
_pdbx_contact_author.id                 2 
_pdbx_contact_author.email              hafen@umn.edu 
_pdbx_contact_author.name_first         Susan 
_pdbx_contact_author.name_last          Hafenstein 
_pdbx_contact_author.name_mi            ? 
_pdbx_contact_author.role               'principal investigator/group leader' 
_pdbx_contact_author.identifier_ORCID   0000-0003-2609-4036 
# 
loop_
_audit_author.name 
_audit_author.pdbx_ordinal 
_audit_author.identifier_ORCID 
'Lee, H.'        1 ? 
'Hafenstein, S.' 2 ? 
# 
_citation.abstract                  ? 
_citation.abstract_id_CAS           ? 
_citation.book_id_ISBN              ? 
_citation.book_publisher            ? 
_citation.book_publisher_city       ? 
_citation.book_title                ? 
_citation.coordinate_linkage        ? 
_citation.country                   UK 
_citation.database_id_Medline       ? 
_citation.details                   ? 
_citation.id                        primary 
_citation.journal_abbrev            'Nat Commun' 
_citation.journal_id_ASTM           ? 
_citation.journal_id_CSD            ? 
_citation.journal_id_ISSN           2041-1723 
_citation.journal_full              ? 
_citation.journal_issue             ? 
_citation.journal_volume            15 
_citation.language                  ? 
_citation.page_first                9543 
_citation.page_last                 9543 
_citation.title                     
'Infectious parvovirus B19 circulates in the blood coated with active host protease inhibitors.' 
_citation.year                      2024 
_citation.database_id_CSD           ? 
_citation.pdbx_database_id_DOI      10.1038/s41467-024-53794-1 
_citation.pdbx_database_id_PubMed   39500886 
_citation.pdbx_database_id_patent   ? 
_citation.unpublished_flag          ? 
# 
loop_
_citation_author.citation_id 
_citation_author.name 
_citation_author.ordinal 
_citation_author.identifier_ORCID 
primary 'Lee, H.'          1  0000-0002-5428-8594 
primary 'Assaraf, R.'      2  ?                   
primary 'Subramanian, S.'  3  ?                   
primary 'Goetschius, D.'   4  0000-0002-6052-7141 
primary 'Bieri, J.'        5  0000-0001-8401-8002 
primary 'DiNunno, N.M.'    6  ?                   
primary 'Leisi, R.'        7  ?                   
primary 'Bator, C.M.'      8  ?                   
primary 'Hafenstein, S.L.' 9  0000-0003-2609-4036 
primary 'Ros, C.'          10 0000-0002-6964-4002 
# 
_entity.id                         1 
_entity.type                       polymer 
_entity.src_method                 nat 
_entity.pdbx_description           'Inter-alpha-trypsin inhibitor heavy chain H4' 
_entity.formula_weight             103470.250 
_entity.pdbx_number_of_molecules   1 
_entity.pdbx_ec                    ? 
_entity.pdbx_mutation              ? 
_entity.pdbx_fragment              ? 
_entity.details                    ? 
# 
_entity_name_com.entity_id   1 
_entity_name_com.name        
;ITI heavy chain H4,ITI-HC4,Inter-alpha-inhibitor heavy chain 4,Inter-alpha-trypsin inhibitor family heavy chain-related protein,IHRP,Plasma kallikrein sensitive glycoprotein 120,Gp120,PK-120
;
# 
_entity_poly.entity_id                      1 
_entity_poly.type                           'polypeptide(L)' 
_entity_poly.nstd_linkage                   no 
_entity_poly.nstd_monomer                   no 
_entity_poly.pdbx_seq_one_letter_code       
;MKPPRPVRTCSKVLVLLSLLAIHQTTTAEKNGIDIYSLTVDSRVSSRFAHTVVTSRVVNRANTVQEATFQMELPKKAFIT
NFSMIIDGMTYPGIIKEKAEAQAQYSAAVAKGKSAGLVKATGRNMEQFQVSVSVAPNAKITFELVYEELLKRRLGVYELL
LKVRPQQLVKHLQMDIHIFEPQGISFLETESTFMTNQLVDALTTWQNKTKAHIRFKPTLSQQQKSPEQQETVLDGNLIIR
YDVDRAISGGSIQIENGYFVHYFAPEGLTTMPKNVVFVIDKSGSMSGRKIQQTREALIKILDDLSPRDQFNLIVFSTEAT
QWRPSLVPASAENVNKARSFAAGIQALGGTNINDAMLMAVQLLDSSNQEERLPEGSVSLIILLTDGDPTVGETNPRSIQN
NVREAVSGRYSLFCLGFGFDVSYAFLEKLALDNGGLARRIHEDSDSALQLQDFYQEVANPLLTAVTFEYPSNAVEEVTQN
NFRLLFKGSEMVVAGKLQDRGPDVLTATVSGKLPTQNITFQTESSVAEQEAEFQSPKYIFHNFMERLWAYLTIQQLLEQT
VSASDADQQALRNQALNLSLAYSFVTPLTSMVVTKPDDQEQSQVAEKPMEGESRNRNVHSGSTFFKYYLQGAKIPKPEAS
FSPRRGWNRQAGAAGSRMNFRPGVLSSRQLGLPGPPDVPDHAAYHPFRRLAILPASAPPATSNPDPAVSRVMNMKIEETT
MTTQTPAPIQAPSAILPLPGQSVERLCVDPRHRQGPVNLLSDPEQGVEVTGQYEREKAGFSWIEVTFKNPLVWVHASPEH
VVVTRNRRSSAYKWKETLFSVMPGLKMTMDKTGLLLLSDPDKVTIGLLFWDGRGEGLRLLLRDTDRFSSHVGGTLGQFYQ
EVLWGSPAASDDGRRTLRVQGNDHSATRERRLDYQEGPPGVEISCWSVEL
;
_entity_poly.pdbx_seq_one_letter_code_can   
;MKPPRPVRTCSKVLVLLSLLAIHQTTTAEKNGIDIYSLTVDSRVSSRFAHTVVTSRVVNRANTVQEATFQMELPKKAFIT
NFSMIIDGMTYPGIIKEKAEAQAQYSAAVAKGKSAGLVKATGRNMEQFQVSVSVAPNAKITFELVYEELLKRRLGVYELL
LKVRPQQLVKHLQMDIHIFEPQGISFLETESTFMTNQLVDALTTWQNKTKAHIRFKPTLSQQQKSPEQQETVLDGNLIIR
YDVDRAISGGSIQIENGYFVHYFAPEGLTTMPKNVVFVIDKSGSMSGRKIQQTREALIKILDDLSPRDQFNLIVFSTEAT
QWRPSLVPASAENVNKARSFAAGIQALGGTNINDAMLMAVQLLDSSNQEERLPEGSVSLIILLTDGDPTVGETNPRSIQN
NVREAVSGRYSLFCLGFGFDVSYAFLEKLALDNGGLARRIHEDSDSALQLQDFYQEVANPLLTAVTFEYPSNAVEEVTQN
NFRLLFKGSEMVVAGKLQDRGPDVLTATVSGKLPTQNITFQTESSVAEQEAEFQSPKYIFHNFMERLWAYLTIQQLLEQT
VSASDADQQALRNQALNLSLAYSFVTPLTSMVVTKPDDQEQSQVAEKPMEGESRNRNVHSGSTFFKYYLQGAKIPKPEAS
FSPRRGWNRQAGAAGSRMNFRPGVLSSRQLGLPGPPDVPDHAAYHPFRRLAILPASAPPATSNPDPAVSRVMNMKIEETT
MTTQTPAPIQAPSAILPLPGQSVERLCVDPRHRQGPVNLLSDPEQGVEVTGQYEREKAGFSWIEVTFKNPLVWVHASPEH
VVVTRNRRSSAYKWKETLFSVMPGLKMTMDKTGLLLLSDPDKVTIGLLFWDGRGEGLRLLLRDTDRFSSHVGGTLGQFYQ
EVLWGSPAASDDGRRTLRVQGNDHSATRERRLDYQEGPPGVEISCWSVEL
;
_entity_poly.pdbx_strand_id                 Y 
_entity_poly.pdbx_target_identifier         ? 
# 
loop_
_entity_poly_seq.entity_id 
_entity_poly_seq.num 
_entity_poly_seq.mon_id 
_entity_poly_seq.hetero 
1 1   MET n 
1 2   LYS n 
1 3   PRO n 
1 4   PRO n 
1 5   ARG n 
1 6   PRO n 
1 7   VAL n 
1 8   ARG n 
1 9   THR n 
1 10  CYS n 
1 11  SER n 
1 12  LYS n 
1 13  VAL n 
1 14  LEU n 
1 15  VAL n 
1 16  LEU n 
1 17  LEU n 
1 18  SER n 
1 19  LEU n 
1 20  LEU n 
1 21  ALA n 
1 22  ILE n 
1 23  HIS n 
1 24  GLN n 
1 25  THR n 
1 26  THR n 
1 27  THR n 
1 28  ALA n 
1 29  GLU n 
1 30  LYS n 
1 31  ASN n 
1 32  GLY n 
1 33  ILE n 
1 34  ASP n 
1 35  ILE n 
1 36  TYR n 
1 37  SER n 
1 38  LEU n 
1 39  THR n 
1 40  VAL n 
1 41  ASP n 
1 42  SER n 
1 43  ARG n 
1 44  VAL n 
1 45  SER n 
1 46  SER n 
1 47  ARG n 
1 48  PHE n 
1 49  ALA n 
1 50  HIS n 
1 51  THR n 
1 52  VAL n 
1 53  VAL n 
1 54  THR n 
1 55  SER n 
1 56  ARG n 
1 57  VAL n 
1 58  VAL n 
1 59  ASN n 
1 60  ARG n 
1 61  ALA n 
1 62  ASN n 
1 63  THR n 
1 64  VAL n 
1 65  GLN n 
1 66  GLU n 
1 67  ALA n 
1 68  THR n 
1 69  PHE n 
1 70  GLN n 
1 71  MET n 
1 72  GLU n 
1 73  LEU n 
1 74  PRO n 
1 75  LYS n 
1 76  LYS n 
1 77  ALA n 
1 78  PHE n 
1 79  ILE n 
1 80  THR n 
1 81  ASN n 
1 82  PHE n 
1 83  SER n 
1 84  MET n 
1 85  ILE n 
1 86  ILE n 
1 87  ASP n 
1 88  GLY n 
1 89  MET n 
1 90  THR n 
1 91  TYR n 
1 92  PRO n 
1 93  GLY n 
1 94  ILE n 
1 95  ILE n 
1 96  LYS n 
1 97  GLU n 
1 98  LYS n 
1 99  ALA n 
1 100 GLU n 
1 101 ALA n 
1 102 GLN n 
1 103 ALA n 
1 104 GLN n 
1 105 TYR n 
1 106 SER n 
1 107 ALA n 
1 108 ALA n 
1 109 VAL n 
1 110 ALA n 
1 111 LYS n 
1 112 GLY n 
1 113 LYS n 
1 114 SER n 
1 115 ALA n 
1 116 GLY n 
1 117 LEU n 
1 118 VAL n 
1 119 LYS n 
1 120 ALA n 
1 121 THR n 
1 122 GLY n 
1 123 ARG n 
1 124 ASN n 
1 125 MET n 
1 126 GLU n 
1 127 GLN n 
1 128 PHE n 
1 129 GLN n 
1 130 VAL n 
1 131 SER n 
1 132 VAL n 
1 133 SER n 
1 134 VAL n 
1 135 ALA n 
1 136 PRO n 
1 137 ASN n 
1 138 ALA n 
1 139 LYS n 
1 140 ILE n 
1 141 THR n 
1 142 PHE n 
1 143 GLU n 
1 144 LEU n 
1 145 VAL n 
1 146 TYR n 
1 147 GLU n 
1 148 GLU n 
1 149 LEU n 
1 150 LEU n 
1 151 LYS n 
1 152 ARG n 
1 153 ARG n 
1 154 LEU n 
1 155 GLY n 
1 156 VAL n 
1 157 TYR n 
1 158 GLU n 
1 159 LEU n 
1 160 LEU n 
1 161 LEU n 
1 162 LYS n 
1 163 VAL n 
1 164 ARG n 
1 165 PRO n 
1 166 GLN n 
1 167 GLN n 
1 168 LEU n 
1 169 VAL n 
1 170 LYS n 
1 171 HIS n 
1 172 LEU n 
1 173 GLN n 
1 174 MET n 
1 175 ASP n 
1 176 ILE n 
1 177 HIS n 
1 178 ILE n 
1 179 PHE n 
1 180 GLU n 
1 181 PRO n 
1 182 GLN n 
1 183 GLY n 
1 184 ILE n 
1 185 SER n 
1 186 PHE n 
1 187 LEU n 
1 188 GLU n 
1 189 THR n 
1 190 GLU n 
1 191 SER n 
1 192 THR n 
1 193 PHE n 
1 194 MET n 
1 195 THR n 
1 196 ASN n 
1 197 GLN n 
1 198 LEU n 
1 199 VAL n 
1 200 ASP n 
1 201 ALA n 
1 202 LEU n 
1 203 THR n 
1 204 THR n 
1 205 TRP n 
1 206 GLN n 
1 207 ASN n 
1 208 LYS n 
1 209 THR n 
1 210 LYS n 
1 211 ALA n 
1 212 HIS n 
1 213 ILE n 
1 214 ARG n 
1 215 PHE n 
1 216 LYS n 
1 217 PRO n 
1 218 THR n 
1 219 LEU n 
1 220 SER n 
1 221 GLN n 
1 222 GLN n 
1 223 GLN n 
1 224 LYS n 
1 225 SER n 
1 226 PRO n 
1 227 GLU n 
1 228 GLN n 
1 229 GLN n 
1 230 GLU n 
1 231 THR n 
1 232 VAL n 
1 233 LEU n 
1 234 ASP n 
1 235 GLY n 
1 236 ASN n 
1 237 LEU n 
1 238 ILE n 
1 239 ILE n 
1 240 ARG n 
1 241 TYR n 
1 242 ASP n 
1 243 VAL n 
1 244 ASP n 
1 245 ARG n 
1 246 ALA n 
1 247 ILE n 
1 248 SER n 
1 249 GLY n 
1 250 GLY n 
1 251 SER n 
1 252 ILE n 
1 253 GLN n 
1 254 ILE n 
1 255 GLU n 
1 256 ASN n 
1 257 GLY n 
1 258 TYR n 
1 259 PHE n 
1 260 VAL n 
1 261 HIS n 
1 262 TYR n 
1 263 PHE n 
1 264 ALA n 
1 265 PRO n 
1 266 GLU n 
1 267 GLY n 
1 268 LEU n 
1 269 THR n 
1 270 THR n 
1 271 MET n 
1 272 PRO n 
1 273 LYS n 
1 274 ASN n 
1 275 VAL n 
1 276 VAL n 
1 277 PHE n 
1 278 VAL n 
1 279 ILE n 
1 280 ASP n 
1 281 LYS n 
1 282 SER n 
1 283 GLY n 
1 284 SER n 
1 285 MET n 
1 286 SER n 
1 287 GLY n 
1 288 ARG n 
1 289 LYS n 
1 290 ILE n 
1 291 GLN n 
1 292 GLN n 
1 293 THR n 
1 294 ARG n 
1 295 GLU n 
1 296 ALA n 
1 297 LEU n 
1 298 ILE n 
1 299 LYS n 
1 300 ILE n 
1 301 LEU n 
1 302 ASP n 
1 303 ASP n 
1 304 LEU n 
1 305 SER n 
1 306 PRO n 
1 307 ARG n 
1 308 ASP n 
1 309 GLN n 
1 310 PHE n 
1 311 ASN n 
1 312 LEU n 
1 313 ILE n 
1 314 VAL n 
1 315 PHE n 
1 316 SER n 
1 317 THR n 
1 318 GLU n 
1 319 ALA n 
1 320 THR n 
1 321 GLN n 
1 322 TRP n 
1 323 ARG n 
1 324 PRO n 
1 325 SER n 
1 326 LEU n 
1 327 VAL n 
1 328 PRO n 
1 329 ALA n 
1 330 SER n 
1 331 ALA n 
1 332 GLU n 
1 333 ASN n 
1 334 VAL n 
1 335 ASN n 
1 336 LYS n 
1 337 ALA n 
1 338 ARG n 
1 339 SER n 
1 340 PHE n 
1 341 ALA n 
1 342 ALA n 
1 343 GLY n 
1 344 ILE n 
1 345 GLN n 
1 346 ALA n 
1 347 LEU n 
1 348 GLY n 
1 349 GLY n 
1 350 THR n 
1 351 ASN n 
1 352 ILE n 
1 353 ASN n 
1 354 ASP n 
1 355 ALA n 
1 356 MET n 
1 357 LEU n 
1 358 MET n 
1 359 ALA n 
1 360 VAL n 
1 361 GLN n 
1 362 LEU n 
1 363 LEU n 
1 364 ASP n 
1 365 SER n 
1 366 SER n 
1 367 ASN n 
1 368 GLN n 
1 369 GLU n 
1 370 GLU n 
1 371 ARG n 
1 372 LEU n 
1 373 PRO n 
1 374 GLU n 
1 375 GLY n 
1 376 SER n 
1 377 VAL n 
1 378 SER n 
1 379 LEU n 
1 380 ILE n 
1 381 ILE n 
1 382 LEU n 
1 383 LEU n 
1 384 THR n 
1 385 ASP n 
1 386 GLY n 
1 387 ASP n 
1 388 PRO n 
1 389 THR n 
1 390 VAL n 
1 391 GLY n 
1 392 GLU n 
1 393 THR n 
1 394 ASN n 
1 395 PRO n 
1 396 ARG n 
1 397 SER n 
1 398 ILE n 
1 399 GLN n 
1 400 ASN n 
1 401 ASN n 
1 402 VAL n 
1 403 ARG n 
1 404 GLU n 
1 405 ALA n 
1 406 VAL n 
1 407 SER n 
1 408 GLY n 
1 409 ARG n 
1 410 TYR n 
1 411 SER n 
1 412 LEU n 
1 413 PHE n 
1 414 CYS n 
1 415 LEU n 
1 416 GLY n 
1 417 PHE n 
1 418 GLY n 
1 419 PHE n 
1 420 ASP n 
1 421 VAL n 
1 422 SER n 
1 423 TYR n 
1 424 ALA n 
1 425 PHE n 
1 426 LEU n 
1 427 GLU n 
1 428 LYS n 
1 429 LEU n 
1 430 ALA n 
1 431 LEU n 
1 432 ASP n 
1 433 ASN n 
1 434 GLY n 
1 435 GLY n 
1 436 LEU n 
1 437 ALA n 
1 438 ARG n 
1 439 ARG n 
1 440 ILE n 
1 441 HIS n 
1 442 GLU n 
1 443 ASP n 
1 444 SER n 
1 445 ASP n 
1 446 SER n 
1 447 ALA n 
1 448 LEU n 
1 449 GLN n 
1 450 LEU n 
1 451 GLN n 
1 452 ASP n 
1 453 PHE n 
1 454 TYR n 
1 455 GLN n 
1 456 GLU n 
1 457 VAL n 
1 458 ALA n 
1 459 ASN n 
1 460 PRO n 
1 461 LEU n 
1 462 LEU n 
1 463 THR n 
1 464 ALA n 
1 465 VAL n 
1 466 THR n 
1 467 PHE n 
1 468 GLU n 
1 469 TYR n 
1 470 PRO n 
1 471 SER n 
1 472 ASN n 
1 473 ALA n 
1 474 VAL n 
1 475 GLU n 
1 476 GLU n 
1 477 VAL n 
1 478 THR n 
1 479 GLN n 
1 480 ASN n 
1 481 ASN n 
1 482 PHE n 
1 483 ARG n 
1 484 LEU n 
1 485 LEU n 
1 486 PHE n 
1 487 LYS n 
1 488 GLY n 
1 489 SER n 
1 490 GLU n 
1 491 MET n 
1 492 VAL n 
1 493 VAL n 
1 494 ALA n 
1 495 GLY n 
1 496 LYS n 
1 497 LEU n 
1 498 GLN n 
1 499 ASP n 
1 500 ARG n 
1 501 GLY n 
1 502 PRO n 
1 503 ASP n 
1 504 VAL n 
1 505 LEU n 
1 506 THR n 
1 507 ALA n 
1 508 THR n 
1 509 VAL n 
1 510 SER n 
1 511 GLY n 
1 512 LYS n 
1 513 LEU n 
1 514 PRO n 
1 515 THR n 
1 516 GLN n 
1 517 ASN n 
1 518 ILE n 
1 519 THR n 
1 520 PHE n 
1 521 GLN n 
1 522 THR n 
1 523 GLU n 
1 524 SER n 
1 525 SER n 
1 526 VAL n 
1 527 ALA n 
1 528 GLU n 
1 529 GLN n 
1 530 GLU n 
1 531 ALA n 
1 532 GLU n 
1 533 PHE n 
1 534 GLN n 
1 535 SER n 
1 536 PRO n 
1 537 LYS n 
1 538 TYR n 
1 539 ILE n 
1 540 PHE n 
1 541 HIS n 
1 542 ASN n 
1 543 PHE n 
1 544 MET n 
1 545 GLU n 
1 546 ARG n 
1 547 LEU n 
1 548 TRP n 
1 549 ALA n 
1 550 TYR n 
1 551 LEU n 
1 552 THR n 
1 553 ILE n 
1 554 GLN n 
1 555 GLN n 
1 556 LEU n 
1 557 LEU n 
1 558 GLU n 
1 559 GLN n 
1 560 THR n 
1 561 VAL n 
1 562 SER n 
1 563 ALA n 
1 564 SER n 
1 565 ASP n 
1 566 ALA n 
1 567 ASP n 
1 568 GLN n 
1 569 GLN n 
1 570 ALA n 
1 571 LEU n 
1 572 ARG n 
1 573 ASN n 
1 574 GLN n 
1 575 ALA n 
1 576 LEU n 
1 577 ASN n 
1 578 LEU n 
1 579 SER n 
1 580 LEU n 
1 581 ALA n 
1 582 TYR n 
1 583 SER n 
1 584 PHE n 
1 585 VAL n 
1 586 THR n 
1 587 PRO n 
1 588 LEU n 
1 589 THR n 
1 590 SER n 
1 591 MET n 
1 592 VAL n 
1 593 VAL n 
1 594 THR n 
1 595 LYS n 
1 596 PRO n 
1 597 ASP n 
1 598 ASP n 
1 599 GLN n 
1 600 GLU n 
1 601 GLN n 
1 602 SER n 
1 603 GLN n 
1 604 VAL n 
1 605 ALA n 
1 606 GLU n 
1 607 LYS n 
1 608 PRO n 
1 609 MET n 
1 610 GLU n 
1 611 GLY n 
1 612 GLU n 
1 613 SER n 
1 614 ARG n 
1 615 ASN n 
1 616 ARG n 
1 617 ASN n 
1 618 VAL n 
1 619 HIS n 
1 620 SER n 
1 621 GLY n 
1 622 SER n 
1 623 THR n 
1 624 PHE n 
1 625 PHE n 
1 626 LYS n 
1 627 TYR n 
1 628 TYR n 
1 629 LEU n 
1 630 GLN n 
1 631 GLY n 
1 632 ALA n 
1 633 LYS n 
1 634 ILE n 
1 635 PRO n 
1 636 LYS n 
1 637 PRO n 
1 638 GLU n 
1 639 ALA n 
1 640 SER n 
1 641 PHE n 
1 642 SER n 
1 643 PRO n 
1 644 ARG n 
1 645 ARG n 
1 646 GLY n 
1 647 TRP n 
1 648 ASN n 
1 649 ARG n 
1 650 GLN n 
1 651 ALA n 
1 652 GLY n 
1 653 ALA n 
1 654 ALA n 
1 655 GLY n 
1 656 SER n 
1 657 ARG n 
1 658 MET n 
1 659 ASN n 
1 660 PHE n 
1 661 ARG n 
1 662 PRO n 
1 663 GLY n 
1 664 VAL n 
1 665 LEU n 
1 666 SER n 
1 667 SER n 
1 668 ARG n 
1 669 GLN n 
1 670 LEU n 
1 671 GLY n 
1 672 LEU n 
1 673 PRO n 
1 674 GLY n 
1 675 PRO n 
1 676 PRO n 
1 677 ASP n 
1 678 VAL n 
1 679 PRO n 
1 680 ASP n 
1 681 HIS n 
1 682 ALA n 
1 683 ALA n 
1 684 TYR n 
1 685 HIS n 
1 686 PRO n 
1 687 PHE n 
1 688 ARG n 
1 689 ARG n 
1 690 LEU n 
1 691 ALA n 
1 692 ILE n 
1 693 LEU n 
1 694 PRO n 
1 695 ALA n 
1 696 SER n 
1 697 ALA n 
1 698 PRO n 
1 699 PRO n 
1 700 ALA n 
1 701 THR n 
1 702 SER n 
1 703 ASN n 
1 704 PRO n 
1 705 ASP n 
1 706 PRO n 
1 707 ALA n 
1 708 VAL n 
1 709 SER n 
1 710 ARG n 
1 711 VAL n 
1 712 MET n 
1 713 ASN n 
1 714 MET n 
1 715 LYS n 
1 716 ILE n 
1 717 GLU n 
1 718 GLU n 
1 719 THR n 
1 720 THR n 
1 721 MET n 
1 722 THR n 
1 723 THR n 
1 724 GLN n 
1 725 THR n 
1 726 PRO n 
1 727 ALA n 
1 728 PRO n 
1 729 ILE n 
1 730 GLN n 
1 731 ALA n 
1 732 PRO n 
1 733 SER n 
1 734 ALA n 
1 735 ILE n 
1 736 LEU n 
1 737 PRO n 
1 738 LEU n 
1 739 PRO n 
1 740 GLY n 
1 741 GLN n 
1 742 SER n 
1 743 VAL n 
1 744 GLU n 
1 745 ARG n 
1 746 LEU n 
1 747 CYS n 
1 748 VAL n 
1 749 ASP n 
1 750 PRO n 
1 751 ARG n 
1 752 HIS n 
1 753 ARG n 
1 754 GLN n 
1 755 GLY n 
1 756 PRO n 
1 757 VAL n 
1 758 ASN n 
1 759 LEU n 
1 760 LEU n 
1 761 SER n 
1 762 ASP n 
1 763 PRO n 
1 764 GLU n 
1 765 GLN n 
1 766 GLY n 
1 767 VAL n 
1 768 GLU n 
1 769 VAL n 
1 770 THR n 
1 771 GLY n 
1 772 GLN n 
1 773 TYR n 
1 774 GLU n 
1 775 ARG n 
1 776 GLU n 
1 777 LYS n 
1 778 ALA n 
1 779 GLY n 
1 780 PHE n 
1 781 SER n 
1 782 TRP n 
1 783 ILE n 
1 784 GLU n 
1 785 VAL n 
1 786 THR n 
1 787 PHE n 
1 788 LYS n 
1 789 ASN n 
1 790 PRO n 
1 791 LEU n 
1 792 VAL n 
1 793 TRP n 
1 794 VAL n 
1 795 HIS n 
1 796 ALA n 
1 797 SER n 
1 798 PRO n 
1 799 GLU n 
1 800 HIS n 
1 801 VAL n 
1 802 VAL n 
1 803 VAL n 
1 804 THR n 
1 805 ARG n 
1 806 ASN n 
1 807 ARG n 
1 808 ARG n 
1 809 SER n 
1 810 SER n 
1 811 ALA n 
1 812 TYR n 
1 813 LYS n 
1 814 TRP n 
1 815 LYS n 
1 816 GLU n 
1 817 THR n 
1 818 LEU n 
1 819 PHE n 
1 820 SER n 
1 821 VAL n 
1 822 MET n 
1 823 PRO n 
1 824 GLY n 
1 825 LEU n 
1 826 LYS n 
1 827 MET n 
1 828 THR n 
1 829 MET n 
1 830 ASP n 
1 831 LYS n 
1 832 THR n 
1 833 GLY n 
1 834 LEU n 
1 835 LEU n 
1 836 LEU n 
1 837 LEU n 
1 838 SER n 
1 839 ASP n 
1 840 PRO n 
1 841 ASP n 
1 842 LYS n 
1 843 VAL n 
1 844 THR n 
1 845 ILE n 
1 846 GLY n 
1 847 LEU n 
1 848 LEU n 
1 849 PHE n 
1 850 TRP n 
1 851 ASP n 
1 852 GLY n 
1 853 ARG n 
1 854 GLY n 
1 855 GLU n 
1 856 GLY n 
1 857 LEU n 
1 858 ARG n 
1 859 LEU n 
1 860 LEU n 
1 861 LEU n 
1 862 ARG n 
1 863 ASP n 
1 864 THR n 
1 865 ASP n 
1 866 ARG n 
1 867 PHE n 
1 868 SER n 
1 869 SER n 
1 870 HIS n 
1 871 VAL n 
1 872 GLY n 
1 873 GLY n 
1 874 THR n 
1 875 LEU n 
1 876 GLY n 
1 877 GLN n 
1 878 PHE n 
1 879 TYR n 
1 880 GLN n 
1 881 GLU n 
1 882 VAL n 
1 883 LEU n 
1 884 TRP n 
1 885 GLY n 
1 886 SER n 
1 887 PRO n 
1 888 ALA n 
1 889 ALA n 
1 890 SER n 
1 891 ASP n 
1 892 ASP n 
1 893 GLY n 
1 894 ARG n 
1 895 ARG n 
1 896 THR n 
1 897 LEU n 
1 898 ARG n 
1 899 VAL n 
1 900 GLN n 
1 901 GLY n 
1 902 ASN n 
1 903 ASP n 
1 904 HIS n 
1 905 SER n 
1 906 ALA n 
1 907 THR n 
1 908 ARG n 
1 909 GLU n 
1 910 ARG n 
1 911 ARG n 
1 912 LEU n 
1 913 ASP n 
1 914 TYR n 
1 915 GLN n 
1 916 GLU n 
1 917 GLY n 
1 918 PRO n 
1 919 PRO n 
1 920 GLY n 
1 921 VAL n 
1 922 GLU n 
1 923 ILE n 
1 924 SER n 
1 925 CYS n 
1 926 TRP n 
1 927 SER n 
1 928 VAL n 
1 929 GLU n 
1 930 LEU n 
# 
_entity_src_nat.entity_id                  1 
_entity_src_nat.pdbx_src_id                1 
_entity_src_nat.pdbx_alt_source_flag       sample 
_entity_src_nat.pdbx_beg_seq_num           1 
_entity_src_nat.pdbx_end_seq_num           930 
_entity_src_nat.common_name                human 
_entity_src_nat.pdbx_organism_scientific   'Homo sapiens' 
_entity_src_nat.pdbx_ncbi_taxonomy_id      9606 
_entity_src_nat.genus                      ? 
_entity_src_nat.species                    ? 
_entity_src_nat.strain                     ? 
_entity_src_nat.tissue                     ? 
_entity_src_nat.tissue_fraction            ? 
_entity_src_nat.pdbx_secretion             ? 
_entity_src_nat.pdbx_fragment              ? 
_entity_src_nat.pdbx_variant               ? 
_entity_src_nat.pdbx_cell_line             ? 
_entity_src_nat.pdbx_atcc                  ? 
_entity_src_nat.pdbx_cellular_location     ? 
_entity_src_nat.pdbx_organ                 ? 
_entity_src_nat.pdbx_organelle             ? 
_entity_src_nat.pdbx_cell                  ? 
_entity_src_nat.pdbx_plasmid_name          ? 
_entity_src_nat.pdbx_plasmid_details       ? 
_entity_src_nat.details                    ? 
# 
loop_
_chem_comp.id 
_chem_comp.type 
_chem_comp.mon_nstd_flag 
_chem_comp.name 
_chem_comp.pdbx_synonyms 
_chem_comp.formula 
_chem_comp.formula_weight 
ALA 'L-peptide linking' y ALANINE         ? 'C3 H7 N O2'     89.093  
ARG 'L-peptide linking' y ARGININE        ? 'C6 H15 N4 O2 1' 175.209 
ASN 'L-peptide linking' y ASPARAGINE      ? 'C4 H8 N2 O3'    132.118 
ASP 'L-peptide linking' y 'ASPARTIC ACID' ? 'C4 H7 N O4'     133.103 
CYS 'L-peptide linking' y CYSTEINE        ? 'C3 H7 N O2 S'   121.158 
GLN 'L-peptide linking' y GLUTAMINE       ? 'C5 H10 N2 O3'   146.144 
GLU 'L-peptide linking' y 'GLUTAMIC ACID' ? 'C5 H9 N O4'     147.129 
GLY 'peptide linking'   y GLYCINE         ? 'C2 H5 N O2'     75.067  
HIS 'L-peptide linking' y HISTIDINE       ? 'C6 H10 N3 O2 1' 156.162 
ILE 'L-peptide linking' y ISOLEUCINE      ? 'C6 H13 N O2'    131.173 
LEU 'L-peptide linking' y LEUCINE         ? 'C6 H13 N O2'    131.173 
LYS 'L-peptide linking' y LYSINE          ? 'C6 H15 N2 O2 1' 147.195 
MET 'L-peptide linking' y METHIONINE      ? 'C5 H11 N O2 S'  149.211 
PHE 'L-peptide linking' y PHENYLALANINE   ? 'C9 H11 N O2'    165.189 
PRO 'L-peptide linking' y PROLINE         ? 'C5 H9 N O2'     115.130 
SER 'L-peptide linking' y SERINE          ? 'C3 H7 N O3'     105.093 
THR 'L-peptide linking' y THREONINE       ? 'C4 H9 N O3'     119.119 
TRP 'L-peptide linking' y TRYPTOPHAN      ? 'C11 H12 N2 O2'  204.225 
TYR 'L-peptide linking' y TYROSINE        ? 'C9 H11 N O3'    181.189 
VAL 'L-peptide linking' y VALINE          ? 'C5 H11 N O2'    117.146 
# 
loop_
_pdbx_poly_seq_scheme.asym_id 
_pdbx_poly_seq_scheme.entity_id 
_pdbx_poly_seq_scheme.seq_id 
_pdbx_poly_seq_scheme.mon_id 
_pdbx_poly_seq_scheme.ndb_seq_num 
_pdbx_poly_seq_scheme.pdb_seq_num 
_pdbx_poly_seq_scheme.auth_seq_num 
_pdbx_poly_seq_scheme.pdb_mon_id 
_pdbx_poly_seq_scheme.auth_mon_id 
_pdbx_poly_seq_scheme.pdb_strand_id 
_pdbx_poly_seq_scheme.pdb_ins_code 
_pdbx_poly_seq_scheme.hetero 
A 1 1   MET 1   1   ?   ?   ?   Y . n 
A 1 2   LYS 2   2   ?   ?   ?   Y . n 
A 1 3   PRO 3   3   ?   ?   ?   Y . n 
A 1 4   PRO 4   4   ?   ?   ?   Y . n 
A 1 5   ARG 5   5   ?   ?   ?   Y . n 
A 1 6   PRO 6   6   ?   ?   ?   Y . n 
A 1 7   VAL 7   7   ?   ?   ?   Y . n 
A 1 8   ARG 8   8   ?   ?   ?   Y . n 
A 1 9   THR 9   9   ?   ?   ?   Y . n 
A 1 10  CYS 10  10  ?   ?   ?   Y . n 
A 1 11  SER 11  11  ?   ?   ?   Y . n 
A 1 12  LYS 12  12  ?   ?   ?   Y . n 
A 1 13  VAL 13  13  ?   ?   ?   Y . n 
A 1 14  LEU 14  14  ?   ?   ?   Y . n 
A 1 15  VAL 15  15  ?   ?   ?   Y . n 
A 1 16  LEU 16  16  ?   ?   ?   Y . n 
A 1 17  LEU 17  17  ?   ?   ?   Y . n 
A 1 18  SER 18  18  ?   ?   ?   Y . n 
A 1 19  LEU 19  19  ?   ?   ?   Y . n 
A 1 20  LEU 20  20  ?   ?   ?   Y . n 
A 1 21  ALA 21  21  ?   ?   ?   Y . n 
A 1 22  ILE 22  22  ?   ?   ?   Y . n 
A 1 23  HIS 23  23  ?   ?   ?   Y . n 
A 1 24  GLN 24  24  ?   ?   ?   Y . n 
A 1 25  THR 25  25  ?   ?   ?   Y . n 
A 1 26  THR 26  26  ?   ?   ?   Y . n 
A 1 27  THR 27  27  ?   ?   ?   Y . n 
A 1 28  ALA 28  28  ?   ?   ?   Y . n 
A 1 29  GLU 29  29  ?   ?   ?   Y . n 
A 1 30  LYS 30  30  ?   ?   ?   Y . n 
A 1 31  ASN 31  31  ?   ?   ?   Y . n 
A 1 32  GLY 32  32  ?   ?   ?   Y . n 
A 1 33  ILE 33  33  ?   ?   ?   Y . n 
A 1 34  ASP 34  34  ?   ?   ?   Y . n 
A 1 35  ILE 35  35  ?   ?   ?   Y . n 
A 1 36  TYR 36  36  ?   ?   ?   Y . n 
A 1 37  SER 37  37  ?   ?   ?   Y . n 
A 1 38  LEU 38  38  ?   ?   ?   Y . n 
A 1 39  THR 39  39  ?   ?   ?   Y . n 
A 1 40  VAL 40  40  ?   ?   ?   Y . n 
A 1 41  ASP 41  41  ?   ?   ?   Y . n 
A 1 42  SER 42  42  ?   ?   ?   Y . n 
A 1 43  ARG 43  43  ?   ?   ?   Y . n 
A 1 44  VAL 44  44  ?   ?   ?   Y . n 
A 1 45  SER 45  45  ?   ?   ?   Y . n 
A 1 46  SER 46  46  ?   ?   ?   Y . n 
A 1 47  ARG 47  47  ?   ?   ?   Y . n 
A 1 48  PHE 48  48  ?   ?   ?   Y . n 
A 1 49  ALA 49  49  ?   ?   ?   Y . n 
A 1 50  HIS 50  50  ?   ?   ?   Y . n 
A 1 51  THR 51  51  ?   ?   ?   Y . n 
A 1 52  VAL 52  52  ?   ?   ?   Y . n 
A 1 53  VAL 53  53  ?   ?   ?   Y . n 
A 1 54  THR 54  54  ?   ?   ?   Y . n 
A 1 55  SER 55  55  ?   ?   ?   Y . n 
A 1 56  ARG 56  56  ?   ?   ?   Y . n 
A 1 57  VAL 57  57  ?   ?   ?   Y . n 
A 1 58  VAL 58  58  ?   ?   ?   Y . n 
A 1 59  ASN 59  59  ?   ?   ?   Y . n 
A 1 60  ARG 60  60  ?   ?   ?   Y . n 
A 1 61  ALA 61  61  ?   ?   ?   Y . n 
A 1 62  ASN 62  62  ?   ?   ?   Y . n 
A 1 63  THR 63  63  ?   ?   ?   Y . n 
A 1 64  VAL 64  64  ?   ?   ?   Y . n 
A 1 65  GLN 65  65  ?   ?   ?   Y . n 
A 1 66  GLU 66  66  ?   ?   ?   Y . n 
A 1 67  ALA 67  67  ?   ?   ?   Y . n 
A 1 68  THR 68  68  ?   ?   ?   Y . n 
A 1 69  PHE 69  69  ?   ?   ?   Y . n 
A 1 70  GLN 70  70  ?   ?   ?   Y . n 
A 1 71  MET 71  71  ?   ?   ?   Y . n 
A 1 72  GLU 72  72  ?   ?   ?   Y . n 
A 1 73  LEU 73  73  ?   ?   ?   Y . n 
A 1 74  PRO 74  74  ?   ?   ?   Y . n 
A 1 75  LYS 75  75  ?   ?   ?   Y . n 
A 1 76  LYS 76  76  ?   ?   ?   Y . n 
A 1 77  ALA 77  77  ?   ?   ?   Y . n 
A 1 78  PHE 78  78  ?   ?   ?   Y . n 
A 1 79  ILE 79  79  ?   ?   ?   Y . n 
A 1 80  THR 80  80  ?   ?   ?   Y . n 
A 1 81  ASN 81  81  ?   ?   ?   Y . n 
A 1 82  PHE 82  82  ?   ?   ?   Y . n 
A 1 83  SER 83  83  ?   ?   ?   Y . n 
A 1 84  MET 84  84  ?   ?   ?   Y . n 
A 1 85  ILE 85  85  ?   ?   ?   Y . n 
A 1 86  ILE 86  86  ?   ?   ?   Y . n 
A 1 87  ASP 87  87  ?   ?   ?   Y . n 
A 1 88  GLY 88  88  ?   ?   ?   Y . n 
A 1 89  MET 89  89  ?   ?   ?   Y . n 
A 1 90  THR 90  90  ?   ?   ?   Y . n 
A 1 91  TYR 91  91  ?   ?   ?   Y . n 
A 1 92  PRO 92  92  ?   ?   ?   Y . n 
A 1 93  GLY 93  93  ?   ?   ?   Y . n 
A 1 94  ILE 94  94  ?   ?   ?   Y . n 
A 1 95  ILE 95  95  ?   ?   ?   Y . n 
A 1 96  LYS 96  96  ?   ?   ?   Y . n 
A 1 97  GLU 97  97  ?   ?   ?   Y . n 
A 1 98  LYS 98  98  ?   ?   ?   Y . n 
A 1 99  ALA 99  99  ?   ?   ?   Y . n 
A 1 100 GLU 100 100 ?   ?   ?   Y . n 
A 1 101 ALA 101 101 ?   ?   ?   Y . n 
A 1 102 GLN 102 102 ?   ?   ?   Y . n 
A 1 103 ALA 103 103 ?   ?   ?   Y . n 
A 1 104 GLN 104 104 ?   ?   ?   Y . n 
A 1 105 TYR 105 105 ?   ?   ?   Y . n 
A 1 106 SER 106 106 ?   ?   ?   Y . n 
A 1 107 ALA 107 107 ?   ?   ?   Y . n 
A 1 108 ALA 108 108 ?   ?   ?   Y . n 
A 1 109 VAL 109 109 ?   ?   ?   Y . n 
A 1 110 ALA 110 110 ?   ?   ?   Y . n 
A 1 111 LYS 111 111 ?   ?   ?   Y . n 
A 1 112 GLY 112 112 ?   ?   ?   Y . n 
A 1 113 LYS 113 113 ?   ?   ?   Y . n 
A 1 114 SER 114 114 ?   ?   ?   Y . n 
A 1 115 ALA 115 115 ?   ?   ?   Y . n 
A 1 116 GLY 116 116 ?   ?   ?   Y . n 
A 1 117 LEU 117 117 ?   ?   ?   Y . n 
A 1 118 VAL 118 118 ?   ?   ?   Y . n 
A 1 119 LYS 119 119 ?   ?   ?   Y . n 
A 1 120 ALA 120 120 ?   ?   ?   Y . n 
A 1 121 THR 121 121 ?   ?   ?   Y . n 
A 1 122 GLY 122 122 ?   ?   ?   Y . n 
A 1 123 ARG 123 123 ?   ?   ?   Y . n 
A 1 124 ASN 124 124 ?   ?   ?   Y . n 
A 1 125 MET 125 125 ?   ?   ?   Y . n 
A 1 126 GLU 126 126 ?   ?   ?   Y . n 
A 1 127 GLN 127 127 ?   ?   ?   Y . n 
A 1 128 PHE 128 128 ?   ?   ?   Y . n 
A 1 129 GLN 129 129 ?   ?   ?   Y . n 
A 1 130 VAL 130 130 ?   ?   ?   Y . n 
A 1 131 SER 131 131 ?   ?   ?   Y . n 
A 1 132 VAL 132 132 ?   ?   ?   Y . n 
A 1 133 SER 133 133 ?   ?   ?   Y . n 
A 1 134 VAL 134 134 ?   ?   ?   Y . n 
A 1 135 ALA 135 135 ?   ?   ?   Y . n 
A 1 136 PRO 136 136 ?   ?   ?   Y . n 
A 1 137 ASN 137 137 ?   ?   ?   Y . n 
A 1 138 ALA 138 138 ?   ?   ?   Y . n 
A 1 139 LYS 139 139 ?   ?   ?   Y . n 
A 1 140 ILE 140 140 ?   ?   ?   Y . n 
A 1 141 THR 141 141 ?   ?   ?   Y . n 
A 1 142 PHE 142 142 ?   ?   ?   Y . n 
A 1 143 GLU 143 143 ?   ?   ?   Y . n 
A 1 144 LEU 144 144 ?   ?   ?   Y . n 
A 1 145 VAL 145 145 ?   ?   ?   Y . n 
A 1 146 TYR 146 146 ?   ?   ?   Y . n 
A 1 147 GLU 147 147 ?   ?   ?   Y . n 
A 1 148 GLU 148 148 ?   ?   ?   Y . n 
A 1 149 LEU 149 149 ?   ?   ?   Y . n 
A 1 150 LEU 150 150 ?   ?   ?   Y . n 
A 1 151 LYS 151 151 ?   ?   ?   Y . n 
A 1 152 ARG 152 152 ?   ?   ?   Y . n 
A 1 153 ARG 153 153 ?   ?   ?   Y . n 
A 1 154 LEU 154 154 ?   ?   ?   Y . n 
A 1 155 GLY 155 155 ?   ?   ?   Y . n 
A 1 156 VAL 156 156 ?   ?   ?   Y . n 
A 1 157 TYR 157 157 ?   ?   ?   Y . n 
A 1 158 GLU 158 158 ?   ?   ?   Y . n 
A 1 159 LEU 159 159 ?   ?   ?   Y . n 
A 1 160 LEU 160 160 ?   ?   ?   Y . n 
A 1 161 LEU 161 161 ?   ?   ?   Y . n 
A 1 162 LYS 162 162 ?   ?   ?   Y . n 
A 1 163 VAL 163 163 ?   ?   ?   Y . n 
A 1 164 ARG 164 164 ?   ?   ?   Y . n 
A 1 165 PRO 165 165 ?   ?   ?   Y . n 
A 1 166 GLN 166 166 ?   ?   ?   Y . n 
A 1 167 GLN 167 167 ?   ?   ?   Y . n 
A 1 168 LEU 168 168 ?   ?   ?   Y . n 
A 1 169 VAL 169 169 ?   ?   ?   Y . n 
A 1 170 LYS 170 170 ?   ?   ?   Y . n 
A 1 171 HIS 171 171 ?   ?   ?   Y . n 
A 1 172 LEU 172 172 ?   ?   ?   Y . n 
A 1 173 GLN 173 173 ?   ?   ?   Y . n 
A 1 174 MET 174 174 ?   ?   ?   Y . n 
A 1 175 ASP 175 175 ?   ?   ?   Y . n 
A 1 176 ILE 176 176 ?   ?   ?   Y . n 
A 1 177 HIS 177 177 ?   ?   ?   Y . n 
A 1 178 ILE 178 178 ?   ?   ?   Y . n 
A 1 179 PHE 179 179 ?   ?   ?   Y . n 
A 1 180 GLU 180 180 ?   ?   ?   Y . n 
A 1 181 PRO 181 181 ?   ?   ?   Y . n 
A 1 182 GLN 182 182 ?   ?   ?   Y . n 
A 1 183 GLY 183 183 ?   ?   ?   Y . n 
A 1 184 ILE 184 184 ?   ?   ?   Y . n 
A 1 185 SER 185 185 ?   ?   ?   Y . n 
A 1 186 PHE 186 186 ?   ?   ?   Y . n 
A 1 187 LEU 187 187 ?   ?   ?   Y . n 
A 1 188 GLU 188 188 ?   ?   ?   Y . n 
A 1 189 THR 189 189 ?   ?   ?   Y . n 
A 1 190 GLU 190 190 ?   ?   ?   Y . n 
A 1 191 SER 191 191 ?   ?   ?   Y . n 
A 1 192 THR 192 192 ?   ?   ?   Y . n 
A 1 193 PHE 193 193 ?   ?   ?   Y . n 
A 1 194 MET 194 194 ?   ?   ?   Y . n 
A 1 195 THR 195 195 ?   ?   ?   Y . n 
A 1 196 ASN 196 196 ?   ?   ?   Y . n 
A 1 197 GLN 197 197 ?   ?   ?   Y . n 
A 1 198 LEU 198 198 ?   ?   ?   Y . n 
A 1 199 VAL 199 199 ?   ?   ?   Y . n 
A 1 200 ASP 200 200 ?   ?   ?   Y . n 
A 1 201 ALA 201 201 ?   ?   ?   Y . n 
A 1 202 LEU 202 202 ?   ?   ?   Y . n 
A 1 203 THR 203 203 ?   ?   ?   Y . n 
A 1 204 THR 204 204 ?   ?   ?   Y . n 
A 1 205 TRP 205 205 ?   ?   ?   Y . n 
A 1 206 GLN 206 206 ?   ?   ?   Y . n 
A 1 207 ASN 207 207 ?   ?   ?   Y . n 
A 1 208 LYS 208 208 ?   ?   ?   Y . n 
A 1 209 THR 209 209 ?   ?   ?   Y . n 
A 1 210 LYS 210 210 ?   ?   ?   Y . n 
A 1 211 ALA 211 211 ?   ?   ?   Y . n 
A 1 212 HIS 212 212 ?   ?   ?   Y . n 
A 1 213 ILE 213 213 ?   ?   ?   Y . n 
A 1 214 ARG 214 214 ?   ?   ?   Y . n 
A 1 215 PHE 215 215 ?   ?   ?   Y . n 
A 1 216 LYS 216 216 ?   ?   ?   Y . n 
A 1 217 PRO 217 217 ?   ?   ?   Y . n 
A 1 218 THR 218 218 ?   ?   ?   Y . n 
A 1 219 LEU 219 219 ?   ?   ?   Y . n 
A 1 220 SER 220 220 ?   ?   ?   Y . n 
A 1 221 GLN 221 221 ?   ?   ?   Y . n 
A 1 222 GLN 222 222 ?   ?   ?   Y . n 
A 1 223 GLN 223 223 ?   ?   ?   Y . n 
A 1 224 LYS 224 224 ?   ?   ?   Y . n 
A 1 225 SER 225 225 ?   ?   ?   Y . n 
A 1 226 PRO 226 226 ?   ?   ?   Y . n 
A 1 227 GLU 227 227 ?   ?   ?   Y . n 
A 1 228 GLN 228 228 ?   ?   ?   Y . n 
A 1 229 GLN 229 229 ?   ?   ?   Y . n 
A 1 230 GLU 230 230 ?   ?   ?   Y . n 
A 1 231 THR 231 231 ?   ?   ?   Y . n 
A 1 232 VAL 232 232 ?   ?   ?   Y . n 
A 1 233 LEU 233 233 ?   ?   ?   Y . n 
A 1 234 ASP 234 234 ?   ?   ?   Y . n 
A 1 235 GLY 235 235 ?   ?   ?   Y . n 
A 1 236 ASN 236 236 ?   ?   ?   Y . n 
A 1 237 LEU 237 237 ?   ?   ?   Y . n 
A 1 238 ILE 238 238 ?   ?   ?   Y . n 
A 1 239 ILE 239 239 ?   ?   ?   Y . n 
A 1 240 ARG 240 240 ?   ?   ?   Y . n 
A 1 241 TYR 241 241 ?   ?   ?   Y . n 
A 1 242 ASP 242 242 ?   ?   ?   Y . n 
A 1 243 VAL 243 243 ?   ?   ?   Y . n 
A 1 244 ASP 244 244 ?   ?   ?   Y . n 
A 1 245 ARG 245 245 ?   ?   ?   Y . n 
A 1 246 ALA 246 246 ?   ?   ?   Y . n 
A 1 247 ILE 247 247 ?   ?   ?   Y . n 
A 1 248 SER 248 248 ?   ?   ?   Y . n 
A 1 249 GLY 249 249 ?   ?   ?   Y . n 
A 1 250 GLY 250 250 ?   ?   ?   Y . n 
A 1 251 SER 251 251 ?   ?   ?   Y . n 
A 1 252 ILE 252 252 ?   ?   ?   Y . n 
A 1 253 GLN 253 253 ?   ?   ?   Y . n 
A 1 254 ILE 254 254 ?   ?   ?   Y . n 
A 1 255 GLU 255 255 ?   ?   ?   Y . n 
A 1 256 ASN 256 256 ?   ?   ?   Y . n 
A 1 257 GLY 257 257 ?   ?   ?   Y . n 
A 1 258 TYR 258 258 ?   ?   ?   Y . n 
A 1 259 PHE 259 259 ?   ?   ?   Y . n 
A 1 260 VAL 260 260 ?   ?   ?   Y . n 
A 1 261 HIS 261 261 ?   ?   ?   Y . n 
A 1 262 TYR 262 262 ?   ?   ?   Y . n 
A 1 263 PHE 263 263 ?   ?   ?   Y . n 
A 1 264 ALA 264 264 ?   ?   ?   Y . n 
A 1 265 PRO 265 265 ?   ?   ?   Y . n 
A 1 266 GLU 266 266 ?   ?   ?   Y . n 
A 1 267 GLY 267 267 ?   ?   ?   Y . n 
A 1 268 LEU 268 268 ?   ?   ?   Y . n 
A 1 269 THR 269 269 ?   ?   ?   Y . n 
A 1 270 THR 270 270 ?   ?   ?   Y . n 
A 1 271 MET 271 271 ?   ?   ?   Y . n 
A 1 272 PRO 272 272 ?   ?   ?   Y . n 
A 1 273 LYS 273 273 ?   ?   ?   Y . n 
A 1 274 ASN 274 274 ?   ?   ?   Y . n 
A 1 275 VAL 275 275 ?   ?   ?   Y . n 
A 1 276 VAL 276 276 ?   ?   ?   Y . n 
A 1 277 PHE 277 277 ?   ?   ?   Y . n 
A 1 278 VAL 278 278 ?   ?   ?   Y . n 
A 1 279 ILE 279 279 ?   ?   ?   Y . n 
A 1 280 ASP 280 280 ?   ?   ?   Y . n 
A 1 281 LYS 281 281 ?   ?   ?   Y . n 
A 1 282 SER 282 282 ?   ?   ?   Y . n 
A 1 283 GLY 283 283 ?   ?   ?   Y . n 
A 1 284 SER 284 284 ?   ?   ?   Y . n 
A 1 285 MET 285 285 ?   ?   ?   Y . n 
A 1 286 SER 286 286 ?   ?   ?   Y . n 
A 1 287 GLY 287 287 ?   ?   ?   Y . n 
A 1 288 ARG 288 288 ?   ?   ?   Y . n 
A 1 289 LYS 289 289 ?   ?   ?   Y . n 
A 1 290 ILE 290 290 ?   ?   ?   Y . n 
A 1 291 GLN 291 291 ?   ?   ?   Y . n 
A 1 292 GLN 292 292 ?   ?   ?   Y . n 
A 1 293 THR 293 293 ?   ?   ?   Y . n 
A 1 294 ARG 294 294 ?   ?   ?   Y . n 
A 1 295 GLU 295 295 ?   ?   ?   Y . n 
A 1 296 ALA 296 296 ?   ?   ?   Y . n 
A 1 297 LEU 297 297 ?   ?   ?   Y . n 
A 1 298 ILE 298 298 ?   ?   ?   Y . n 
A 1 299 LYS 299 299 ?   ?   ?   Y . n 
A 1 300 ILE 300 300 ?   ?   ?   Y . n 
A 1 301 LEU 301 301 ?   ?   ?   Y . n 
A 1 302 ASP 302 302 ?   ?   ?   Y . n 
A 1 303 ASP 303 303 ?   ?   ?   Y . n 
A 1 304 LEU 304 304 ?   ?   ?   Y . n 
A 1 305 SER 305 305 ?   ?   ?   Y . n 
A 1 306 PRO 306 306 ?   ?   ?   Y . n 
A 1 307 ARG 307 307 ?   ?   ?   Y . n 
A 1 308 ASP 308 308 ?   ?   ?   Y . n 
A 1 309 GLN 309 309 ?   ?   ?   Y . n 
A 1 310 PHE 310 310 ?   ?   ?   Y . n 
A 1 311 ASN 311 311 ?   ?   ?   Y . n 
A 1 312 LEU 312 312 ?   ?   ?   Y . n 
A 1 313 ILE 313 313 ?   ?   ?   Y . n 
A 1 314 VAL 314 314 ?   ?   ?   Y . n 
A 1 315 PHE 315 315 ?   ?   ?   Y . n 
A 1 316 SER 316 316 ?   ?   ?   Y . n 
A 1 317 THR 317 317 ?   ?   ?   Y . n 
A 1 318 GLU 318 318 ?   ?   ?   Y . n 
A 1 319 ALA 319 319 ?   ?   ?   Y . n 
A 1 320 THR 320 320 ?   ?   ?   Y . n 
A 1 321 GLN 321 321 ?   ?   ?   Y . n 
A 1 322 TRP 322 322 ?   ?   ?   Y . n 
A 1 323 ARG 323 323 ?   ?   ?   Y . n 
A 1 324 PRO 324 324 ?   ?   ?   Y . n 
A 1 325 SER 325 325 ?   ?   ?   Y . n 
A 1 326 LEU 326 326 ?   ?   ?   Y . n 
A 1 327 VAL 327 327 ?   ?   ?   Y . n 
A 1 328 PRO 328 328 ?   ?   ?   Y . n 
A 1 329 ALA 329 329 ?   ?   ?   Y . n 
A 1 330 SER 330 330 ?   ?   ?   Y . n 
A 1 331 ALA 331 331 ?   ?   ?   Y . n 
A 1 332 GLU 332 332 ?   ?   ?   Y . n 
A 1 333 ASN 333 333 ?   ?   ?   Y . n 
A 1 334 VAL 334 334 ?   ?   ?   Y . n 
A 1 335 ASN 335 335 ?   ?   ?   Y . n 
A 1 336 LYS 336 336 ?   ?   ?   Y . n 
A 1 337 ALA 337 337 ?   ?   ?   Y . n 
A 1 338 ARG 338 338 ?   ?   ?   Y . n 
A 1 339 SER 339 339 ?   ?   ?   Y . n 
A 1 340 PHE 340 340 ?   ?   ?   Y . n 
A 1 341 ALA 341 341 ?   ?   ?   Y . n 
A 1 342 ALA 342 342 ?   ?   ?   Y . n 
A 1 343 GLY 343 343 ?   ?   ?   Y . n 
A 1 344 ILE 344 344 ?   ?   ?   Y . n 
A 1 345 GLN 345 345 ?   ?   ?   Y . n 
A 1 346 ALA 346 346 ?   ?   ?   Y . n 
A 1 347 LEU 347 347 ?   ?   ?   Y . n 
A 1 348 GLY 348 348 ?   ?   ?   Y . n 
A 1 349 GLY 349 349 ?   ?   ?   Y . n 
A 1 350 THR 350 350 ?   ?   ?   Y . n 
A 1 351 ASN 351 351 ?   ?   ?   Y . n 
A 1 352 ILE 352 352 ?   ?   ?   Y . n 
A 1 353 ASN 353 353 ?   ?   ?   Y . n 
A 1 354 ASP 354 354 ?   ?   ?   Y . n 
A 1 355 ALA 355 355 ?   ?   ?   Y . n 
A 1 356 MET 356 356 ?   ?   ?   Y . n 
A 1 357 LEU 357 357 ?   ?   ?   Y . n 
A 1 358 MET 358 358 ?   ?   ?   Y . n 
A 1 359 ALA 359 359 ?   ?   ?   Y . n 
A 1 360 VAL 360 360 ?   ?   ?   Y . n 
A 1 361 GLN 361 361 ?   ?   ?   Y . n 
A 1 362 LEU 362 362 ?   ?   ?   Y . n 
A 1 363 LEU 363 363 ?   ?   ?   Y . n 
A 1 364 ASP 364 364 ?   ?   ?   Y . n 
A 1 365 SER 365 365 ?   ?   ?   Y . n 
A 1 366 SER 366 366 ?   ?   ?   Y . n 
A 1 367 ASN 367 367 ?   ?   ?   Y . n 
A 1 368 GLN 368 368 ?   ?   ?   Y . n 
A 1 369 GLU 369 369 ?   ?   ?   Y . n 
A 1 370 GLU 370 370 ?   ?   ?   Y . n 
A 1 371 ARG 371 371 ?   ?   ?   Y . n 
A 1 372 LEU 372 372 ?   ?   ?   Y . n 
A 1 373 PRO 373 373 ?   ?   ?   Y . n 
A 1 374 GLU 374 374 ?   ?   ?   Y . n 
A 1 375 GLY 375 375 ?   ?   ?   Y . n 
A 1 376 SER 376 376 ?   ?   ?   Y . n 
A 1 377 VAL 377 377 ?   ?   ?   Y . n 
A 1 378 SER 378 378 ?   ?   ?   Y . n 
A 1 379 LEU 379 379 ?   ?   ?   Y . n 
A 1 380 ILE 380 380 ?   ?   ?   Y . n 
A 1 381 ILE 381 381 ?   ?   ?   Y . n 
A 1 382 LEU 382 382 ?   ?   ?   Y . n 
A 1 383 LEU 383 383 ?   ?   ?   Y . n 
A 1 384 THR 384 384 ?   ?   ?   Y . n 
A 1 385 ASP 385 385 ?   ?   ?   Y . n 
A 1 386 GLY 386 386 ?   ?   ?   Y . n 
A 1 387 ASP 387 387 ?   ?   ?   Y . n 
A 1 388 PRO 388 388 ?   ?   ?   Y . n 
A 1 389 THR 389 389 ?   ?   ?   Y . n 
A 1 390 VAL 390 390 ?   ?   ?   Y . n 
A 1 391 GLY 391 391 ?   ?   ?   Y . n 
A 1 392 GLU 392 392 ?   ?   ?   Y . n 
A 1 393 THR 393 393 ?   ?   ?   Y . n 
A 1 394 ASN 394 394 ?   ?   ?   Y . n 
A 1 395 PRO 395 395 ?   ?   ?   Y . n 
A 1 396 ARG 396 396 ?   ?   ?   Y . n 
A 1 397 SER 397 397 ?   ?   ?   Y . n 
A 1 398 ILE 398 398 ?   ?   ?   Y . n 
A 1 399 GLN 399 399 ?   ?   ?   Y . n 
A 1 400 ASN 400 400 ?   ?   ?   Y . n 
A 1 401 ASN 401 401 ?   ?   ?   Y . n 
A 1 402 VAL 402 402 ?   ?   ?   Y . n 
A 1 403 ARG 403 403 ?   ?   ?   Y . n 
A 1 404 GLU 404 404 ?   ?   ?   Y . n 
A 1 405 ALA 405 405 ?   ?   ?   Y . n 
A 1 406 VAL 406 406 ?   ?   ?   Y . n 
A 1 407 SER 407 407 ?   ?   ?   Y . n 
A 1 408 GLY 408 408 ?   ?   ?   Y . n 
A 1 409 ARG 409 409 ?   ?   ?   Y . n 
A 1 410 TYR 410 410 ?   ?   ?   Y . n 
A 1 411 SER 411 411 ?   ?   ?   Y . n 
A 1 412 LEU 412 412 ?   ?   ?   Y . n 
A 1 413 PHE 413 413 ?   ?   ?   Y . n 
A 1 414 CYS 414 414 ?   ?   ?   Y . n 
A 1 415 LEU 415 415 ?   ?   ?   Y . n 
A 1 416 GLY 416 416 ?   ?   ?   Y . n 
A 1 417 PHE 417 417 ?   ?   ?   Y . n 
A 1 418 GLY 418 418 ?   ?   ?   Y . n 
A 1 419 PHE 419 419 ?   ?   ?   Y . n 
A 1 420 ASP 420 420 ?   ?   ?   Y . n 
A 1 421 VAL 421 421 ?   ?   ?   Y . n 
A 1 422 SER 422 422 ?   ?   ?   Y . n 
A 1 423 TYR 423 423 ?   ?   ?   Y . n 
A 1 424 ALA 424 424 ?   ?   ?   Y . n 
A 1 425 PHE 425 425 ?   ?   ?   Y . n 
A 1 426 LEU 426 426 ?   ?   ?   Y . n 
A 1 427 GLU 427 427 ?   ?   ?   Y . n 
A 1 428 LYS 428 428 ?   ?   ?   Y . n 
A 1 429 LEU 429 429 ?   ?   ?   Y . n 
A 1 430 ALA 430 430 ?   ?   ?   Y . n 
A 1 431 LEU 431 431 ?   ?   ?   Y . n 
A 1 432 ASP 432 432 ?   ?   ?   Y . n 
A 1 433 ASN 433 433 ?   ?   ?   Y . n 
A 1 434 GLY 434 434 ?   ?   ?   Y . n 
A 1 435 GLY 435 435 ?   ?   ?   Y . n 
A 1 436 LEU 436 436 ?   ?   ?   Y . n 
A 1 437 ALA 437 437 ?   ?   ?   Y . n 
A 1 438 ARG 438 438 ?   ?   ?   Y . n 
A 1 439 ARG 439 439 ?   ?   ?   Y . n 
A 1 440 ILE 440 440 ?   ?   ?   Y . n 
A 1 441 HIS 441 441 ?   ?   ?   Y . n 
A 1 442 GLU 442 442 ?   ?   ?   Y . n 
A 1 443 ASP 443 443 ?   ?   ?   Y . n 
A 1 444 SER 444 444 ?   ?   ?   Y . n 
A 1 445 ASP 445 445 ?   ?   ?   Y . n 
A 1 446 SER 446 446 ?   ?   ?   Y . n 
A 1 447 ALA 447 447 ?   ?   ?   Y . n 
A 1 448 LEU 448 448 ?   ?   ?   Y . n 
A 1 449 GLN 449 449 ?   ?   ?   Y . n 
A 1 450 LEU 450 450 ?   ?   ?   Y . n 
A 1 451 GLN 451 451 ?   ?   ?   Y . n 
A 1 452 ASP 452 452 ?   ?   ?   Y . n 
A 1 453 PHE 453 453 ?   ?   ?   Y . n 
A 1 454 TYR 454 454 ?   ?   ?   Y . n 
A 1 455 GLN 455 455 ?   ?   ?   Y . n 
A 1 456 GLU 456 456 ?   ?   ?   Y . n 
A 1 457 VAL 457 457 ?   ?   ?   Y . n 
A 1 458 ALA 458 458 ?   ?   ?   Y . n 
A 1 459 ASN 459 459 ?   ?   ?   Y . n 
A 1 460 PRO 460 460 ?   ?   ?   Y . n 
A 1 461 LEU 461 461 ?   ?   ?   Y . n 
A 1 462 LEU 462 462 ?   ?   ?   Y . n 
A 1 463 THR 463 463 ?   ?   ?   Y . n 
A 1 464 ALA 464 464 ?   ?   ?   Y . n 
A 1 465 VAL 465 465 ?   ?   ?   Y . n 
A 1 466 THR 466 466 ?   ?   ?   Y . n 
A 1 467 PHE 467 467 ?   ?   ?   Y . n 
A 1 468 GLU 468 468 ?   ?   ?   Y . n 
A 1 469 TYR 469 469 ?   ?   ?   Y . n 
A 1 470 PRO 470 470 ?   ?   ?   Y . n 
A 1 471 SER 471 471 ?   ?   ?   Y . n 
A 1 472 ASN 472 472 ?   ?   ?   Y . n 
A 1 473 ALA 473 473 ?   ?   ?   Y . n 
A 1 474 VAL 474 474 ?   ?   ?   Y . n 
A 1 475 GLU 475 475 ?   ?   ?   Y . n 
A 1 476 GLU 476 476 ?   ?   ?   Y . n 
A 1 477 VAL 477 477 ?   ?   ?   Y . n 
A 1 478 THR 478 478 ?   ?   ?   Y . n 
A 1 479 GLN 479 479 ?   ?   ?   Y . n 
A 1 480 ASN 480 480 ?   ?   ?   Y . n 
A 1 481 ASN 481 481 ?   ?   ?   Y . n 
A 1 482 PHE 482 482 ?   ?   ?   Y . n 
A 1 483 ARG 483 483 ?   ?   ?   Y . n 
A 1 484 LEU 484 484 ?   ?   ?   Y . n 
A 1 485 LEU 485 485 ?   ?   ?   Y . n 
A 1 486 PHE 486 486 ?   ?   ?   Y . n 
A 1 487 LYS 487 487 ?   ?   ?   Y . n 
A 1 488 GLY 488 488 ?   ?   ?   Y . n 
A 1 489 SER 489 489 ?   ?   ?   Y . n 
A 1 490 GLU 490 490 ?   ?   ?   Y . n 
A 1 491 MET 491 491 ?   ?   ?   Y . n 
A 1 492 VAL 492 492 ?   ?   ?   Y . n 
A 1 493 VAL 493 493 ?   ?   ?   Y . n 
A 1 494 ALA 494 494 ?   ?   ?   Y . n 
A 1 495 GLY 495 495 ?   ?   ?   Y . n 
A 1 496 LYS 496 496 ?   ?   ?   Y . n 
A 1 497 LEU 497 497 ?   ?   ?   Y . n 
A 1 498 GLN 498 498 ?   ?   ?   Y . n 
A 1 499 ASP 499 499 ?   ?   ?   Y . n 
A 1 500 ARG 500 500 ?   ?   ?   Y . n 
A 1 501 GLY 501 501 ?   ?   ?   Y . n 
A 1 502 PRO 502 502 ?   ?   ?   Y . n 
A 1 503 ASP 503 503 ?   ?   ?   Y . n 
A 1 504 VAL 504 504 ?   ?   ?   Y . n 
A 1 505 LEU 505 505 ?   ?   ?   Y . n 
A 1 506 THR 506 506 ?   ?   ?   Y . n 
A 1 507 ALA 507 507 ?   ?   ?   Y . n 
A 1 508 THR 508 508 ?   ?   ?   Y . n 
A 1 509 VAL 509 509 ?   ?   ?   Y . n 
A 1 510 SER 510 510 ?   ?   ?   Y . n 
A 1 511 GLY 511 511 ?   ?   ?   Y . n 
A 1 512 LYS 512 512 ?   ?   ?   Y . n 
A 1 513 LEU 513 513 ?   ?   ?   Y . n 
A 1 514 PRO 514 514 ?   ?   ?   Y . n 
A 1 515 THR 515 515 ?   ?   ?   Y . n 
A 1 516 GLN 516 516 ?   ?   ?   Y . n 
A 1 517 ASN 517 517 ?   ?   ?   Y . n 
A 1 518 ILE 518 518 ?   ?   ?   Y . n 
A 1 519 THR 519 519 ?   ?   ?   Y . n 
A 1 520 PHE 520 520 ?   ?   ?   Y . n 
A 1 521 GLN 521 521 ?   ?   ?   Y . n 
A 1 522 THR 522 522 ?   ?   ?   Y . n 
A 1 523 GLU 523 523 ?   ?   ?   Y . n 
A 1 524 SER 524 524 ?   ?   ?   Y . n 
A 1 525 SER 525 525 ?   ?   ?   Y . n 
A 1 526 VAL 526 526 ?   ?   ?   Y . n 
A 1 527 ALA 527 527 ?   ?   ?   Y . n 
A 1 528 GLU 528 528 ?   ?   ?   Y . n 
A 1 529 GLN 529 529 ?   ?   ?   Y . n 
A 1 530 GLU 530 530 ?   ?   ?   Y . n 
A 1 531 ALA 531 531 ?   ?   ?   Y . n 
A 1 532 GLU 532 532 ?   ?   ?   Y . n 
A 1 533 PHE 533 533 ?   ?   ?   Y . n 
A 1 534 GLN 534 534 ?   ?   ?   Y . n 
A 1 535 SER 535 535 ?   ?   ?   Y . n 
A 1 536 PRO 536 536 ?   ?   ?   Y . n 
A 1 537 LYS 537 537 ?   ?   ?   Y . n 
A 1 538 TYR 538 538 ?   ?   ?   Y . n 
A 1 539 ILE 539 539 ?   ?   ?   Y . n 
A 1 540 PHE 540 540 ?   ?   ?   Y . n 
A 1 541 HIS 541 541 ?   ?   ?   Y . n 
A 1 542 ASN 542 542 ?   ?   ?   Y . n 
A 1 543 PHE 543 543 ?   ?   ?   Y . n 
A 1 544 MET 544 544 ?   ?   ?   Y . n 
A 1 545 GLU 545 545 ?   ?   ?   Y . n 
A 1 546 ARG 546 546 ?   ?   ?   Y . n 
A 1 547 LEU 547 547 ?   ?   ?   Y . n 
A 1 548 TRP 548 548 ?   ?   ?   Y . n 
A 1 549 ALA 549 549 ?   ?   ?   Y . n 
A 1 550 TYR 550 550 ?   ?   ?   Y . n 
A 1 551 LEU 551 551 ?   ?   ?   Y . n 
A 1 552 THR 552 552 ?   ?   ?   Y . n 
A 1 553 ILE 553 553 ?   ?   ?   Y . n 
A 1 554 GLN 554 554 ?   ?   ?   Y . n 
A 1 555 GLN 555 555 ?   ?   ?   Y . n 
A 1 556 LEU 556 556 ?   ?   ?   Y . n 
A 1 557 LEU 557 557 ?   ?   ?   Y . n 
A 1 558 GLU 558 558 ?   ?   ?   Y . n 
A 1 559 GLN 559 559 ?   ?   ?   Y . n 
A 1 560 THR 560 560 ?   ?   ?   Y . n 
A 1 561 VAL 561 561 ?   ?   ?   Y . n 
A 1 562 SER 562 562 ?   ?   ?   Y . n 
A 1 563 ALA 563 563 ?   ?   ?   Y . n 
A 1 564 SER 564 564 ?   ?   ?   Y . n 
A 1 565 ASP 565 565 ?   ?   ?   Y . n 
A 1 566 ALA 566 566 ?   ?   ?   Y . n 
A 1 567 ASP 567 567 ?   ?   ?   Y . n 
A 1 568 GLN 568 568 ?   ?   ?   Y . n 
A 1 569 GLN 569 569 ?   ?   ?   Y . n 
A 1 570 ALA 570 570 ?   ?   ?   Y . n 
A 1 571 LEU 571 571 ?   ?   ?   Y . n 
A 1 572 ARG 572 572 ?   ?   ?   Y . n 
A 1 573 ASN 573 573 ?   ?   ?   Y . n 
A 1 574 GLN 574 574 ?   ?   ?   Y . n 
A 1 575 ALA 575 575 ?   ?   ?   Y . n 
A 1 576 LEU 576 576 ?   ?   ?   Y . n 
A 1 577 ASN 577 577 ?   ?   ?   Y . n 
A 1 578 LEU 578 578 ?   ?   ?   Y . n 
A 1 579 SER 579 579 ?   ?   ?   Y . n 
A 1 580 LEU 580 580 ?   ?   ?   Y . n 
A 1 581 ALA 581 581 ?   ?   ?   Y . n 
A 1 582 TYR 582 582 ?   ?   ?   Y . n 
A 1 583 SER 583 583 ?   ?   ?   Y . n 
A 1 584 PHE 584 584 ?   ?   ?   Y . n 
A 1 585 VAL 585 585 ?   ?   ?   Y . n 
A 1 586 THR 586 586 ?   ?   ?   Y . n 
A 1 587 PRO 587 587 ?   ?   ?   Y . n 
A 1 588 LEU 588 588 ?   ?   ?   Y . n 
A 1 589 THR 589 589 ?   ?   ?   Y . n 
A 1 590 SER 590 590 ?   ?   ?   Y . n 
A 1 591 MET 591 591 ?   ?   ?   Y . n 
A 1 592 VAL 592 592 ?   ?   ?   Y . n 
A 1 593 VAL 593 593 ?   ?   ?   Y . n 
A 1 594 THR 594 594 ?   ?   ?   Y . n 
A 1 595 LYS 595 595 ?   ?   ?   Y . n 
A 1 596 PRO 596 596 ?   ?   ?   Y . n 
A 1 597 ASP 597 597 ?   ?   ?   Y . n 
A 1 598 ASP 598 598 ?   ?   ?   Y . n 
A 1 599 GLN 599 599 ?   ?   ?   Y . n 
A 1 600 GLU 600 600 ?   ?   ?   Y . n 
A 1 601 GLN 601 601 ?   ?   ?   Y . n 
A 1 602 SER 602 602 ?   ?   ?   Y . n 
A 1 603 GLN 603 603 ?   ?   ?   Y . n 
A 1 604 VAL 604 604 ?   ?   ?   Y . n 
A 1 605 ALA 605 605 ?   ?   ?   Y . n 
A 1 606 GLU 606 606 ?   ?   ?   Y . n 
A 1 607 LYS 607 607 ?   ?   ?   Y . n 
A 1 608 PRO 608 608 ?   ?   ?   Y . n 
A 1 609 MET 609 609 ?   ?   ?   Y . n 
A 1 610 GLU 610 610 ?   ?   ?   Y . n 
A 1 611 GLY 611 611 ?   ?   ?   Y . n 
A 1 612 GLU 612 612 ?   ?   ?   Y . n 
A 1 613 SER 613 613 ?   ?   ?   Y . n 
A 1 614 ARG 614 614 ?   ?   ?   Y . n 
A 1 615 ASN 615 615 ?   ?   ?   Y . n 
A 1 616 ARG 616 616 ?   ?   ?   Y . n 
A 1 617 ASN 617 617 ?   ?   ?   Y . n 
A 1 618 VAL 618 618 ?   ?   ?   Y . n 
A 1 619 HIS 619 619 ?   ?   ?   Y . n 
A 1 620 SER 620 620 ?   ?   ?   Y . n 
A 1 621 GLY 621 621 ?   ?   ?   Y . n 
A 1 622 SER 622 622 ?   ?   ?   Y . n 
A 1 623 THR 623 623 ?   ?   ?   Y . n 
A 1 624 PHE 624 624 ?   ?   ?   Y . n 
A 1 625 PHE 625 625 ?   ?   ?   Y . n 
A 1 626 LYS 626 626 ?   ?   ?   Y . n 
A 1 627 TYR 627 627 ?   ?   ?   Y . n 
A 1 628 TYR 628 628 ?   ?   ?   Y . n 
A 1 629 LEU 629 629 ?   ?   ?   Y . n 
A 1 630 GLN 630 630 ?   ?   ?   Y . n 
A 1 631 GLY 631 631 ?   ?   ?   Y . n 
A 1 632 ALA 632 632 ?   ?   ?   Y . n 
A 1 633 LYS 633 633 ?   ?   ?   Y . n 
A 1 634 ILE 634 634 ?   ?   ?   Y . n 
A 1 635 PRO 635 635 ?   ?   ?   Y . n 
A 1 636 LYS 636 636 ?   ?   ?   Y . n 
A 1 637 PRO 637 637 ?   ?   ?   Y . n 
A 1 638 GLU 638 638 ?   ?   ?   Y . n 
A 1 639 ALA 639 639 ?   ?   ?   Y . n 
A 1 640 SER 640 640 ?   ?   ?   Y . n 
A 1 641 PHE 641 641 ?   ?   ?   Y . n 
A 1 642 SER 642 642 ?   ?   ?   Y . n 
A 1 643 PRO 643 643 ?   ?   ?   Y . n 
A 1 644 ARG 644 644 ?   ?   ?   Y . n 
A 1 645 ARG 645 645 ?   ?   ?   Y . n 
A 1 646 GLY 646 646 ?   ?   ?   Y . n 
A 1 647 TRP 647 647 ?   ?   ?   Y . n 
A 1 648 ASN 648 648 ?   ?   ?   Y . n 
A 1 649 ARG 649 649 ?   ?   ?   Y . n 
A 1 650 GLN 650 650 ?   ?   ?   Y . n 
A 1 651 ALA 651 651 ?   ?   ?   Y . n 
A 1 652 GLY 652 652 ?   ?   ?   Y . n 
A 1 653 ALA 653 653 ?   ?   ?   Y . n 
A 1 654 ALA 654 654 ?   ?   ?   Y . n 
A 1 655 GLY 655 655 ?   ?   ?   Y . n 
A 1 656 SER 656 656 ?   ?   ?   Y . n 
A 1 657 ARG 657 657 ?   ?   ?   Y . n 
A 1 658 MET 658 658 ?   ?   ?   Y . n 
A 1 659 ASN 659 659 ?   ?   ?   Y . n 
A 1 660 PHE 660 660 ?   ?   ?   Y . n 
A 1 661 ARG 661 661 661 ARG ARG Y . n 
A 1 662 PRO 662 662 662 PRO PRO Y . n 
A 1 663 GLY 663 663 663 GLY GLY Y . n 
A 1 664 VAL 664 664 664 VAL VAL Y . n 
A 1 665 LEU 665 665 665 LEU LEU Y . n 
A 1 666 SER 666 666 666 SER SER Y . n 
A 1 667 SER 667 667 667 SER SER Y . n 
A 1 668 ARG 668 668 668 ARG ARG Y . n 
A 1 669 GLN 669 669 669 GLN GLN Y . n 
A 1 670 LEU 670 670 ?   ?   ?   Y . n 
A 1 671 GLY 671 671 ?   ?   ?   Y . n 
A 1 672 LEU 672 672 ?   ?   ?   Y . n 
A 1 673 PRO 673 673 ?   ?   ?   Y . n 
A 1 674 GLY 674 674 ?   ?   ?   Y . n 
A 1 675 PRO 675 675 ?   ?   ?   Y . n 
A 1 676 PRO 676 676 ?   ?   ?   Y . n 
A 1 677 ASP 677 677 ?   ?   ?   Y . n 
A 1 678 VAL 678 678 ?   ?   ?   Y . n 
A 1 679 PRO 679 679 ?   ?   ?   Y . n 
A 1 680 ASP 680 680 ?   ?   ?   Y . n 
A 1 681 HIS 681 681 ?   ?   ?   Y . n 
A 1 682 ALA 682 682 ?   ?   ?   Y . n 
A 1 683 ALA 683 683 ?   ?   ?   Y . n 
A 1 684 TYR 684 684 ?   ?   ?   Y . n 
A 1 685 HIS 685 685 ?   ?   ?   Y . n 
A 1 686 PRO 686 686 ?   ?   ?   Y . n 
A 1 687 PHE 687 687 ?   ?   ?   Y . n 
A 1 688 ARG 688 688 ?   ?   ?   Y . n 
A 1 689 ARG 689 689 ?   ?   ?   Y . n 
A 1 690 LEU 690 690 ?   ?   ?   Y . n 
A 1 691 ALA 691 691 ?   ?   ?   Y . n 
A 1 692 ILE 692 692 ?   ?   ?   Y . n 
A 1 693 LEU 693 693 ?   ?   ?   Y . n 
A 1 694 PRO 694 694 ?   ?   ?   Y . n 
A 1 695 ALA 695 695 ?   ?   ?   Y . n 
A 1 696 SER 696 696 ?   ?   ?   Y . n 
A 1 697 ALA 697 697 ?   ?   ?   Y . n 
A 1 698 PRO 698 698 ?   ?   ?   Y . n 
A 1 699 PRO 699 699 ?   ?   ?   Y . n 
A 1 700 ALA 700 700 ?   ?   ?   Y . n 
A 1 701 THR 701 701 ?   ?   ?   Y . n 
A 1 702 SER 702 702 ?   ?   ?   Y . n 
A 1 703 ASN 703 703 ?   ?   ?   Y . n 
A 1 704 PRO 704 704 ?   ?   ?   Y . n 
A 1 705 ASP 705 705 ?   ?   ?   Y . n 
A 1 706 PRO 706 706 ?   ?   ?   Y . n 
A 1 707 ALA 707 707 ?   ?   ?   Y . n 
A 1 708 VAL 708 708 ?   ?   ?   Y . n 
A 1 709 SER 709 709 ?   ?   ?   Y . n 
A 1 710 ARG 710 710 ?   ?   ?   Y . n 
A 1 711 VAL 711 711 ?   ?   ?   Y . n 
A 1 712 MET 712 712 ?   ?   ?   Y . n 
A 1 713 ASN 713 713 ?   ?   ?   Y . n 
A 1 714 MET 714 714 ?   ?   ?   Y . n 
A 1 715 LYS 715 715 ?   ?   ?   Y . n 
A 1 716 ILE 716 716 ?   ?   ?   Y . n 
A 1 717 GLU 717 717 ?   ?   ?   Y . n 
A 1 718 GLU 718 718 ?   ?   ?   Y . n 
A 1 719 THR 719 719 ?   ?   ?   Y . n 
A 1 720 THR 720 720 ?   ?   ?   Y . n 
A 1 721 MET 721 721 ?   ?   ?   Y . n 
A 1 722 THR 722 722 ?   ?   ?   Y . n 
A 1 723 THR 723 723 ?   ?   ?   Y . n 
A 1 724 GLN 724 724 ?   ?   ?   Y . n 
A 1 725 THR 725 725 ?   ?   ?   Y . n 
A 1 726 PRO 726 726 ?   ?   ?   Y . n 
A 1 727 ALA 727 727 ?   ?   ?   Y . n 
A 1 728 PRO 728 728 ?   ?   ?   Y . n 
A 1 729 ILE 729 729 ?   ?   ?   Y . n 
A 1 730 GLN 730 730 ?   ?   ?   Y . n 
A 1 731 ALA 731 731 ?   ?   ?   Y . n 
A 1 732 PRO 732 732 ?   ?   ?   Y . n 
A 1 733 SER 733 733 ?   ?   ?   Y . n 
A 1 734 ALA 734 734 ?   ?   ?   Y . n 
A 1 735 ILE 735 735 ?   ?   ?   Y . n 
A 1 736 LEU 736 736 ?   ?   ?   Y . n 
A 1 737 PRO 737 737 ?   ?   ?   Y . n 
A 1 738 LEU 738 738 ?   ?   ?   Y . n 
A 1 739 PRO 739 739 ?   ?   ?   Y . n 
A 1 740 GLY 740 740 ?   ?   ?   Y . n 
A 1 741 GLN 741 741 ?   ?   ?   Y . n 
A 1 742 SER 742 742 ?   ?   ?   Y . n 
A 1 743 VAL 743 743 ?   ?   ?   Y . n 
A 1 744 GLU 744 744 ?   ?   ?   Y . n 
A 1 745 ARG 745 745 ?   ?   ?   Y . n 
A 1 746 LEU 746 746 ?   ?   ?   Y . n 
A 1 747 CYS 747 747 ?   ?   ?   Y . n 
A 1 748 VAL 748 748 ?   ?   ?   Y . n 
A 1 749 ASP 749 749 ?   ?   ?   Y . n 
A 1 750 PRO 750 750 ?   ?   ?   Y . n 
A 1 751 ARG 751 751 ?   ?   ?   Y . n 
A 1 752 HIS 752 752 ?   ?   ?   Y . n 
A 1 753 ARG 753 753 ?   ?   ?   Y . n 
A 1 754 GLN 754 754 ?   ?   ?   Y . n 
A 1 755 GLY 755 755 ?   ?   ?   Y . n 
A 1 756 PRO 756 756 ?   ?   ?   Y . n 
A 1 757 VAL 757 757 ?   ?   ?   Y . n 
A 1 758 ASN 758 758 ?   ?   ?   Y . n 
A 1 759 LEU 759 759 ?   ?   ?   Y . n 
A 1 760 LEU 760 760 ?   ?   ?   Y . n 
A 1 761 SER 761 761 ?   ?   ?   Y . n 
A 1 762 ASP 762 762 ?   ?   ?   Y . n 
A 1 763 PRO 763 763 ?   ?   ?   Y . n 
A 1 764 GLU 764 764 ?   ?   ?   Y . n 
A 1 765 GLN 765 765 ?   ?   ?   Y . n 
A 1 766 GLY 766 766 ?   ?   ?   Y . n 
A 1 767 VAL 767 767 ?   ?   ?   Y . n 
A 1 768 GLU 768 768 ?   ?   ?   Y . n 
A 1 769 VAL 769 769 ?   ?   ?   Y . n 
A 1 770 THR 770 770 ?   ?   ?   Y . n 
A 1 771 GLY 771 771 ?   ?   ?   Y . n 
A 1 772 GLN 772 772 ?   ?   ?   Y . n 
A 1 773 TYR 773 773 ?   ?   ?   Y . n 
A 1 774 GLU 774 774 ?   ?   ?   Y . n 
A 1 775 ARG 775 775 ?   ?   ?   Y . n 
A 1 776 GLU 776 776 ?   ?   ?   Y . n 
A 1 777 LYS 777 777 ?   ?   ?   Y . n 
A 1 778 ALA 778 778 ?   ?   ?   Y . n 
A 1 779 GLY 779 779 ?   ?   ?   Y . n 
A 1 780 PHE 780 780 ?   ?   ?   Y . n 
A 1 781 SER 781 781 ?   ?   ?   Y . n 
A 1 782 TRP 782 782 ?   ?   ?   Y . n 
A 1 783 ILE 783 783 ?   ?   ?   Y . n 
A 1 784 GLU 784 784 ?   ?   ?   Y . n 
A 1 785 VAL 785 785 ?   ?   ?   Y . n 
A 1 786 THR 786 786 ?   ?   ?   Y . n 
A 1 787 PHE 787 787 ?   ?   ?   Y . n 
A 1 788 LYS 788 788 ?   ?   ?   Y . n 
A 1 789 ASN 789 789 ?   ?   ?   Y . n 
A 1 790 PRO 790 790 ?   ?   ?   Y . n 
A 1 791 LEU 791 791 ?   ?   ?   Y . n 
A 1 792 VAL 792 792 ?   ?   ?   Y . n 
A 1 793 TRP 793 793 ?   ?   ?   Y . n 
A 1 794 VAL 794 794 ?   ?   ?   Y . n 
A 1 795 HIS 795 795 ?   ?   ?   Y . n 
A 1 796 ALA 796 796 ?   ?   ?   Y . n 
A 1 797 SER 797 797 ?   ?   ?   Y . n 
A 1 798 PRO 798 798 ?   ?   ?   Y . n 
A 1 799 GLU 799 799 ?   ?   ?   Y . n 
A 1 800 HIS 800 800 ?   ?   ?   Y . n 
A 1 801 VAL 801 801 ?   ?   ?   Y . n 
A 1 802 VAL 802 802 ?   ?   ?   Y . n 
A 1 803 VAL 803 803 ?   ?   ?   Y . n 
A 1 804 THR 804 804 ?   ?   ?   Y . n 
A 1 805 ARG 805 805 ?   ?   ?   Y . n 
A 1 806 ASN 806 806 ?   ?   ?   Y . n 
A 1 807 ARG 807 807 ?   ?   ?   Y . n 
A 1 808 ARG 808 808 ?   ?   ?   Y . n 
A 1 809 SER 809 809 ?   ?   ?   Y . n 
A 1 810 SER 810 810 ?   ?   ?   Y . n 
A 1 811 ALA 811 811 ?   ?   ?   Y . n 
A 1 812 TYR 812 812 ?   ?   ?   Y . n 
A 1 813 LYS 813 813 ?   ?   ?   Y . n 
A 1 814 TRP 814 814 ?   ?   ?   Y . n 
A 1 815 LYS 815 815 ?   ?   ?   Y . n 
A 1 816 GLU 816 816 ?   ?   ?   Y . n 
A 1 817 THR 817 817 ?   ?   ?   Y . n 
A 1 818 LEU 818 818 ?   ?   ?   Y . n 
A 1 819 PHE 819 819 ?   ?   ?   Y . n 
A 1 820 SER 820 820 ?   ?   ?   Y . n 
A 1 821 VAL 821 821 ?   ?   ?   Y . n 
A 1 822 MET 822 822 ?   ?   ?   Y . n 
A 1 823 PRO 823 823 ?   ?   ?   Y . n 
A 1 824 GLY 824 824 ?   ?   ?   Y . n 
A 1 825 LEU 825 825 ?   ?   ?   Y . n 
A 1 826 LYS 826 826 ?   ?   ?   Y . n 
A 1 827 MET 827 827 ?   ?   ?   Y . n 
A 1 828 THR 828 828 ?   ?   ?   Y . n 
A 1 829 MET 829 829 ?   ?   ?   Y . n 
A 1 830 ASP 830 830 ?   ?   ?   Y . n 
A 1 831 LYS 831 831 ?   ?   ?   Y . n 
A 1 832 THR 832 832 ?   ?   ?   Y . n 
A 1 833 GLY 833 833 ?   ?   ?   Y . n 
A 1 834 LEU 834 834 ?   ?   ?   Y . n 
A 1 835 LEU 835 835 ?   ?   ?   Y . n 
A 1 836 LEU 836 836 ?   ?   ?   Y . n 
A 1 837 LEU 837 837 ?   ?   ?   Y . n 
A 1 838 SER 838 838 ?   ?   ?   Y . n 
A 1 839 ASP 839 839 ?   ?   ?   Y . n 
A 1 840 PRO 840 840 ?   ?   ?   Y . n 
A 1 841 ASP 841 841 ?   ?   ?   Y . n 
A 1 842 LYS 842 842 ?   ?   ?   Y . n 
A 1 843 VAL 843 843 ?   ?   ?   Y . n 
A 1 844 THR 844 844 ?   ?   ?   Y . n 
A 1 845 ILE 845 845 ?   ?   ?   Y . n 
A 1 846 GLY 846 846 ?   ?   ?   Y . n 
A 1 847 LEU 847 847 ?   ?   ?   Y . n 
A 1 848 LEU 848 848 ?   ?   ?   Y . n 
A 1 849 PHE 849 849 ?   ?   ?   Y . n 
A 1 850 TRP 850 850 ?   ?   ?   Y . n 
A 1 851 ASP 851 851 ?   ?   ?   Y . n 
A 1 852 GLY 852 852 ?   ?   ?   Y . n 
A 1 853 ARG 853 853 ?   ?   ?   Y . n 
A 1 854 GLY 854 854 ?   ?   ?   Y . n 
A 1 855 GLU 855 855 ?   ?   ?   Y . n 
A 1 856 GLY 856 856 ?   ?   ?   Y . n 
A 1 857 LEU 857 857 ?   ?   ?   Y . n 
A 1 858 ARG 858 858 ?   ?   ?   Y . n 
A 1 859 LEU 859 859 ?   ?   ?   Y . n 
A 1 860 LEU 860 860 ?   ?   ?   Y . n 
A 1 861 LEU 861 861 ?   ?   ?   Y . n 
A 1 862 ARG 862 862 ?   ?   ?   Y . n 
A 1 863 ASP 863 863 ?   ?   ?   Y . n 
A 1 864 THR 864 864 ?   ?   ?   Y . n 
A 1 865 ASP 865 865 ?   ?   ?   Y . n 
A 1 866 ARG 866 866 ?   ?   ?   Y . n 
A 1 867 PHE 867 867 ?   ?   ?   Y . n 
A 1 868 SER 868 868 ?   ?   ?   Y . n 
A 1 869 SER 869 869 ?   ?   ?   Y . n 
A 1 870 HIS 870 870 ?   ?   ?   Y . n 
A 1 871 VAL 871 871 ?   ?   ?   Y . n 
A 1 872 GLY 872 872 ?   ?   ?   Y . n 
A 1 873 GLY 873 873 ?   ?   ?   Y . n 
A 1 874 THR 874 874 ?   ?   ?   Y . n 
A 1 875 LEU 875 875 ?   ?   ?   Y . n 
A 1 876 GLY 876 876 ?   ?   ?   Y . n 
A 1 877 GLN 877 877 ?   ?   ?   Y . n 
A 1 878 PHE 878 878 ?   ?   ?   Y . n 
A 1 879 TYR 879 879 ?   ?   ?   Y . n 
A 1 880 GLN 880 880 ?   ?   ?   Y . n 
A 1 881 GLU 881 881 ?   ?   ?   Y . n 
A 1 882 VAL 882 882 ?   ?   ?   Y . n 
A 1 883 LEU 883 883 ?   ?   ?   Y . n 
A 1 884 TRP 884 884 ?   ?   ?   Y . n 
A 1 885 GLY 885 885 ?   ?   ?   Y . n 
A 1 886 SER 886 886 ?   ?   ?   Y . n 
A 1 887 PRO 887 887 ?   ?   ?   Y . n 
A 1 888 ALA 888 888 ?   ?   ?   Y . n 
A 1 889 ALA 889 889 ?   ?   ?   Y . n 
A 1 890 SER 890 890 ?   ?   ?   Y . n 
A 1 891 ASP 891 891 ?   ?   ?   Y . n 
A 1 892 ASP 892 892 ?   ?   ?   Y . n 
A 1 893 GLY 893 893 ?   ?   ?   Y . n 
A 1 894 ARG 894 894 ?   ?   ?   Y . n 
A 1 895 ARG 895 895 ?   ?   ?   Y . n 
A 1 896 THR 896 896 ?   ?   ?   Y . n 
A 1 897 LEU 897 897 ?   ?   ?   Y . n 
A 1 898 ARG 898 898 ?   ?   ?   Y . n 
A 1 899 VAL 899 899 ?   ?   ?   Y . n 
A 1 900 GLN 900 900 ?   ?   ?   Y . n 
A 1 901 GLY 901 901 ?   ?   ?   Y . n 
A 1 902 ASN 902 902 ?   ?   ?   Y . n 
A 1 903 ASP 903 903 ?   ?   ?   Y . n 
A 1 904 HIS 904 904 ?   ?   ?   Y . n 
A 1 905 SER 905 905 ?   ?   ?   Y . n 
A 1 906 ALA 906 906 ?   ?   ?   Y . n 
A 1 907 THR 907 907 ?   ?   ?   Y . n 
A 1 908 ARG 908 908 ?   ?   ?   Y . n 
A 1 909 GLU 909 909 ?   ?   ?   Y . n 
A 1 910 ARG 910 910 ?   ?   ?   Y . n 
A 1 911 ARG 911 911 ?   ?   ?   Y . n 
A 1 912 LEU 912 912 ?   ?   ?   Y . n 
A 1 913 ASP 913 913 ?   ?   ?   Y . n 
A 1 914 TYR 914 914 ?   ?   ?   Y . n 
A 1 915 GLN 915 915 ?   ?   ?   Y . n 
A 1 916 GLU 916 916 ?   ?   ?   Y . n 
A 1 917 GLY 917 917 ?   ?   ?   Y . n 
A 1 918 PRO 918 918 ?   ?   ?   Y . n 
A 1 919 PRO 919 919 ?   ?   ?   Y . n 
A 1 920 GLY 920 920 ?   ?   ?   Y . n 
A 1 921 VAL 921 921 ?   ?   ?   Y . n 
A 1 922 GLU 922 922 ?   ?   ?   Y . n 
A 1 923 ILE 923 923 ?   ?   ?   Y . n 
A 1 924 SER 924 924 ?   ?   ?   Y . n 
A 1 925 CYS 925 925 ?   ?   ?   Y . n 
A 1 926 TRP 926 926 ?   ?   ?   Y . n 
A 1 927 SER 927 927 ?   ?   ?   Y . n 
A 1 928 VAL 928 928 ?   ?   ?   Y . n 
A 1 929 GLU 929 929 ?   ?   ?   Y . n 
A 1 930 LEU 930 930 ?   ?   ?   Y . n 
# 
_exptl.absorpt_coefficient_mu     ? 
_exptl.absorpt_correction_T_max   ? 
_exptl.absorpt_correction_T_min   ? 
_exptl.absorpt_correction_type    ? 
_exptl.absorpt_process_details    ? 
_exptl.entry_id                   9C4N 
_exptl.crystals_number            ? 
_exptl.details                    ? 
_exptl.method                     'ELECTRON MICROSCOPY' 
_exptl.method_details             ? 
# 
_struct.entry_id                     9C4N 
_struct.title                        'Infectious B19V capsid' 
_struct.pdbx_model_details           ? 
_struct.pdbx_formula_weight          ? 
_struct.pdbx_formula_weight_method   ? 
_struct.pdbx_model_type_details      ? 
_struct.pdbx_CASP_flag               N 
# 
_struct_keywords.entry_id        9C4N 
_struct_keywords.text            'B19, Virion, Capsid, PROTEIN BINDING' 
_struct_keywords.pdbx_keywords   'PROTEIN BINDING' 
# 
_struct_asym.id                            A 
_struct_asym.pdbx_blank_PDB_chainid_flag   N 
_struct_asym.pdbx_modified                 N 
_struct_asym.entity_id                     1 
_struct_asym.details                       ? 
# 
_struct_ref.id                         1 
_struct_ref.db_name                    UNP 
_struct_ref.db_code                    ITIH4_HUMAN 
_struct_ref.pdbx_db_accession          Q14624 
_struct_ref.pdbx_db_isoform            ? 
_struct_ref.entity_id                  1 
_struct_ref.pdbx_seq_one_letter_code   
;MKPPRPVRTCSKVLVLLSLLAIHQTTTAEKNGIDIYSLTVDSRVSSRFAHTVVTSRVVNRANTVQEATFQMELPKKAFIT
NFSMIIDGMTYPGIIKEKAEAQAQYSAAVAKGKSAGLVKATGRNMEQFQVSVSVAPNAKITFELVYEELLKRRLGVYELL
LKVRPQQLVKHLQMDIHIFEPQGISFLETESTFMTNQLVDALTTWQNKTKAHIRFKPTLSQQQKSPEQQETVLDGNLIIR
YDVDRAISGGSIQIENGYFVHYFAPEGLTTMPKNVVFVIDKSGSMSGRKIQQTREALIKILDDLSPRDQFNLIVFSTEAT
QWRPSLVPASAENVNKARSFAAGIQALGGTNINDAMLMAVQLLDSSNQEERLPEGSVSLIILLTDGDPTVGETNPRSIQN
NVREAVSGRYSLFCLGFGFDVSYAFLEKLALDNGGLARRIHEDSDSALQLQDFYQEVANPLLTAVTFEYPSNAVEEVTQN
NFRLLFKGSEMVVAGKLQDRGPDVLTATVSGKLPTQNITFQTESSVAEQEAEFQSPKYIFHNFMERLWAYLTIQQLLEQT
VSASDADQQALRNQALNLSLAYSFVTPLTSMVVTKPDDQEQSQVAEKPMEGESRNRNVHSGSTFFKYYLQGAKIPKPEAS
FSPRRGWNRQAGAAGSRMNFRPGVLSSRQLGLPGPPDVPDHAAYHPFRRLAILPASAPPATSNPDPAVSRVMNMKIEETT
MTTQTPAPIQAPSAILPLPGQSVERLCVDPRHRQGPVNLLSDPEQGVEVTGQYEREKAGFSWIEVTFKNPLVWVHASPEH
VVVTRNRRSSAYKWKETLFSVMPGLKMTMDKTGLLLLSDPDKVTIGLLFWDGRGEGLRLLLRDTDRFSSHVGGTLGQFYQ
EVLWGSPAASDDGRRTLRVQGNDHSATRERRLDYQEGPPGVEISCWSVEL
;
_struct_ref.pdbx_align_begin           1 
# 
_struct_ref_seq.align_id                      1 
_struct_ref_seq.ref_id                        1 
_struct_ref_seq.pdbx_PDB_id_code              9C4N 
_struct_ref_seq.pdbx_strand_id                Y 
_struct_ref_seq.seq_align_beg                 1 
_struct_ref_seq.pdbx_seq_align_beg_ins_code   ? 
_struct_ref_seq.seq_align_end                 930 
_struct_ref_seq.pdbx_seq_align_end_ins_code   ? 
_struct_ref_seq.pdbx_db_accession             Q14624 
_struct_ref_seq.db_align_beg                  1 
_struct_ref_seq.pdbx_db_align_beg_ins_code    ? 
_struct_ref_seq.db_align_end                  930 
_struct_ref_seq.pdbx_db_align_end_ins_code    ? 
_struct_ref_seq.pdbx_auth_seq_align_beg       1 
_struct_ref_seq.pdbx_auth_seq_align_end       930 
# 
_pdbx_struct_assembly.id                   1 
_pdbx_struct_assembly.details              author_defined_assembly 
_pdbx_struct_assembly.method_details       ? 
_pdbx_struct_assembly.oligomeric_details   monomeric 
_pdbx_struct_assembly.oligomeric_count     1 
# 
_pdbx_struct_assembly_gen.assembly_id       1 
_pdbx_struct_assembly_gen.oper_expression   1 
_pdbx_struct_assembly_gen.asym_id_list      A 
# 
_pdbx_struct_assembly_auth_evidence.id                     1 
_pdbx_struct_assembly_auth_evidence.assembly_id            1 
_pdbx_struct_assembly_auth_evidence.experimental_support   'electron microscopy' 
_pdbx_struct_assembly_auth_evidence.details                'not applicable' 
# 
_pdbx_struct_oper_list.id                   1 
_pdbx_struct_oper_list.type                 'identity operation' 
_pdbx_struct_oper_list.name                 1_555 
_pdbx_struct_oper_list.symmetry_operation   ? 
_pdbx_struct_oper_list.matrix[1][1]         1.0000000000 
_pdbx_struct_oper_list.matrix[1][2]         0.0000000000 
_pdbx_struct_oper_list.matrix[1][3]         0.0000000000 
_pdbx_struct_oper_list.vector[1]            0.0000000000 
_pdbx_struct_oper_list.matrix[2][1]         0.0000000000 
_pdbx_struct_oper_list.matrix[2][2]         1.0000000000 
_pdbx_struct_oper_list.matrix[2][3]         0.0000000000 
_pdbx_struct_oper_list.vector[2]            0.0000000000 
_pdbx_struct_oper_list.matrix[3][1]         0.0000000000 
_pdbx_struct_oper_list.matrix[3][2]         0.0000000000 
_pdbx_struct_oper_list.matrix[3][3]         1.0000000000 
_pdbx_struct_oper_list.vector[3]            0.0000000000 
# 
_pdbx_entry_details.entry_id                   9C4N 
_pdbx_entry_details.compound_details           ? 
_pdbx_entry_details.source_details             ? 
_pdbx_entry_details.nonpolymer_details         ? 
_pdbx_entry_details.sequence_details           ? 
_pdbx_entry_details.has_ligand_of_interest     ? 
_pdbx_entry_details.has_protein_modification   N 
# 
_em_3d_fitting.id                1 
_em_3d_fitting.entry_id          9C4N 
_em_3d_fitting.method            ? 
_em_3d_fitting.target_criteria   ? 
_em_3d_fitting.details           ? 
_em_3d_fitting.overall_b_value   ? 
_em_3d_fitting.ref_space         ? 
_em_3d_fitting.ref_protocol      ? 
# 
_em_3d_reconstruction.entry_id                    9C4N 
_em_3d_reconstruction.id                          1 
_em_3d_reconstruction.method                      ? 
_em_3d_reconstruction.algorithm                   ? 
_em_3d_reconstruction.citation_id                 ? 
_em_3d_reconstruction.details                     ? 
_em_3d_reconstruction.resolution                  2.9 
_em_3d_reconstruction.resolution_method           'FSC 0.143 CUT-OFF' 
_em_3d_reconstruction.magnification_calibration   ? 
_em_3d_reconstruction.nominal_pixel_size          ? 
_em_3d_reconstruction.actual_pixel_size           ? 
_em_3d_reconstruction.num_particles               68391 
_em_3d_reconstruction.euler_angles_details        ? 
_em_3d_reconstruction.num_class_averages          ? 
_em_3d_reconstruction.refinement_type             ? 
_em_3d_reconstruction.image_processing_id         1 
_em_3d_reconstruction.symmetry_type               POINT 
# 
_em_buffer.id            1 
_em_buffer.specimen_id   1 
_em_buffer.name          ? 
_em_buffer.details       ? 
_em_buffer.pH            7.0 
# 
loop_
_em_entity_assembly.id 
_em_entity_assembly.parent_id 
_em_entity_assembly.source 
_em_entity_assembly.type 
_em_entity_assembly.name 
_em_entity_assembly.details 
_em_entity_assembly.synonym 
_em_entity_assembly.oligomeric_details 
_em_entity_assembly.entity_id_list 
1 0 'MULTIPLE SOURCES' COMPLEX 'Human parvovirus B19 with inter-alpha-trypsin inhibitor heavy chain H4' ? ? ? 1 
2 1 NATURAL            VIRUS   'Human parvovirus B19'                                                   ? ? ? ? 
3 1 NATURAL            COMPLEX 'Inter-alpha-trypsin inhibitor heavy chain H4'                           ? ? ? 1 
# 
_em_imaging.entry_id                        9C4N 
_em_imaging.id                              1 
_em_imaging.astigmatism                     ? 
_em_imaging.electron_beam_tilt_params       ? 
_em_imaging.residual_tilt                   ? 
_em_imaging.microscope_model                'FEI TITAN KRIOS' 
_em_imaging.specimen_holder_type            ? 
_em_imaging.specimen_holder_model           ? 
_em_imaging.details                         ? 
_em_imaging.date                            ? 
_em_imaging.accelerating_voltage            300 
_em_imaging.illumination_mode               'FLOOD BEAM' 
_em_imaging.mode                            'BRIGHT FIELD' 
_em_imaging.nominal_cs                      ? 
_em_imaging.nominal_defocus_min             500 
_em_imaging.nominal_defocus_max             3000 
_em_imaging.calibrated_defocus_min          ? 
_em_imaging.calibrated_defocus_max          ? 
_em_imaging.tilt_angle_min                  ? 
_em_imaging.tilt_angle_max                  ? 
_em_imaging.nominal_magnification           ? 
_em_imaging.calibrated_magnification        ? 
_em_imaging.electron_source                 'FIELD EMISSION GUN' 
_em_imaging.citation_id                     ? 
_em_imaging.temperature                     ? 
_em_imaging.detector_distance               ? 
_em_imaging.recording_temperature_minimum   ? 
_em_imaging.recording_temperature_maximum   ? 
_em_imaging.alignment_procedure             ? 
_em_imaging.c2_aperture_diameter            ? 
_em_imaging.specimen_id                     1 
_em_imaging.cryogen                         ? 
# 
_em_virus_entity.id                    1 
_em_virus_entity.virus_host_category   ? 
_em_virus_entity.virus_type            VIRION 
_em_virus_entity.virus_isolate         SEROTYPE 
_em_virus_entity.entity_assembly_id    2 
_em_virus_entity.enveloped             NO 
_em_virus_entity.empty                 NO 
_em_virus_entity.details               ? 
# 
_em_vitrification.entry_id              9C4N 
_em_vitrification.id                    1 
_em_vitrification.specimen_id           1 
_em_vitrification.cryogen_name          ETHANE 
_em_vitrification.humidity              ? 
_em_vitrification.temp                  ? 
_em_vitrification.chamber_temperature   ? 
_em_vitrification.instrument            ? 
_em_vitrification.method                ? 
_em_vitrification.time_resolved_state   ? 
_em_vitrification.citation_id           ? 
_em_vitrification.details               ? 
# 
_em_experiment.entry_id                9C4N 
_em_experiment.id                      1 
_em_experiment.reconstruction_method   'SINGLE PARTICLE' 
_em_experiment.aggregation_state       PARTICLE 
_em_experiment.entity_assembly_id      1 
# 
loop_
_pdbx_unobs_or_zero_occ_residues.id 
_pdbx_unobs_or_zero_occ_residues.PDB_model_num 
_pdbx_unobs_or_zero_occ_residues.polymer_flag 
_pdbx_unobs_or_zero_occ_residues.occupancy_flag 
_pdbx_unobs_or_zero_occ_residues.auth_asym_id 
_pdbx_unobs_or_zero_occ_residues.auth_comp_id 
_pdbx_unobs_or_zero_occ_residues.auth_seq_id 
_pdbx_unobs_or_zero_occ_residues.PDB_ins_code 
_pdbx_unobs_or_zero_occ_residues.label_asym_id 
_pdbx_unobs_or_zero_occ_residues.label_comp_id 
_pdbx_unobs_or_zero_occ_residues.label_seq_id 
1   1 Y 1 Y MET 1   ? A MET 1   
2   1 Y 1 Y LYS 2   ? A LYS 2   
3   1 Y 1 Y PRO 3   ? A PRO 3   
4   1 Y 1 Y PRO 4   ? A PRO 4   
5   1 Y 1 Y ARG 5   ? A ARG 5   
6   1 Y 1 Y PRO 6   ? A PRO 6   
7   1 Y 1 Y VAL 7   ? A VAL 7   
8   1 Y 1 Y ARG 8   ? A ARG 8   
9   1 Y 1 Y THR 9   ? A THR 9   
10  1 Y 1 Y CYS 10  ? A CYS 10  
11  1 Y 1 Y SER 11  ? A SER 11  
12  1 Y 1 Y LYS 12  ? A LYS 12  
13  1 Y 1 Y VAL 13  ? A VAL 13  
14  1 Y 1 Y LEU 14  ? A LEU 14  
15  1 Y 1 Y VAL 15  ? A VAL 15  
16  1 Y 1 Y LEU 16  ? A LEU 16  
17  1 Y 1 Y LEU 17  ? A LEU 17  
18  1 Y 1 Y SER 18  ? A SER 18  
19  1 Y 1 Y LEU 19  ? A LEU 19  
20  1 Y 1 Y LEU 20  ? A LEU 20  
21  1 Y 1 Y ALA 21  ? A ALA 21  
22  1 Y 1 Y ILE 22  ? A ILE 22  
23  1 Y 1 Y HIS 23  ? A HIS 23  
24  1 Y 1 Y GLN 24  ? A GLN 24  
25  1 Y 1 Y THR 25  ? A THR 25  
26  1 Y 1 Y THR 26  ? A THR 26  
27  1 Y 1 Y THR 27  ? A THR 27  
28  1 Y 1 Y ALA 28  ? A ALA 28  
29  1 Y 1 Y GLU 29  ? A GLU 29  
30  1 Y 1 Y LYS 30  ? A LYS 30  
31  1 Y 1 Y ASN 31  ? A ASN 31  
32  1 Y 1 Y GLY 32  ? A GLY 32  
33  1 Y 1 Y ILE 33  ? A ILE 33  
34  1 Y 1 Y ASP 34  ? A ASP 34  
35  1 Y 1 Y ILE 35  ? A ILE 35  
36  1 Y 1 Y TYR 36  ? A TYR 36  
37  1 Y 1 Y SER 37  ? A SER 37  
38  1 Y 1 Y LEU 38  ? A LEU 38  
39  1 Y 1 Y THR 39  ? A THR 39  
40  1 Y 1 Y VAL 40  ? A VAL 40  
41  1 Y 1 Y ASP 41  ? A ASP 41  
42  1 Y 1 Y SER 42  ? A SER 42  
43  1 Y 1 Y ARG 43  ? A ARG 43  
44  1 Y 1 Y VAL 44  ? A VAL 44  
45  1 Y 1 Y SER 45  ? A SER 45  
46  1 Y 1 Y SER 46  ? A SER 46  
47  1 Y 1 Y ARG 47  ? A ARG 47  
48  1 Y 1 Y PHE 48  ? A PHE 48  
49  1 Y 1 Y ALA 49  ? A ALA 49  
50  1 Y 1 Y HIS 50  ? A HIS 50  
51  1 Y 1 Y THR 51  ? A THR 51  
52  1 Y 1 Y VAL 52  ? A VAL 52  
53  1 Y 1 Y VAL 53  ? A VAL 53  
54  1 Y 1 Y THR 54  ? A THR 54  
55  1 Y 1 Y SER 55  ? A SER 55  
56  1 Y 1 Y ARG 56  ? A ARG 56  
57  1 Y 1 Y VAL 57  ? A VAL 57  
58  1 Y 1 Y VAL 58  ? A VAL 58  
59  1 Y 1 Y ASN 59  ? A ASN 59  
60  1 Y 1 Y ARG 60  ? A ARG 60  
61  1 Y 1 Y ALA 61  ? A ALA 61  
62  1 Y 1 Y ASN 62  ? A ASN 62  
63  1 Y 1 Y THR 63  ? A THR 63  
64  1 Y 1 Y VAL 64  ? A VAL 64  
65  1 Y 1 Y GLN 65  ? A GLN 65  
66  1 Y 1 Y GLU 66  ? A GLU 66  
67  1 Y 1 Y ALA 67  ? A ALA 67  
68  1 Y 1 Y THR 68  ? A THR 68  
69  1 Y 1 Y PHE 69  ? A PHE 69  
70  1 Y 1 Y GLN 70  ? A GLN 70  
71  1 Y 1 Y MET 71  ? A MET 71  
72  1 Y 1 Y GLU 72  ? A GLU 72  
73  1 Y 1 Y LEU 73  ? A LEU 73  
74  1 Y 1 Y PRO 74  ? A PRO 74  
75  1 Y 1 Y LYS 75  ? A LYS 75  
76  1 Y 1 Y LYS 76  ? A LYS 76  
77  1 Y 1 Y ALA 77  ? A ALA 77  
78  1 Y 1 Y PHE 78  ? A PHE 78  
79  1 Y 1 Y ILE 79  ? A ILE 79  
80  1 Y 1 Y THR 80  ? A THR 80  
81  1 Y 1 Y ASN 81  ? A ASN 81  
82  1 Y 1 Y PHE 82  ? A PHE 82  
83  1 Y 1 Y SER 83  ? A SER 83  
84  1 Y 1 Y MET 84  ? A MET 84  
85  1 Y 1 Y ILE 85  ? A ILE 85  
86  1 Y 1 Y ILE 86  ? A ILE 86  
87  1 Y 1 Y ASP 87  ? A ASP 87  
88  1 Y 1 Y GLY 88  ? A GLY 88  
89  1 Y 1 Y MET 89  ? A MET 89  
90  1 Y 1 Y THR 90  ? A THR 90  
91  1 Y 1 Y TYR 91  ? A TYR 91  
92  1 Y 1 Y PRO 92  ? A PRO 92  
93  1 Y 1 Y GLY 93  ? A GLY 93  
94  1 Y 1 Y ILE 94  ? A ILE 94  
95  1 Y 1 Y ILE 95  ? A ILE 95  
96  1 Y 1 Y LYS 96  ? A LYS 96  
97  1 Y 1 Y GLU 97  ? A GLU 97  
98  1 Y 1 Y LYS 98  ? A LYS 98  
99  1 Y 1 Y ALA 99  ? A ALA 99  
100 1 Y 1 Y GLU 100 ? A GLU 100 
101 1 Y 1 Y ALA 101 ? A ALA 101 
102 1 Y 1 Y GLN 102 ? A GLN 102 
103 1 Y 1 Y ALA 103 ? A ALA 103 
104 1 Y 1 Y GLN 104 ? A GLN 104 
105 1 Y 1 Y TYR 105 ? A TYR 105 
106 1 Y 1 Y SER 106 ? A SER 106 
107 1 Y 1 Y ALA 107 ? A ALA 107 
108 1 Y 1 Y ALA 108 ? A ALA 108 
109 1 Y 1 Y VAL 109 ? A VAL 109 
110 1 Y 1 Y ALA 110 ? A ALA 110 
111 1 Y 1 Y LYS 111 ? A LYS 111 
112 1 Y 1 Y GLY 112 ? A GLY 112 
113 1 Y 1 Y LYS 113 ? A LYS 113 
114 1 Y 1 Y SER 114 ? A SER 114 
115 1 Y 1 Y ALA 115 ? A ALA 115 
116 1 Y 1 Y GLY 116 ? A GLY 116 
117 1 Y 1 Y LEU 117 ? A LEU 117 
118 1 Y 1 Y VAL 118 ? A VAL 118 
119 1 Y 1 Y LYS 119 ? A LYS 119 
120 1 Y 1 Y ALA 120 ? A ALA 120 
121 1 Y 1 Y THR 121 ? A THR 121 
122 1 Y 1 Y GLY 122 ? A GLY 122 
123 1 Y 1 Y ARG 123 ? A ARG 123 
124 1 Y 1 Y ASN 124 ? A ASN 124 
125 1 Y 1 Y MET 125 ? A MET 125 
126 1 Y 1 Y GLU 126 ? A GLU 126 
127 1 Y 1 Y GLN 127 ? A GLN 127 
128 1 Y 1 Y PHE 128 ? A PHE 128 
129 1 Y 1 Y GLN 129 ? A GLN 129 
130 1 Y 1 Y VAL 130 ? A VAL 130 
131 1 Y 1 Y SER 131 ? A SER 131 
132 1 Y 1 Y VAL 132 ? A VAL 132 
133 1 Y 1 Y SER 133 ? A SER 133 
134 1 Y 1 Y VAL 134 ? A VAL 134 
135 1 Y 1 Y ALA 135 ? A ALA 135 
136 1 Y 1 Y PRO 136 ? A PRO 136 
137 1 Y 1 Y ASN 137 ? A ASN 137 
138 1 Y 1 Y ALA 138 ? A ALA 138 
139 1 Y 1 Y LYS 139 ? A LYS 139 
140 1 Y 1 Y ILE 140 ? A ILE 140 
141 1 Y 1 Y THR 141 ? A THR 141 
142 1 Y 1 Y PHE 142 ? A PHE 142 
143 1 Y 1 Y GLU 143 ? A GLU 143 
144 1 Y 1 Y LEU 144 ? A LEU 144 
145 1 Y 1 Y VAL 145 ? A VAL 145 
146 1 Y 1 Y TYR 146 ? A TYR 146 
147 1 Y 1 Y GLU 147 ? A GLU 147 
148 1 Y 1 Y GLU 148 ? A GLU 148 
149 1 Y 1 Y LEU 149 ? A LEU 149 
150 1 Y 1 Y LEU 150 ? A LEU 150 
151 1 Y 1 Y LYS 151 ? A LYS 151 
152 1 Y 1 Y ARG 152 ? A ARG 152 
153 1 Y 1 Y ARG 153 ? A ARG 153 
154 1 Y 1 Y LEU 154 ? A LEU 154 
155 1 Y 1 Y GLY 155 ? A GLY 155 
156 1 Y 1 Y VAL 156 ? A VAL 156 
157 1 Y 1 Y TYR 157 ? A TYR 157 
158 1 Y 1 Y GLU 158 ? A GLU 158 
159 1 Y 1 Y LEU 159 ? A LEU 159 
160 1 Y 1 Y LEU 160 ? A LEU 160 
161 1 Y 1 Y LEU 161 ? A LEU 161 
162 1 Y 1 Y LYS 162 ? A LYS 162 
163 1 Y 1 Y VAL 163 ? A VAL 163 
164 1 Y 1 Y ARG 164 ? A ARG 164 
165 1 Y 1 Y PRO 165 ? A PRO 165 
166 1 Y 1 Y GLN 166 ? A GLN 166 
167 1 Y 1 Y GLN 167 ? A GLN 167 
168 1 Y 1 Y LEU 168 ? A LEU 168 
169 1 Y 1 Y VAL 169 ? A VAL 169 
170 1 Y 1 Y LYS 170 ? A LYS 170 
171 1 Y 1 Y HIS 171 ? A HIS 171 
172 1 Y 1 Y LEU 172 ? A LEU 172 
173 1 Y 1 Y GLN 173 ? A GLN 173 
174 1 Y 1 Y MET 174 ? A MET 174 
175 1 Y 1 Y ASP 175 ? A ASP 175 
176 1 Y 1 Y ILE 176 ? A ILE 176 
177 1 Y 1 Y HIS 177 ? A HIS 177 
178 1 Y 1 Y ILE 178 ? A ILE 178 
179 1 Y 1 Y PHE 179 ? A PHE 179 
180 1 Y 1 Y GLU 180 ? A GLU 180 
181 1 Y 1 Y PRO 181 ? A PRO 181 
182 1 Y 1 Y GLN 182 ? A GLN 182 
183 1 Y 1 Y GLY 183 ? A GLY 183 
184 1 Y 1 Y ILE 184 ? A ILE 184 
185 1 Y 1 Y SER 185 ? A SER 185 
186 1 Y 1 Y PHE 186 ? A PHE 186 
187 1 Y 1 Y LEU 187 ? A LEU 187 
188 1 Y 1 Y GLU 188 ? A GLU 188 
189 1 Y 1 Y THR 189 ? A THR 189 
190 1 Y 1 Y GLU 190 ? A GLU 190 
191 1 Y 1 Y SER 191 ? A SER 191 
192 1 Y 1 Y THR 192 ? A THR 192 
193 1 Y 1 Y PHE 193 ? A PHE 193 
194 1 Y 1 Y MET 194 ? A MET 194 
195 1 Y 1 Y THR 195 ? A THR 195 
196 1 Y 1 Y ASN 196 ? A ASN 196 
197 1 Y 1 Y GLN 197 ? A GLN 197 
198 1 Y 1 Y LEU 198 ? A LEU 198 
199 1 Y 1 Y VAL 199 ? A VAL 199 
200 1 Y 1 Y ASP 200 ? A ASP 200 
201 1 Y 1 Y ALA 201 ? A ALA 201 
202 1 Y 1 Y LEU 202 ? A LEU 202 
203 1 Y 1 Y THR 203 ? A THR 203 
204 1 Y 1 Y THR 204 ? A THR 204 
205 1 Y 1 Y TRP 205 ? A TRP 205 
206 1 Y 1 Y GLN 206 ? A GLN 206 
207 1 Y 1 Y ASN 207 ? A ASN 207 
208 1 Y 1 Y LYS 208 ? A LYS 208 
209 1 Y 1 Y THR 209 ? A THR 209 
210 1 Y 1 Y LYS 210 ? A LYS 210 
211 1 Y 1 Y ALA 211 ? A ALA 211 
212 1 Y 1 Y HIS 212 ? A HIS 212 
213 1 Y 1 Y ILE 213 ? A ILE 213 
214 1 Y 1 Y ARG 214 ? A ARG 214 
215 1 Y 1 Y PHE 215 ? A PHE 215 
216 1 Y 1 Y LYS 216 ? A LYS 216 
217 1 Y 1 Y PRO 217 ? A PRO 217 
218 1 Y 1 Y THR 218 ? A THR 218 
219 1 Y 1 Y LEU 219 ? A LEU 219 
220 1 Y 1 Y SER 220 ? A SER 220 
221 1 Y 1 Y GLN 221 ? A GLN 221 
222 1 Y 1 Y GLN 222 ? A GLN 222 
223 1 Y 1 Y GLN 223 ? A GLN 223 
224 1 Y 1 Y LYS 224 ? A LYS 224 
225 1 Y 1 Y SER 225 ? A SER 225 
226 1 Y 1 Y PRO 226 ? A PRO 226 
227 1 Y 1 Y GLU 227 ? A GLU 227 
228 1 Y 1 Y GLN 228 ? A GLN 228 
229 1 Y 1 Y GLN 229 ? A GLN 229 
230 1 Y 1 Y GLU 230 ? A GLU 230 
231 1 Y 1 Y THR 231 ? A THR 231 
232 1 Y 1 Y VAL 232 ? A VAL 232 
233 1 Y 1 Y LEU 233 ? A LEU 233 
234 1 Y 1 Y ASP 234 ? A ASP 234 
235 1 Y 1 Y GLY 235 ? A GLY 235 
236 1 Y 1 Y ASN 236 ? A ASN 236 
237 1 Y 1 Y LEU 237 ? A LEU 237 
238 1 Y 1 Y ILE 238 ? A ILE 238 
239 1 Y 1 Y ILE 239 ? A ILE 239 
240 1 Y 1 Y ARG 240 ? A ARG 240 
241 1 Y 1 Y TYR 241 ? A TYR 241 
242 1 Y 1 Y ASP 242 ? A ASP 242 
243 1 Y 1 Y VAL 243 ? A VAL 243 
244 1 Y 1 Y ASP 244 ? A ASP 244 
245 1 Y 1 Y ARG 245 ? A ARG 245 
246 1 Y 1 Y ALA 246 ? A ALA 246 
247 1 Y 1 Y ILE 247 ? A ILE 247 
248 1 Y 1 Y SER 248 ? A SER 248 
249 1 Y 1 Y GLY 249 ? A GLY 249 
250 1 Y 1 Y GLY 250 ? A GLY 250 
251 1 Y 1 Y SER 251 ? A SER 251 
252 1 Y 1 Y ILE 252 ? A ILE 252 
253 1 Y 1 Y GLN 253 ? A GLN 253 
254 1 Y 1 Y ILE 254 ? A ILE 254 
255 1 Y 1 Y GLU 255 ? A GLU 255 
256 1 Y 1 Y ASN 256 ? A ASN 256 
257 1 Y 1 Y GLY 257 ? A GLY 257 
258 1 Y 1 Y TYR 258 ? A TYR 258 
259 1 Y 1 Y PHE 259 ? A PHE 259 
260 1 Y 1 Y VAL 260 ? A VAL 260 
261 1 Y 1 Y HIS 261 ? A HIS 261 
262 1 Y 1 Y TYR 262 ? A TYR 262 
263 1 Y 1 Y PHE 263 ? A PHE 263 
264 1 Y 1 Y ALA 264 ? A ALA 264 
265 1 Y 1 Y PRO 265 ? A PRO 265 
266 1 Y 1 Y GLU 266 ? A GLU 266 
267 1 Y 1 Y GLY 267 ? A GLY 267 
268 1 Y 1 Y LEU 268 ? A LEU 268 
269 1 Y 1 Y THR 269 ? A THR 269 
270 1 Y 1 Y THR 270 ? A THR 270 
271 1 Y 1 Y MET 271 ? A MET 271 
272 1 Y 1 Y PRO 272 ? A PRO 272 
273 1 Y 1 Y LYS 273 ? A LYS 273 
274 1 Y 1 Y ASN 274 ? A ASN 274 
275 1 Y 1 Y VAL 275 ? A VAL 275 
276 1 Y 1 Y VAL 276 ? A VAL 276 
277 1 Y 1 Y PHE 277 ? A PHE 277 
278 1 Y 1 Y VAL 278 ? A VAL 278 
279 1 Y 1 Y ILE 279 ? A ILE 279 
280 1 Y 1 Y ASP 280 ? A ASP 280 
281 1 Y 1 Y LYS 281 ? A LYS 281 
282 1 Y 1 Y SER 282 ? A SER 282 
283 1 Y 1 Y GLY 283 ? A GLY 283 
284 1 Y 1 Y SER 284 ? A SER 284 
285 1 Y 1 Y MET 285 ? A MET 285 
286 1 Y 1 Y SER 286 ? A SER 286 
287 1 Y 1 Y GLY 287 ? A GLY 287 
288 1 Y 1 Y ARG 288 ? A ARG 288 
289 1 Y 1 Y LYS 289 ? A LYS 289 
290 1 Y 1 Y ILE 290 ? A ILE 290 
291 1 Y 1 Y GLN 291 ? A GLN 291 
292 1 Y 1 Y GLN 292 ? A GLN 292 
293 1 Y 1 Y THR 293 ? A THR 293 
294 1 Y 1 Y ARG 294 ? A ARG 294 
295 1 Y 1 Y GLU 295 ? A GLU 295 
296 1 Y 1 Y ALA 296 ? A ALA 296 
297 1 Y 1 Y LEU 297 ? A LEU 297 
298 1 Y 1 Y ILE 298 ? A ILE 298 
299 1 Y 1 Y LYS 299 ? A LYS 299 
300 1 Y 1 Y ILE 300 ? A ILE 300 
301 1 Y 1 Y LEU 301 ? A LEU 301 
302 1 Y 1 Y ASP 302 ? A ASP 302 
303 1 Y 1 Y ASP 303 ? A ASP 303 
304 1 Y 1 Y LEU 304 ? A LEU 304 
305 1 Y 1 Y SER 305 ? A SER 305 
306 1 Y 1 Y PRO 306 ? A PRO 306 
307 1 Y 1 Y ARG 307 ? A ARG 307 
308 1 Y 1 Y ASP 308 ? A ASP 308 
309 1 Y 1 Y GLN 309 ? A GLN 309 
310 1 Y 1 Y PHE 310 ? A PHE 310 
311 1 Y 1 Y ASN 311 ? A ASN 311 
312 1 Y 1 Y LEU 312 ? A LEU 312 
313 1 Y 1 Y ILE 313 ? A ILE 313 
314 1 Y 1 Y VAL 314 ? A VAL 314 
315 1 Y 1 Y PHE 315 ? A PHE 315 
316 1 Y 1 Y SER 316 ? A SER 316 
317 1 Y 1 Y THR 317 ? A THR 317 
318 1 Y 1 Y GLU 318 ? A GLU 318 
319 1 Y 1 Y ALA 319 ? A ALA 319 
320 1 Y 1 Y THR 320 ? A THR 320 
321 1 Y 1 Y GLN 321 ? A GLN 321 
322 1 Y 1 Y TRP 322 ? A TRP 322 
323 1 Y 1 Y ARG 323 ? A ARG 323 
324 1 Y 1 Y PRO 324 ? A PRO 324 
325 1 Y 1 Y SER 325 ? A SER 325 
326 1 Y 1 Y LEU 326 ? A LEU 326 
327 1 Y 1 Y VAL 327 ? A VAL 327 
328 1 Y 1 Y PRO 328 ? A PRO 328 
329 1 Y 1 Y ALA 329 ? A ALA 329 
330 1 Y 1 Y SER 330 ? A SER 330 
331 1 Y 1 Y ALA 331 ? A ALA 331 
332 1 Y 1 Y GLU 332 ? A GLU 332 
333 1 Y 1 Y ASN 333 ? A ASN 333 
334 1 Y 1 Y VAL 334 ? A VAL 334 
335 1 Y 1 Y ASN 335 ? A ASN 335 
336 1 Y 1 Y LYS 336 ? A LYS 336 
337 1 Y 1 Y ALA 337 ? A ALA 337 
338 1 Y 1 Y ARG 338 ? A ARG 338 
339 1 Y 1 Y SER 339 ? A SER 339 
340 1 Y 1 Y PHE 340 ? A PHE 340 
341 1 Y 1 Y ALA 341 ? A ALA 341 
342 1 Y 1 Y ALA 342 ? A ALA 342 
343 1 Y 1 Y GLY 343 ? A GLY 343 
344 1 Y 1 Y ILE 344 ? A ILE 344 
345 1 Y 1 Y GLN 345 ? A GLN 345 
346 1 Y 1 Y ALA 346 ? A ALA 346 
347 1 Y 1 Y LEU 347 ? A LEU 347 
348 1 Y 1 Y GLY 348 ? A GLY 348 
349 1 Y 1 Y GLY 349 ? A GLY 349 
350 1 Y 1 Y THR 350 ? A THR 350 
351 1 Y 1 Y ASN 351 ? A ASN 351 
352 1 Y 1 Y ILE 352 ? A ILE 352 
353 1 Y 1 Y ASN 353 ? A ASN 353 
354 1 Y 1 Y ASP 354 ? A ASP 354 
355 1 Y 1 Y ALA 355 ? A ALA 355 
356 1 Y 1 Y MET 356 ? A MET 356 
357 1 Y 1 Y LEU 357 ? A LEU 357 
358 1 Y 1 Y MET 358 ? A MET 358 
359 1 Y 1 Y ALA 359 ? A ALA 359 
360 1 Y 1 Y VAL 360 ? A VAL 360 
361 1 Y 1 Y GLN 361 ? A GLN 361 
362 1 Y 1 Y LEU 362 ? A LEU 362 
363 1 Y 1 Y LEU 363 ? A LEU 363 
364 1 Y 1 Y ASP 364 ? A ASP 364 
365 1 Y 1 Y SER 365 ? A SER 365 
366 1 Y 1 Y SER 366 ? A SER 366 
367 1 Y 1 Y ASN 367 ? A ASN 367 
368 1 Y 1 Y GLN 368 ? A GLN 368 
369 1 Y 1 Y GLU 369 ? A GLU 369 
370 1 Y 1 Y GLU 370 ? A GLU 370 
371 1 Y 1 Y ARG 371 ? A ARG 371 
372 1 Y 1 Y LEU 372 ? A LEU 372 
373 1 Y 1 Y PRO 373 ? A PRO 373 
374 1 Y 1 Y GLU 374 ? A GLU 374 
375 1 Y 1 Y GLY 375 ? A GLY 375 
376 1 Y 1 Y SER 376 ? A SER 376 
377 1 Y 1 Y VAL 377 ? A VAL 377 
378 1 Y 1 Y SER 378 ? A SER 378 
379 1 Y 1 Y LEU 379 ? A LEU 379 
380 1 Y 1 Y ILE 380 ? A ILE 380 
381 1 Y 1 Y ILE 381 ? A ILE 381 
382 1 Y 1 Y LEU 382 ? A LEU 382 
383 1 Y 1 Y LEU 383 ? A LEU 383 
384 1 Y 1 Y THR 384 ? A THR 384 
385 1 Y 1 Y ASP 385 ? A ASP 385 
386 1 Y 1 Y GLY 386 ? A GLY 386 
387 1 Y 1 Y ASP 387 ? A ASP 387 
388 1 Y 1 Y PRO 388 ? A PRO 388 
389 1 Y 1 Y THR 389 ? A THR 389 
390 1 Y 1 Y VAL 390 ? A VAL 390 
391 1 Y 1 Y GLY 391 ? A GLY 391 
392 1 Y 1 Y GLU 392 ? A GLU 392 
393 1 Y 1 Y THR 393 ? A THR 393 
394 1 Y 1 Y ASN 394 ? A ASN 394 
395 1 Y 1 Y PRO 395 ? A PRO 395 
396 1 Y 1 Y ARG 396 ? A ARG 396 
397 1 Y 1 Y SER 397 ? A SER 397 
398 1 Y 1 Y ILE 398 ? A ILE 398 
399 1 Y 1 Y GLN 399 ? A GLN 399 
400 1 Y 1 Y ASN 400 ? A ASN 400 
401 1 Y 1 Y ASN 401 ? A ASN 401 
402 1 Y 1 Y VAL 402 ? A VAL 402 
403 1 Y 1 Y ARG 403 ? A ARG 403 
404 1 Y 1 Y GLU 404 ? A GLU 404 
405 1 Y 1 Y ALA 405 ? A ALA 405 
406 1 Y 1 Y VAL 406 ? A VAL 406 
407 1 Y 1 Y SER 407 ? A SER 407 
408 1 Y 1 Y GLY 408 ? A GLY 408 
409 1 Y 1 Y ARG 409 ? A ARG 409 
410 1 Y 1 Y TYR 410 ? A TYR 410 
411 1 Y 1 Y SER 411 ? A SER 411 
412 1 Y 1 Y LEU 412 ? A LEU 412 
413 1 Y 1 Y PHE 413 ? A PHE 413 
414 1 Y 1 Y CYS 414 ? A CYS 414 
415 1 Y 1 Y LEU 415 ? A LEU 415 
416 1 Y 1 Y GLY 416 ? A GLY 416 
417 1 Y 1 Y PHE 417 ? A PHE 417 
418 1 Y 1 Y GLY 418 ? A GLY 418 
419 1 Y 1 Y PHE 419 ? A PHE 419 
420 1 Y 1 Y ASP 420 ? A ASP 420 
421 1 Y 1 Y VAL 421 ? A VAL 421 
422 1 Y 1 Y SER 422 ? A SER 422 
423 1 Y 1 Y TYR 423 ? A TYR 423 
424 1 Y 1 Y ALA 424 ? A ALA 424 
425 1 Y 1 Y PHE 425 ? A PHE 425 
426 1 Y 1 Y LEU 426 ? A LEU 426 
427 1 Y 1 Y GLU 427 ? A GLU 427 
428 1 Y 1 Y LYS 428 ? A LYS 428 
429 1 Y 1 Y LEU 429 ? A LEU 429 
430 1 Y 1 Y ALA 430 ? A ALA 430 
431 1 Y 1 Y LEU 431 ? A LEU 431 
432 1 Y 1 Y ASP 432 ? A ASP 432 
433 1 Y 1 Y ASN 433 ? A ASN 433 
434 1 Y 1 Y GLY 434 ? A GLY 434 
435 1 Y 1 Y GLY 435 ? A GLY 435 
436 1 Y 1 Y LEU 436 ? A LEU 436 
437 1 Y 1 Y ALA 437 ? A ALA 437 
438 1 Y 1 Y ARG 438 ? A ARG 438 
439 1 Y 1 Y ARG 439 ? A ARG 439 
440 1 Y 1 Y ILE 440 ? A ILE 440 
441 1 Y 1 Y HIS 441 ? A HIS 441 
442 1 Y 1 Y GLU 442 ? A GLU 442 
443 1 Y 1 Y ASP 443 ? A ASP 443 
444 1 Y 1 Y SER 444 ? A SER 444 
445 1 Y 1 Y ASP 445 ? A ASP 445 
446 1 Y 1 Y SER 446 ? A SER 446 
447 1 Y 1 Y ALA 447 ? A ALA 447 
448 1 Y 1 Y LEU 448 ? A LEU 448 
449 1 Y 1 Y GLN 449 ? A GLN 449 
450 1 Y 1 Y LEU 450 ? A LEU 450 
451 1 Y 1 Y GLN 451 ? A GLN 451 
452 1 Y 1 Y ASP 452 ? A ASP 452 
453 1 Y 1 Y PHE 453 ? A PHE 453 
454 1 Y 1 Y TYR 454 ? A TYR 454 
455 1 Y 1 Y GLN 455 ? A GLN 455 
456 1 Y 1 Y GLU 456 ? A GLU 456 
457 1 Y 1 Y VAL 457 ? A VAL 457 
458 1 Y 1 Y ALA 458 ? A ALA 458 
459 1 Y 1 Y ASN 459 ? A ASN 459 
460 1 Y 1 Y PRO 460 ? A PRO 460 
461 1 Y 1 Y LEU 461 ? A LEU 461 
462 1 Y 1 Y LEU 462 ? A LEU 462 
463 1 Y 1 Y THR 463 ? A THR 463 
464 1 Y 1 Y ALA 464 ? A ALA 464 
465 1 Y 1 Y VAL 465 ? A VAL 465 
466 1 Y 1 Y THR 466 ? A THR 466 
467 1 Y 1 Y PHE 467 ? A PHE 467 
468 1 Y 1 Y GLU 468 ? A GLU 468 
469 1 Y 1 Y TYR 469 ? A TYR 469 
470 1 Y 1 Y PRO 470 ? A PRO 470 
471 1 Y 1 Y SER 471 ? A SER 471 
472 1 Y 1 Y ASN 472 ? A ASN 472 
473 1 Y 1 Y ALA 473 ? A ALA 473 
474 1 Y 1 Y VAL 474 ? A VAL 474 
475 1 Y 1 Y GLU 475 ? A GLU 475 
476 1 Y 1 Y GLU 476 ? A GLU 476 
477 1 Y 1 Y VAL 477 ? A VAL 477 
478 1 Y 1 Y THR 478 ? A THR 478 
479 1 Y 1 Y GLN 479 ? A GLN 479 
480 1 Y 1 Y ASN 480 ? A ASN 480 
481 1 Y 1 Y ASN 481 ? A ASN 481 
482 1 Y 1 Y PHE 482 ? A PHE 482 
483 1 Y 1 Y ARG 483 ? A ARG 483 
484 1 Y 1 Y LEU 484 ? A LEU 484 
485 1 Y 1 Y LEU 485 ? A LEU 485 
486 1 Y 1 Y PHE 486 ? A PHE 486 
487 1 Y 1 Y LYS 487 ? A LYS 487 
488 1 Y 1 Y GLY 488 ? A GLY 488 
489 1 Y 1 Y SER 489 ? A SER 489 
490 1 Y 1 Y GLU 490 ? A GLU 490 
491 1 Y 1 Y MET 491 ? A MET 491 
492 1 Y 1 Y VAL 492 ? A VAL 492 
493 1 Y 1 Y VAL 493 ? A VAL 493 
494 1 Y 1 Y ALA 494 ? A ALA 494 
495 1 Y 1 Y GLY 495 ? A GLY 495 
496 1 Y 1 Y LYS 496 ? A LYS 496 
497 1 Y 1 Y LEU 497 ? A LEU 497 
498 1 Y 1 Y GLN 498 ? A GLN 498 
499 1 Y 1 Y ASP 499 ? A ASP 499 
500 1 Y 1 Y ARG 500 ? A ARG 500 
501 1 Y 1 Y GLY 501 ? A GLY 501 
502 1 Y 1 Y PRO 502 ? A PRO 502 
503 1 Y 1 Y ASP 503 ? A ASP 503 
504 1 Y 1 Y VAL 504 ? A VAL 504 
505 1 Y 1 Y LEU 505 ? A LEU 505 
506 1 Y 1 Y THR 506 ? A THR 506 
507 1 Y 1 Y ALA 507 ? A ALA 507 
508 1 Y 1 Y THR 508 ? A THR 508 
509 1 Y 1 Y VAL 509 ? A VAL 509 
510 1 Y 1 Y SER 510 ? A SER 510 
511 1 Y 1 Y GLY 511 ? A GLY 511 
512 1 Y 1 Y LYS 512 ? A LYS 512 
513 1 Y 1 Y LEU 513 ? A LEU 513 
514 1 Y 1 Y PRO 514 ? A PRO 514 
515 1 Y 1 Y THR 515 ? A THR 515 
516 1 Y 1 Y GLN 516 ? A GLN 516 
517 1 Y 1 Y ASN 517 ? A ASN 517 
518 1 Y 1 Y ILE 518 ? A ILE 518 
519 1 Y 1 Y THR 519 ? A THR 519 
520 1 Y 1 Y PHE 520 ? A PHE 520 
521 1 Y 1 Y GLN 521 ? A GLN 521 
522 1 Y 1 Y THR 522 ? A THR 522 
523 1 Y 1 Y GLU 523 ? A GLU 523 
524 1 Y 1 Y SER 524 ? A SER 524 
525 1 Y 1 Y SER 525 ? A SER 525 
526 1 Y 1 Y VAL 526 ? A VAL 526 
527 1 Y 1 Y ALA 527 ? A ALA 527 
528 1 Y 1 Y GLU 528 ? A GLU 528 
529 1 Y 1 Y GLN 529 ? A GLN 529 
530 1 Y 1 Y GLU 530 ? A GLU 530 
531 1 Y 1 Y ALA 531 ? A ALA 531 
532 1 Y 1 Y GLU 532 ? A GLU 532 
533 1 Y 1 Y PHE 533 ? A PHE 533 
534 1 Y 1 Y GLN 534 ? A GLN 534 
535 1 Y 1 Y SER 535 ? A SER 535 
536 1 Y 1 Y PRO 536 ? A PRO 536 
537 1 Y 1 Y LYS 537 ? A LYS 537 
538 1 Y 1 Y TYR 538 ? A TYR 538 
539 1 Y 1 Y ILE 539 ? A ILE 539 
540 1 Y 1 Y PHE 540 ? A PHE 540 
541 1 Y 1 Y HIS 541 ? A HIS 541 
542 1 Y 1 Y ASN 542 ? A ASN 542 
543 1 Y 1 Y PHE 543 ? A PHE 543 
544 1 Y 1 Y MET 544 ? A MET 544 
545 1 Y 1 Y GLU 545 ? A GLU 545 
546 1 Y 1 Y ARG 546 ? A ARG 546 
547 1 Y 1 Y LEU 547 ? A LEU 547 
548 1 Y 1 Y TRP 548 ? A TRP 548 
549 1 Y 1 Y ALA 549 ? A ALA 549 
550 1 Y 1 Y TYR 550 ? A TYR 550 
551 1 Y 1 Y LEU 551 ? A LEU 551 
552 1 Y 1 Y THR 552 ? A THR 552 
553 1 Y 1 Y ILE 553 ? A ILE 553 
554 1 Y 1 Y GLN 554 ? A GLN 554 
555 1 Y 1 Y GLN 555 ? A GLN 555 
556 1 Y 1 Y LEU 556 ? A LEU 556 
557 1 Y 1 Y LEU 557 ? A LEU 557 
558 1 Y 1 Y GLU 558 ? A GLU 558 
559 1 Y 1 Y GLN 559 ? A GLN 559 
560 1 Y 1 Y THR 560 ? A THR 560 
561 1 Y 1 Y VAL 561 ? A VAL 561 
562 1 Y 1 Y SER 562 ? A SER 562 
563 1 Y 1 Y ALA 563 ? A ALA 563 
564 1 Y 1 Y SER 564 ? A SER 564 
565 1 Y 1 Y ASP 565 ? A ASP 565 
566 1 Y 1 Y ALA 566 ? A ALA 566 
567 1 Y 1 Y ASP 567 ? A ASP 567 
568 1 Y 1 Y GLN 568 ? A GLN 568 
569 1 Y 1 Y GLN 569 ? A GLN 569 
570 1 Y 1 Y ALA 570 ? A ALA 570 
571 1 Y 1 Y LEU 571 ? A LEU 571 
572 1 Y 1 Y ARG 572 ? A ARG 572 
573 1 Y 1 Y ASN 573 ? A ASN 573 
574 1 Y 1 Y GLN 574 ? A GLN 574 
575 1 Y 1 Y ALA 575 ? A ALA 575 
576 1 Y 1 Y LEU 576 ? A LEU 576 
577 1 Y 1 Y ASN 577 ? A ASN 577 
578 1 Y 1 Y LEU 578 ? A LEU 578 
579 1 Y 1 Y SER 579 ? A SER 579 
580 1 Y 1 Y LEU 580 ? A LEU 580 
581 1 Y 1 Y ALA 581 ? A ALA 581 
582 1 Y 1 Y TYR 582 ? A TYR 582 
583 1 Y 1 Y SER 583 ? A SER 583 
584 1 Y 1 Y PHE 584 ? A PHE 584 
585 1 Y 1 Y VAL 585 ? A VAL 585 
586 1 Y 1 Y THR 586 ? A THR 586 
587 1 Y 1 Y PRO 587 ? A PRO 587 
588 1 Y 1 Y LEU 588 ? A LEU 588 
589 1 Y 1 Y THR 589 ? A THR 589 
590 1 Y 1 Y SER 590 ? A SER 590 
591 1 Y 1 Y MET 591 ? A MET 591 
592 1 Y 1 Y VAL 592 ? A VAL 592 
593 1 Y 1 Y VAL 593 ? A VAL 593 
594 1 Y 1 Y THR 594 ? A THR 594 
595 1 Y 1 Y LYS 595 ? A LYS 595 
596 1 Y 1 Y PRO 596 ? A PRO 596 
597 1 Y 1 Y ASP 597 ? A ASP 597 
598 1 Y 1 Y ASP 598 ? A ASP 598 
599 1 Y 1 Y GLN 599 ? A GLN 599 
600 1 Y 1 Y GLU 600 ? A GLU 600 
601 1 Y 1 Y GLN 601 ? A GLN 601 
602 1 Y 1 Y SER 602 ? A SER 602 
603 1 Y 1 Y GLN 603 ? A GLN 603 
604 1 Y 1 Y VAL 604 ? A VAL 604 
605 1 Y 1 Y ALA 605 ? A ALA 605 
606 1 Y 1 Y GLU 606 ? A GLU 606 
607 1 Y 1 Y LYS 607 ? A LYS 607 
608 1 Y 1 Y PRO 608 ? A PRO 608 
609 1 Y 1 Y MET 609 ? A MET 609 
610 1 Y 1 Y GLU 610 ? A GLU 610 
611 1 Y 1 Y GLY 611 ? A GLY 611 
612 1 Y 1 Y GLU 612 ? A GLU 612 
613 1 Y 1 Y SER 613 ? A SER 613 
614 1 Y 1 Y ARG 614 ? A ARG 614 
615 1 Y 1 Y ASN 615 ? A ASN 615 
616 1 Y 1 Y ARG 616 ? A ARG 616 
617 1 Y 1 Y ASN 617 ? A ASN 617 
618 1 Y 1 Y VAL 618 ? A VAL 618 
619 1 Y 1 Y HIS 619 ? A HIS 619 
620 1 Y 1 Y SER 620 ? A SER 620 
621 1 Y 1 Y GLY 621 ? A GLY 621 
622 1 Y 1 Y SER 622 ? A SER 622 
623 1 Y 1 Y THR 623 ? A THR 623 
624 1 Y 1 Y PHE 624 ? A PHE 624 
625 1 Y 1 Y PHE 625 ? A PHE 625 
626 1 Y 1 Y LYS 626 ? A LYS 626 
627 1 Y 1 Y TYR 627 ? A TYR 627 
628 1 Y 1 Y TYR 628 ? A TYR 628 
629 1 Y 1 Y LEU 629 ? A LEU 629 
630 1 Y 1 Y GLN 630 ? A GLN 630 
631 1 Y 1 Y GLY 631 ? A GLY 631 
632 1 Y 1 Y ALA 632 ? A ALA 632 
633 1 Y 1 Y LYS 633 ? A LYS 633 
634 1 Y 1 Y ILE 634 ? A ILE 634 
635 1 Y 1 Y PRO 635 ? A PRO 635 
636 1 Y 1 Y LYS 636 ? A LYS 636 
637 1 Y 1 Y PRO 637 ? A PRO 637 
638 1 Y 1 Y GLU 638 ? A GLU 638 
639 1 Y 1 Y ALA 639 ? A ALA 639 
640 1 Y 1 Y SER 640 ? A SER 640 
641 1 Y 1 Y PHE 641 ? A PHE 641 
642 1 Y 1 Y SER 642 ? A SER 642 
643 1 Y 1 Y PRO 643 ? A PRO 643 
644 1 Y 1 Y ARG 644 ? A ARG 644 
645 1 Y 1 Y ARG 645 ? A ARG 645 
646 1 Y 1 Y GLY 646 ? A GLY 646 
647 1 Y 1 Y TRP 647 ? A TRP 647 
648 1 Y 1 Y ASN 648 ? A ASN 648 
649 1 Y 1 Y ARG 649 ? A ARG 649 
650 1 Y 1 Y GLN 650 ? A GLN 650 
651 1 Y 1 Y ALA 651 ? A ALA 651 
652 1 Y 1 Y GLY 652 ? A GLY 652 
653 1 Y 1 Y ALA 653 ? A ALA 653 
654 1 Y 1 Y ALA 654 ? A ALA 654 
655 1 Y 1 Y GLY 655 ? A GLY 655 
656 1 Y 1 Y SER 656 ? A SER 656 
657 1 Y 1 Y ARG 657 ? A ARG 657 
658 1 Y 1 Y MET 658 ? A MET 658 
659 1 Y 1 Y ASN 659 ? A ASN 659 
660 1 Y 1 Y PHE 660 ? A PHE 660 
661 1 Y 1 Y LEU 670 ? A LEU 670 
662 1 Y 1 Y GLY 671 ? A GLY 671 
663 1 Y 1 Y LEU 672 ? A LEU 672 
664 1 Y 1 Y PRO 673 ? A PRO 673 
665 1 Y 1 Y GLY 674 ? A GLY 674 
666 1 Y 1 Y PRO 675 ? A PRO 675 
667 1 Y 1 Y PRO 676 ? A PRO 676 
668 1 Y 1 Y ASP 677 ? A ASP 677 
669 1 Y 1 Y VAL 678 ? A VAL 678 
670 1 Y 1 Y PRO 679 ? A PRO 679 
671 1 Y 1 Y ASP 680 ? A ASP 680 
672 1 Y 1 Y HIS 681 ? A HIS 681 
673 1 Y 1 Y ALA 682 ? A ALA 682 
674 1 Y 1 Y ALA 683 ? A ALA 683 
675 1 Y 1 Y TYR 684 ? A TYR 684 
676 1 Y 1 Y HIS 685 ? A HIS 685 
677 1 Y 1 Y PRO 686 ? A PRO 686 
678 1 Y 1 Y PHE 687 ? A PHE 687 
679 1 Y 1 Y ARG 688 ? A ARG 688 
680 1 Y 1 Y ARG 689 ? A ARG 689 
681 1 Y 1 Y LEU 690 ? A LEU 690 
682 1 Y 1 Y ALA 691 ? A ALA 691 
683 1 Y 1 Y ILE 692 ? A ILE 692 
684 1 Y 1 Y LEU 693 ? A LEU 693 
685 1 Y 1 Y PRO 694 ? A PRO 694 
686 1 Y 1 Y ALA 695 ? A ALA 695 
687 1 Y 1 Y SER 696 ? A SER 696 
688 1 Y 1 Y ALA 697 ? A ALA 697 
689 1 Y 1 Y PRO 698 ? A PRO 698 
690 1 Y 1 Y PRO 699 ? A PRO 699 
691 1 Y 1 Y ALA 700 ? A ALA 700 
692 1 Y 1 Y THR 701 ? A THR 701 
693 1 Y 1 Y SER 702 ? A SER 702 
694 1 Y 1 Y ASN 703 ? A ASN 703 
695 1 Y 1 Y PRO 704 ? A PRO 704 
696 1 Y 1 Y ASP 705 ? A ASP 705 
697 1 Y 1 Y PRO 706 ? A PRO 706 
698 1 Y 1 Y ALA 707 ? A ALA 707 
699 1 Y 1 Y VAL 708 ? A VAL 708 
700 1 Y 1 Y SER 709 ? A SER 709 
701 1 Y 1 Y ARG 710 ? A ARG 710 
702 1 Y 1 Y VAL 711 ? A VAL 711 
703 1 Y 1 Y MET 712 ? A MET 712 
704 1 Y 1 Y ASN 713 ? A ASN 713 
705 1 Y 1 Y MET 714 ? A MET 714 
706 1 Y 1 Y LYS 715 ? A LYS 715 
707 1 Y 1 Y ILE 716 ? A ILE 716 
708 1 Y 1 Y GLU 717 ? A GLU 717 
709 1 Y 1 Y GLU 718 ? A GLU 718 
710 1 Y 1 Y THR 719 ? A THR 719 
711 1 Y 1 Y THR 720 ? A THR 720 
712 1 Y 1 Y MET 721 ? A MET 721 
713 1 Y 1 Y THR 722 ? A THR 722 
714 1 Y 1 Y THR 723 ? A THR 723 
715 1 Y 1 Y GLN 724 ? A GLN 724 
716 1 Y 1 Y THR 725 ? A THR 725 
717 1 Y 1 Y PRO 726 ? A PRO 726 
718 1 Y 1 Y ALA 727 ? A ALA 727 
719 1 Y 1 Y PRO 728 ? A PRO 728 
720 1 Y 1 Y ILE 729 ? A ILE 729 
721 1 Y 1 Y GLN 730 ? A GLN 730 
722 1 Y 1 Y ALA 731 ? A ALA 731 
723 1 Y 1 Y PRO 732 ? A PRO 732 
724 1 Y 1 Y SER 733 ? A SER 733 
725 1 Y 1 Y ALA 734 ? A ALA 734 
726 1 Y 1 Y ILE 735 ? A ILE 735 
727 1 Y 1 Y LEU 736 ? A LEU 736 
728 1 Y 1 Y PRO 737 ? A PRO 737 
729 1 Y 1 Y LEU 738 ? A LEU 738 
730 1 Y 1 Y PRO 739 ? A PRO 739 
731 1 Y 1 Y GLY 740 ? A GLY 740 
732 1 Y 1 Y GLN 741 ? A GLN 741 
733 1 Y 1 Y SER 742 ? A SER 742 
734 1 Y 1 Y VAL 743 ? A VAL 743 
735 1 Y 1 Y GLU 744 ? A GLU 744 
736 1 Y 1 Y ARG 745 ? A ARG 745 
737 1 Y 1 Y LEU 746 ? A LEU 746 
738 1 Y 1 Y CYS 747 ? A CYS 747 
739 1 Y 1 Y VAL 748 ? A VAL 748 
740 1 Y 1 Y ASP 749 ? A ASP 749 
741 1 Y 1 Y PRO 750 ? A PRO 750 
742 1 Y 1 Y ARG 751 ? A ARG 751 
743 1 Y 1 Y HIS 752 ? A HIS 752 
744 1 Y 1 Y ARG 753 ? A ARG 753 
745 1 Y 1 Y GLN 754 ? A GLN 754 
746 1 Y 1 Y GLY 755 ? A GLY 755 
747 1 Y 1 Y PRO 756 ? A PRO 756 
748 1 Y 1 Y VAL 757 ? A VAL 757 
749 1 Y 1 Y ASN 758 ? A ASN 758 
750 1 Y 1 Y LEU 759 ? A LEU 759 
751 1 Y 1 Y LEU 760 ? A LEU 760 
752 1 Y 1 Y SER 761 ? A SER 761 
753 1 Y 1 Y ASP 762 ? A ASP 762 
754 1 Y 1 Y PRO 763 ? A PRO 763 
755 1 Y 1 Y GLU 764 ? A GLU 764 
756 1 Y 1 Y GLN 765 ? A GLN 765 
757 1 Y 1 Y GLY 766 ? A GLY 766 
758 1 Y 1 Y VAL 767 ? A VAL 767 
759 1 Y 1 Y GLU 768 ? A GLU 768 
760 1 Y 1 Y VAL 769 ? A VAL 769 
761 1 Y 1 Y THR 770 ? A THR 770 
762 1 Y 1 Y GLY 771 ? A GLY 771 
763 1 Y 1 Y GLN 772 ? A GLN 772 
764 1 Y 1 Y TYR 773 ? A TYR 773 
765 1 Y 1 Y GLU 774 ? A GLU 774 
766 1 Y 1 Y ARG 775 ? A ARG 775 
767 1 Y 1 Y GLU 776 ? A GLU 776 
768 1 Y 1 Y LYS 777 ? A LYS 777 
769 1 Y 1 Y ALA 778 ? A ALA 778 
770 1 Y 1 Y GLY 779 ? A GLY 779 
771 1 Y 1 Y PHE 780 ? A PHE 780 
772 1 Y 1 Y SER 781 ? A SER 781 
773 1 Y 1 Y TRP 782 ? A TRP 782 
774 1 Y 1 Y ILE 783 ? A ILE 783 
775 1 Y 1 Y GLU 784 ? A GLU 784 
776 1 Y 1 Y VAL 785 ? A VAL 785 
777 1 Y 1 Y THR 786 ? A THR 786 
778 1 Y 1 Y PHE 787 ? A PHE 787 
779 1 Y 1 Y LYS 788 ? A LYS 788 
780 1 Y 1 Y ASN 789 ? A ASN 789 
781 1 Y 1 Y PRO 790 ? A PRO 790 
782 1 Y 1 Y LEU 791 ? A LEU 791 
783 1 Y 1 Y VAL 792 ? A VAL 792 
784 1 Y 1 Y TRP 793 ? A TRP 793 
785 1 Y 1 Y VAL 794 ? A VAL 794 
786 1 Y 1 Y HIS 795 ? A HIS 795 
787 1 Y 1 Y ALA 796 ? A ALA 796 
788 1 Y 1 Y SER 797 ? A SER 797 
789 1 Y 1 Y PRO 798 ? A PRO 798 
790 1 Y 1 Y GLU 799 ? A GLU 799 
791 1 Y 1 Y HIS 800 ? A HIS 800 
792 1 Y 1 Y VAL 801 ? A VAL 801 
793 1 Y 1 Y VAL 802 ? A VAL 802 
794 1 Y 1 Y VAL 803 ? A VAL 803 
795 1 Y 1 Y THR 804 ? A THR 804 
796 1 Y 1 Y ARG 805 ? A ARG 805 
797 1 Y 1 Y ASN 806 ? A ASN 806 
798 1 Y 1 Y ARG 807 ? A ARG 807 
799 1 Y 1 Y ARG 808 ? A ARG 808 
800 1 Y 1 Y SER 809 ? A SER 809 
801 1 Y 1 Y SER 810 ? A SER 810 
802 1 Y 1 Y ALA 811 ? A ALA 811 
803 1 Y 1 Y TYR 812 ? A TYR 812 
804 1 Y 1 Y LYS 813 ? A LYS 813 
805 1 Y 1 Y TRP 814 ? A TRP 814 
806 1 Y 1 Y LYS 815 ? A LYS 815 
807 1 Y 1 Y GLU 816 ? A GLU 816 
808 1 Y 1 Y THR 817 ? A THR 817 
809 1 Y 1 Y LEU 818 ? A LEU 818 
810 1 Y 1 Y PHE 819 ? A PHE 819 
811 1 Y 1 Y SER 820 ? A SER 820 
812 1 Y 1 Y VAL 821 ? A VAL 821 
813 1 Y 1 Y MET 822 ? A MET 822 
814 1 Y 1 Y PRO 823 ? A PRO 823 
815 1 Y 1 Y GLY 824 ? A GLY 824 
816 1 Y 1 Y LEU 825 ? A LEU 825 
817 1 Y 1 Y LYS 826 ? A LYS 826 
818 1 Y 1 Y MET 827 ? A MET 827 
819 1 Y 1 Y THR 828 ? A THR 828 
820 1 Y 1 Y MET 829 ? A MET 829 
821 1 Y 1 Y ASP 830 ? A ASP 830 
822 1 Y 1 Y LYS 831 ? A LYS 831 
823 1 Y 1 Y THR 832 ? A THR 832 
824 1 Y 1 Y GLY 833 ? A GLY 833 
825 1 Y 1 Y LEU 834 ? A LEU 834 
826 1 Y 1 Y LEU 835 ? A LEU 835 
827 1 Y 1 Y LEU 836 ? A LEU 836 
828 1 Y 1 Y LEU 837 ? A LEU 837 
829 1 Y 1 Y SER 838 ? A SER 838 
830 1 Y 1 Y ASP 839 ? A ASP 839 
831 1 Y 1 Y PRO 840 ? A PRO 840 
832 1 Y 1 Y ASP 841 ? A ASP 841 
833 1 Y 1 Y LYS 842 ? A LYS 842 
834 1 Y 1 Y VAL 843 ? A VAL 843 
835 1 Y 1 Y THR 844 ? A THR 844 
836 1 Y 1 Y ILE 845 ? A ILE 845 
837 1 Y 1 Y GLY 846 ? A GLY 846 
838 1 Y 1 Y LEU 847 ? A LEU 847 
839 1 Y 1 Y LEU 848 ? A LEU 848 
840 1 Y 1 Y PHE 849 ? A PHE 849 
841 1 Y 1 Y TRP 850 ? A TRP 850 
842 1 Y 1 Y ASP 851 ? A ASP 851 
843 1 Y 1 Y GLY 852 ? A GLY 852 
844 1 Y 1 Y ARG 853 ? A ARG 853 
845 1 Y 1 Y GLY 854 ? A GLY 854 
846 1 Y 1 Y GLU 855 ? A GLU 855 
847 1 Y 1 Y GLY 856 ? A GLY 856 
848 1 Y 1 Y LEU 857 ? A LEU 857 
849 1 Y 1 Y ARG 858 ? A ARG 858 
850 1 Y 1 Y LEU 859 ? A LEU 859 
851 1 Y 1 Y LEU 860 ? A LEU 860 
852 1 Y 1 Y LEU 861 ? A LEU 861 
853 1 Y 1 Y ARG 862 ? A ARG 862 
854 1 Y 1 Y ASP 863 ? A ASP 863 
855 1 Y 1 Y THR 864 ? A THR 864 
856 1 Y 1 Y ASP 865 ? A ASP 865 
857 1 Y 1 Y ARG 866 ? A ARG 866 
858 1 Y 1 Y PHE 867 ? A PHE 867 
859 1 Y 1 Y SER 868 ? A SER 868 
860 1 Y 1 Y SER 869 ? A SER 869 
861 1 Y 1 Y HIS 870 ? A HIS 870 
862 1 Y 1 Y VAL 871 ? A VAL 871 
863 1 Y 1 Y GLY 872 ? A GLY 872 
864 1 Y 1 Y GLY 873 ? A GLY 873 
865 1 Y 1 Y THR 874 ? A THR 874 
866 1 Y 1 Y LEU 875 ? A LEU 875 
867 1 Y 1 Y GLY 876 ? A GLY 876 
868 1 Y 1 Y GLN 877 ? A GLN 877 
869 1 Y 1 Y PHE 878 ? A PHE 878 
870 1 Y 1 Y TYR 879 ? A TYR 879 
871 1 Y 1 Y GLN 880 ? A GLN 880 
872 1 Y 1 Y GLU 881 ? A GLU 881 
873 1 Y 1 Y VAL 882 ? A VAL 882 
874 1 Y 1 Y LEU 883 ? A LEU 883 
875 1 Y 1 Y TRP 884 ? A TRP 884 
876 1 Y 1 Y GLY 885 ? A GLY 885 
877 1 Y 1 Y SER 886 ? A SER 886 
878 1 Y 1 Y PRO 887 ? A PRO 887 
879 1 Y 1 Y ALA 888 ? A ALA 888 
880 1 Y 1 Y ALA 889 ? A ALA 889 
881 1 Y 1 Y SER 890 ? A SER 890 
882 1 Y 1 Y ASP 891 ? A ASP 891 
883 1 Y 1 Y ASP 892 ? A ASP 892 
884 1 Y 1 Y GLY 893 ? A GLY 893 
885 1 Y 1 Y ARG 894 ? A ARG 894 
886 1 Y 1 Y ARG 895 ? A ARG 895 
887 1 Y 1 Y THR 896 ? A THR 896 
888 1 Y 1 Y LEU 897 ? A LEU 897 
889 1 Y 1 Y ARG 898 ? A ARG 898 
890 1 Y 1 Y VAL 899 ? A VAL 899 
891 1 Y 1 Y GLN 900 ? A GLN 900 
892 1 Y 1 Y GLY 901 ? A GLY 901 
893 1 Y 1 Y ASN 902 ? A ASN 902 
894 1 Y 1 Y ASP 903 ? A ASP 903 
895 1 Y 1 Y HIS 904 ? A HIS 904 
896 1 Y 1 Y SER 905 ? A SER 905 
897 1 Y 1 Y ALA 906 ? A ALA 906 
898 1 Y 1 Y THR 907 ? A THR 907 
899 1 Y 1 Y ARG 908 ? A ARG 908 
900 1 Y 1 Y GLU 909 ? A GLU 909 
901 1 Y 1 Y ARG 910 ? A ARG 910 
902 1 Y 1 Y ARG 911 ? A ARG 911 
903 1 Y 1 Y LEU 912 ? A LEU 912 
904 1 Y 1 Y ASP 913 ? A ASP 913 
905 1 Y 1 Y TYR 914 ? A TYR 914 
906 1 Y 1 Y GLN 915 ? A GLN 915 
907 1 Y 1 Y GLU 916 ? A GLU 916 
908 1 Y 1 Y GLY 917 ? A GLY 917 
909 1 Y 1 Y PRO 918 ? A PRO 918 
910 1 Y 1 Y PRO 919 ? A PRO 919 
911 1 Y 1 Y GLY 920 ? A GLY 920 
912 1 Y 1 Y VAL 921 ? A VAL 921 
913 1 Y 1 Y GLU 922 ? A GLU 922 
914 1 Y 1 Y ILE 923 ? A ILE 923 
915 1 Y 1 Y SER 924 ? A SER 924 
916 1 Y 1 Y CYS 925 ? A CYS 925 
917 1 Y 1 Y TRP 926 ? A TRP 926 
918 1 Y 1 Y SER 927 ? A SER 927 
919 1 Y 1 Y VAL 928 ? A VAL 928 
920 1 Y 1 Y GLU 929 ? A GLU 929 
921 1 Y 1 Y LEU 930 ? A LEU 930 
# 
loop_
_chem_comp_atom.comp_id 
_chem_comp_atom.atom_id 
_chem_comp_atom.type_symbol 
_chem_comp_atom.pdbx_aromatic_flag 
_chem_comp_atom.pdbx_stereo_config 
_chem_comp_atom.pdbx_ordinal 
ALA N    N N N 1   
ALA CA   C N S 2   
ALA C    C N N 3   
ALA O    O N N 4   
ALA CB   C N N 5   
ALA OXT  O N N 6   
ALA H    H N N 7   
ALA H2   H N N 8   
ALA HA   H N N 9   
ALA HB1  H N N 10  
ALA HB2  H N N 11  
ALA HB3  H N N 12  
ALA HXT  H N N 13  
ARG N    N N N 14  
ARG CA   C N S 15  
ARG C    C N N 16  
ARG O    O N N 17  
ARG CB   C N N 18  
ARG CG   C N N 19  
ARG CD   C N N 20  
ARG NE   N N N 21  
ARG CZ   C N N 22  
ARG NH1  N N N 23  
ARG NH2  N N N 24  
ARG OXT  O N N 25  
ARG H    H N N 26  
ARG H2   H N N 27  
ARG HA   H N N 28  
ARG HB2  H N N 29  
ARG HB3  H N N 30  
ARG HG2  H N N 31  
ARG HG3  H N N 32  
ARG HD2  H N N 33  
ARG HD3  H N N 34  
ARG HE   H N N 35  
ARG HH11 H N N 36  
ARG HH12 H N N 37  
ARG HH21 H N N 38  
ARG HH22 H N N 39  
ARG HXT  H N N 40  
ASN N    N N N 41  
ASN CA   C N S 42  
ASN C    C N N 43  
ASN O    O N N 44  
ASN CB   C N N 45  
ASN CG   C N N 46  
ASN OD1  O N N 47  
ASN ND2  N N N 48  
ASN OXT  O N N 49  
ASN H    H N N 50  
ASN H2   H N N 51  
ASN HA   H N N 52  
ASN HB2  H N N 53  
ASN HB3  H N N 54  
ASN HD21 H N N 55  
ASN HD22 H N N 56  
ASN HXT  H N N 57  
ASP N    N N N 58  
ASP CA   C N S 59  
ASP C    C N N 60  
ASP O    O N N 61  
ASP CB   C N N 62  
ASP CG   C N N 63  
ASP OD1  O N N 64  
ASP OD2  O N N 65  
ASP OXT  O N N 66  
ASP H    H N N 67  
ASP H2   H N N 68  
ASP HA   H N N 69  
ASP HB2  H N N 70  
ASP HB3  H N N 71  
ASP HD2  H N N 72  
ASP HXT  H N N 73  
CYS N    N N N 74  
CYS CA   C N R 75  
CYS C    C N N 76  
CYS O    O N N 77  
CYS CB   C N N 78  
CYS SG   S N N 79  
CYS OXT  O N N 80  
CYS H    H N N 81  
CYS H2   H N N 82  
CYS HA   H N N 83  
CYS HB2  H N N 84  
CYS HB3  H N N 85  
CYS HG   H N N 86  
CYS HXT  H N N 87  
GLN N    N N N 88  
GLN CA   C N S 89  
GLN C    C N N 90  
GLN O    O N N 91  
GLN CB   C N N 92  
GLN CG   C N N 93  
GLN CD   C N N 94  
GLN OE1  O N N 95  
GLN NE2  N N N 96  
GLN OXT  O N N 97  
GLN H    H N N 98  
GLN H2   H N N 99  
GLN HA   H N N 100 
GLN HB2  H N N 101 
GLN HB3  H N N 102 
GLN HG2  H N N 103 
GLN HG3  H N N 104 
GLN HE21 H N N 105 
GLN HE22 H N N 106 
GLN HXT  H N N 107 
GLU N    N N N 108 
GLU CA   C N S 109 
GLU C    C N N 110 
GLU O    O N N 111 
GLU CB   C N N 112 
GLU CG   C N N 113 
GLU CD   C N N 114 
GLU OE1  O N N 115 
GLU OE2  O N N 116 
GLU OXT  O N N 117 
GLU H    H N N 118 
GLU H2   H N N 119 
GLU HA   H N N 120 
GLU HB2  H N N 121 
GLU HB3  H N N 122 
GLU HG2  H N N 123 
GLU HG3  H N N 124 
GLU HE2  H N N 125 
GLU HXT  H N N 126 
GLY N    N N N 127 
GLY CA   C N N 128 
GLY C    C N N 129 
GLY O    O N N 130 
GLY OXT  O N N 131 
GLY H    H N N 132 
GLY H2   H N N 133 
GLY HA2  H N N 134 
GLY HA3  H N N 135 
GLY HXT  H N N 136 
HIS N    N N N 137 
HIS CA   C N S 138 
HIS C    C N N 139 
HIS O    O N N 140 
HIS CB   C N N 141 
HIS CG   C Y N 142 
HIS ND1  N Y N 143 
HIS CD2  C Y N 144 
HIS CE1  C Y N 145 
HIS NE2  N Y N 146 
HIS OXT  O N N 147 
HIS H    H N N 148 
HIS H2   H N N 149 
HIS HA   H N N 150 
HIS HB2  H N N 151 
HIS HB3  H N N 152 
HIS HD1  H N N 153 
HIS HD2  H N N 154 
HIS HE1  H N N 155 
HIS HE2  H N N 156 
HIS HXT  H N N 157 
ILE N    N N N 158 
ILE CA   C N S 159 
ILE C    C N N 160 
ILE O    O N N 161 
ILE CB   C N S 162 
ILE CG1  C N N 163 
ILE CG2  C N N 164 
ILE CD1  C N N 165 
ILE OXT  O N N 166 
ILE H    H N N 167 
ILE H2   H N N 168 
ILE HA   H N N 169 
ILE HB   H N N 170 
ILE HG12 H N N 171 
ILE HG13 H N N 172 
ILE HG21 H N N 173 
ILE HG22 H N N 174 
ILE HG23 H N N 175 
ILE HD11 H N N 176 
ILE HD12 H N N 177 
ILE HD13 H N N 178 
ILE HXT  H N N 179 
LEU N    N N N 180 
LEU CA   C N S 181 
LEU C    C N N 182 
LEU O    O N N 183 
LEU CB   C N N 184 
LEU CG   C N N 185 
LEU CD1  C N N 186 
LEU CD2  C N N 187 
LEU OXT  O N N 188 
LEU H    H N N 189 
LEU H2   H N N 190 
LEU HA   H N N 191 
LEU HB2  H N N 192 
LEU HB3  H N N 193 
LEU HG   H N N 194 
LEU HD11 H N N 195 
LEU HD12 H N N 196 
LEU HD13 H N N 197 
LEU HD21 H N N 198 
LEU HD22 H N N 199 
LEU HD23 H N N 200 
LEU HXT  H N N 201 
LYS N    N N N 202 
LYS CA   C N S 203 
LYS C    C N N 204 
LYS O    O N N 205 
LYS CB   C N N 206 
LYS CG   C N N 207 
LYS CD   C N N 208 
LYS CE   C N N 209 
LYS NZ   N N N 210 
LYS OXT  O N N 211 
LYS H    H N N 212 
LYS H2   H N N 213 
LYS HA   H N N 214 
LYS HB2  H N N 215 
LYS HB3  H N N 216 
LYS HG2  H N N 217 
LYS HG3  H N N 218 
LYS HD2  H N N 219 
LYS HD3  H N N 220 
LYS HE2  H N N 221 
LYS HE3  H N N 222 
LYS HZ1  H N N 223 
LYS HZ2  H N N 224 
LYS HZ3  H N N 225 
LYS HXT  H N N 226 
MET N    N N N 227 
MET CA   C N S 228 
MET C    C N N 229 
MET O    O N N 230 
MET CB   C N N 231 
MET CG   C N N 232 
MET SD   S N N 233 
MET CE   C N N 234 
MET OXT  O N N 235 
MET H    H N N 236 
MET H2   H N N 237 
MET HA   H N N 238 
MET HB2  H N N 239 
MET HB3  H N N 240 
MET HG2  H N N 241 
MET HG3  H N N 242 
MET HE1  H N N 243 
MET HE2  H N N 244 
MET HE3  H N N 245 
MET HXT  H N N 246 
PHE N    N N N 247 
PHE CA   C N S 248 
PHE C    C N N 249 
PHE O    O N N 250 
PHE CB   C N N 251 
PHE CG   C Y N 252 
PHE CD1  C Y N 253 
PHE CD2  C Y N 254 
PHE CE1  C Y N 255 
PHE CE2  C Y N 256 
PHE CZ   C Y N 257 
PHE OXT  O N N 258 
PHE H    H N N 259 
PHE H2   H N N 260 
PHE HA   H N N 261 
PHE HB2  H N N 262 
PHE HB3  H N N 263 
PHE HD1  H N N 264 
PHE HD2  H N N 265 
PHE HE1  H N N 266 
PHE HE2  H N N 267 
PHE HZ   H N N 268 
PHE HXT  H N N 269 
PRO N    N N N 270 
PRO CA   C N S 271 
PRO C    C N N 272 
PRO O    O N N 273 
PRO CB   C N N 274 
PRO CG   C N N 275 
PRO CD   C N N 276 
PRO OXT  O N N 277 
PRO H    H N N 278 
PRO HA   H N N 279 
PRO HB2  H N N 280 
PRO HB3  H N N 281 
PRO HG2  H N N 282 
PRO HG3  H N N 283 
PRO HD2  H N N 284 
PRO HD3  H N N 285 
PRO HXT  H N N 286 
SER N    N N N 287 
SER CA   C N S 288 
SER C    C N N 289 
SER O    O N N 290 
SER CB   C N N 291 
SER OG   O N N 292 
SER OXT  O N N 293 
SER H    H N N 294 
SER H2   H N N 295 
SER HA   H N N 296 
SER HB2  H N N 297 
SER HB3  H N N 298 
SER HG   H N N 299 
SER HXT  H N N 300 
THR N    N N N 301 
THR CA   C N S 302 
THR C    C N N 303 
THR O    O N N 304 
THR CB   C N R 305 
THR OG1  O N N 306 
THR CG2  C N N 307 
THR OXT  O N N 308 
THR H    H N N 309 
THR H2   H N N 310 
THR HA   H N N 311 
THR HB   H N N 312 
THR HG1  H N N 313 
THR HG21 H N N 314 
THR HG22 H N N 315 
THR HG23 H N N 316 
THR HXT  H N N 317 
TRP N    N N N 318 
TRP CA   C N S 319 
TRP C    C N N 320 
TRP O    O N N 321 
TRP CB   C N N 322 
TRP CG   C Y N 323 
TRP CD1  C Y N 324 
TRP CD2  C Y N 325 
TRP NE1  N Y N 326 
TRP CE2  C Y N 327 
TRP CE3  C Y N 328 
TRP CZ2  C Y N 329 
TRP CZ3  C Y N 330 
TRP CH2  C Y N 331 
TRP OXT  O N N 332 
TRP H    H N N 333 
TRP H2   H N N 334 
TRP HA   H N N 335 
TRP HB2  H N N 336 
TRP HB3  H N N 337 
TRP HD1  H N N 338 
TRP HE1  H N N 339 
TRP HE3  H N N 340 
TRP HZ2  H N N 341 
TRP HZ3  H N N 342 
TRP HH2  H N N 343 
TRP HXT  H N N 344 
TYR N    N N N 345 
TYR CA   C N S 346 
TYR C    C N N 347 
TYR O    O N N 348 
TYR CB   C N N 349 
TYR CG   C Y N 350 
TYR CD1  C Y N 351 
TYR CD2  C Y N 352 
TYR CE1  C Y N 353 
TYR CE2  C Y N 354 
TYR CZ   C Y N 355 
TYR OH   O N N 356 
TYR OXT  O N N 357 
TYR H    H N N 358 
TYR H2   H N N 359 
TYR HA   H N N 360 
TYR HB2  H N N 361 
TYR HB3  H N N 362 
TYR HD1  H N N 363 
TYR HD2  H N N 364 
TYR HE1  H N N 365 
TYR HE2  H N N 366 
TYR HH   H N N 367 
TYR HXT  H N N 368 
VAL N    N N N 369 
VAL CA   C N S 370 
VAL C    C N N 371 
VAL O    O N N 372 
VAL CB   C N N 373 
VAL CG1  C N N 374 
VAL CG2  C N N 375 
VAL OXT  O N N 376 
VAL H    H N N 377 
VAL H2   H N N 378 
VAL HA   H N N 379 
VAL HB   H N N 380 
VAL HG11 H N N 381 
VAL HG12 H N N 382 
VAL HG13 H N N 383 
VAL HG21 H N N 384 
VAL HG22 H N N 385 
VAL HG23 H N N 386 
VAL HXT  H N N 387 
# 
loop_
_chem_comp_bond.comp_id 
_chem_comp_bond.atom_id_1 
_chem_comp_bond.atom_id_2 
_chem_comp_bond.value_order 
_chem_comp_bond.pdbx_aromatic_flag 
_chem_comp_bond.pdbx_stereo_config 
_chem_comp_bond.pdbx_ordinal 
ALA N   CA   sing N N 1   
ALA N   H    sing N N 2   
ALA N   H2   sing N N 3   
ALA CA  C    sing N N 4   
ALA CA  CB   sing N N 5   
ALA CA  HA   sing N N 6   
ALA C   O    doub N N 7   
ALA C   OXT  sing N N 8   
ALA CB  HB1  sing N N 9   
ALA CB  HB2  sing N N 10  
ALA CB  HB3  sing N N 11  
ALA OXT HXT  sing N N 12  
ARG N   CA   sing N N 13  
ARG N   H    sing N N 14  
ARG N   H2   sing N N 15  
ARG CA  C    sing N N 16  
ARG CA  CB   sing N N 17  
ARG CA  HA   sing N N 18  
ARG C   O    doub N N 19  
ARG C   OXT  sing N N 20  
ARG CB  CG   sing N N 21  
ARG CB  HB2  sing N N 22  
ARG CB  HB3  sing N N 23  
ARG CG  CD   sing N N 24  
ARG CG  HG2  sing N N 25  
ARG CG  HG3  sing N N 26  
ARG CD  NE   sing N N 27  
ARG CD  HD2  sing N N 28  
ARG CD  HD3  sing N N 29  
ARG NE  CZ   sing N N 30  
ARG NE  HE   sing N N 31  
ARG CZ  NH1  sing N N 32  
ARG CZ  NH2  doub N N 33  
ARG NH1 HH11 sing N N 34  
ARG NH1 HH12 sing N N 35  
ARG NH2 HH21 sing N N 36  
ARG NH2 HH22 sing N N 37  
ARG OXT HXT  sing N N 38  
ASN N   CA   sing N N 39  
ASN N   H    sing N N 40  
ASN N   H2   sing N N 41  
ASN CA  C    sing N N 42  
ASN CA  CB   sing N N 43  
ASN CA  HA   sing N N 44  
ASN C   O    doub N N 45  
ASN C   OXT  sing N N 46  
ASN CB  CG   sing N N 47  
ASN CB  HB2  sing N N 48  
ASN CB  HB3  sing N N 49  
ASN CG  OD1  doub N N 50  
ASN CG  ND2  sing N N 51  
ASN ND2 HD21 sing N N 52  
ASN ND2 HD22 sing N N 53  
ASN OXT HXT  sing N N 54  
ASP N   CA   sing N N 55  
ASP N   H    sing N N 56  
ASP N   H2   sing N N 57  
ASP CA  C    sing N N 58  
ASP CA  CB   sing N N 59  
ASP CA  HA   sing N N 60  
ASP C   O    doub N N 61  
ASP C   OXT  sing N N 62  
ASP CB  CG   sing N N 63  
ASP CB  HB2  sing N N 64  
ASP CB  HB3  sing N N 65  
ASP CG  OD1  doub N N 66  
ASP CG  OD2  sing N N 67  
ASP OD2 HD2  sing N N 68  
ASP OXT HXT  sing N N 69  
CYS N   CA   sing N N 70  
CYS N   H    sing N N 71  
CYS N   H2   sing N N 72  
CYS CA  C    sing N N 73  
CYS CA  CB   sing N N 74  
CYS CA  HA   sing N N 75  
CYS C   O    doub N N 76  
CYS C   OXT  sing N N 77  
CYS CB  SG   sing N N 78  
CYS CB  HB2  sing N N 79  
CYS CB  HB3  sing N N 80  
CYS SG  HG   sing N N 81  
CYS OXT HXT  sing N N 82  
GLN N   CA   sing N N 83  
GLN N   H    sing N N 84  
GLN N   H2   sing N N 85  
GLN CA  C    sing N N 86  
GLN CA  CB   sing N N 87  
GLN CA  HA   sing N N 88  
GLN C   O    doub N N 89  
GLN C   OXT  sing N N 90  
GLN CB  CG   sing N N 91  
GLN CB  HB2  sing N N 92  
GLN CB  HB3  sing N N 93  
GLN CG  CD   sing N N 94  
GLN CG  HG2  sing N N 95  
GLN CG  HG3  sing N N 96  
GLN CD  OE1  doub N N 97  
GLN CD  NE2  sing N N 98  
GLN NE2 HE21 sing N N 99  
GLN NE2 HE22 sing N N 100 
GLN OXT HXT  sing N N 101 
GLU N   CA   sing N N 102 
GLU N   H    sing N N 103 
GLU N   H2   sing N N 104 
GLU CA  C    sing N N 105 
GLU CA  CB   sing N N 106 
GLU CA  HA   sing N N 107 
GLU C   O    doub N N 108 
GLU C   OXT  sing N N 109 
GLU CB  CG   sing N N 110 
GLU CB  HB2  sing N N 111 
GLU CB  HB3  sing N N 112 
GLU CG  CD   sing N N 113 
GLU CG  HG2  sing N N 114 
GLU CG  HG3  sing N N 115 
GLU CD  OE1  doub N N 116 
GLU CD  OE2  sing N N 117 
GLU OE2 HE2  sing N N 118 
GLU OXT HXT  sing N N 119 
GLY N   CA   sing N N 120 
GLY N   H    sing N N 121 
GLY N   H2   sing N N 122 
GLY CA  C    sing N N 123 
GLY CA  HA2  sing N N 124 
GLY CA  HA3  sing N N 125 
GLY C   O    doub N N 126 
GLY C   OXT  sing N N 127 
GLY OXT HXT  sing N N 128 
HIS N   CA   sing N N 129 
HIS N   H    sing N N 130 
HIS N   H2   sing N N 131 
HIS CA  C    sing N N 132 
HIS CA  CB   sing N N 133 
HIS CA  HA   sing N N 134 
HIS C   O    doub N N 135 
HIS C   OXT  sing N N 136 
HIS CB  CG   sing N N 137 
HIS CB  HB2  sing N N 138 
HIS CB  HB3  sing N N 139 
HIS CG  ND1  sing Y N 140 
HIS CG  CD2  doub Y N 141 
HIS ND1 CE1  doub Y N 142 
HIS ND1 HD1  sing N N 143 
HIS CD2 NE2  sing Y N 144 
HIS CD2 HD2  sing N N 145 
HIS CE1 NE2  sing Y N 146 
HIS CE1 HE1  sing N N 147 
HIS NE2 HE2  sing N N 148 
HIS OXT HXT  sing N N 149 
ILE N   CA   sing N N 150 
ILE N   H    sing N N 151 
ILE N   H2   sing N N 152 
ILE CA  C    sing N N 153 
ILE CA  CB   sing N N 154 
ILE CA  HA   sing N N 155 
ILE C   O    doub N N 156 
ILE C   OXT  sing N N 157 
ILE CB  CG1  sing N N 158 
ILE CB  CG2  sing N N 159 
ILE CB  HB   sing N N 160 
ILE CG1 CD1  sing N N 161 
ILE CG1 HG12 sing N N 162 
ILE CG1 HG13 sing N N 163 
ILE CG2 HG21 sing N N 164 
ILE CG2 HG22 sing N N 165 
ILE CG2 HG23 sing N N 166 
ILE CD1 HD11 sing N N 167 
ILE CD1 HD12 sing N N 168 
ILE CD1 HD13 sing N N 169 
ILE OXT HXT  sing N N 170 
LEU N   CA   sing N N 171 
LEU N   H    sing N N 172 
LEU N   H2   sing N N 173 
LEU CA  C    sing N N 174 
LEU CA  CB   sing N N 175 
LEU CA  HA   sing N N 176 
LEU C   O    doub N N 177 
LEU C   OXT  sing N N 178 
LEU CB  CG   sing N N 179 
LEU CB  HB2  sing N N 180 
LEU CB  HB3  sing N N 181 
LEU CG  CD1  sing N N 182 
LEU CG  CD2  sing N N 183 
LEU CG  HG   sing N N 184 
LEU CD1 HD11 sing N N 185 
LEU CD1 HD12 sing N N 186 
LEU CD1 HD13 sing N N 187 
LEU CD2 HD21 sing N N 188 
LEU CD2 HD22 sing N N 189 
LEU CD2 HD23 sing N N 190 
LEU OXT HXT  sing N N 191 
LYS N   CA   sing N N 192 
LYS N   H    sing N N 193 
LYS N   H2   sing N N 194 
LYS CA  C    sing N N 195 
LYS CA  CB   sing N N 196 
LYS CA  HA   sing N N 197 
LYS C   O    doub N N 198 
LYS C   OXT  sing N N 199 
LYS CB  CG   sing N N 200 
LYS CB  HB2  sing N N 201 
LYS CB  HB3  sing N N 202 
LYS CG  CD   sing N N 203 
LYS CG  HG2  sing N N 204 
LYS CG  HG3  sing N N 205 
LYS CD  CE   sing N N 206 
LYS CD  HD2  sing N N 207 
LYS CD  HD3  sing N N 208 
LYS CE  NZ   sing N N 209 
LYS CE  HE2  sing N N 210 
LYS CE  HE3  sing N N 211 
LYS NZ  HZ1  sing N N 212 
LYS NZ  HZ2  sing N N 213 
LYS NZ  HZ3  sing N N 214 
LYS OXT HXT  sing N N 215 
MET N   CA   sing N N 216 
MET N   H    sing N N 217 
MET N   H2   sing N N 218 
MET CA  C    sing N N 219 
MET CA  CB   sing N N 220 
MET CA  HA   sing N N 221 
MET C   O    doub N N 222 
MET C   OXT  sing N N 223 
MET CB  CG   sing N N 224 
MET CB  HB2  sing N N 225 
MET CB  HB3  sing N N 226 
MET CG  SD   sing N N 227 
MET CG  HG2  sing N N 228 
MET CG  HG3  sing N N 229 
MET SD  CE   sing N N 230 
MET CE  HE1  sing N N 231 
MET CE  HE2  sing N N 232 
MET CE  HE3  sing N N 233 
MET OXT HXT  sing N N 234 
PHE N   CA   sing N N 235 
PHE N   H    sing N N 236 
PHE N   H2   sing N N 237 
PHE CA  C    sing N N 238 
PHE CA  CB   sing N N 239 
PHE CA  HA   sing N N 240 
PHE C   O    doub N N 241 
PHE C   OXT  sing N N 242 
PHE CB  CG   sing N N 243 
PHE CB  HB2  sing N N 244 
PHE CB  HB3  sing N N 245 
PHE CG  CD1  doub Y N 246 
PHE CG  CD2  sing Y N 247 
PHE CD1 CE1  sing Y N 248 
PHE CD1 HD1  sing N N 249 
PHE CD2 CE2  doub Y N 250 
PHE CD2 HD2  sing N N 251 
PHE CE1 CZ   doub Y N 252 
PHE CE1 HE1  sing N N 253 
PHE CE2 CZ   sing Y N 254 
PHE CE2 HE2  sing N N 255 
PHE CZ  HZ   sing N N 256 
PHE OXT HXT  sing N N 257 
PRO N   CA   sing N N 258 
PRO N   CD   sing N N 259 
PRO N   H    sing N N 260 
PRO CA  C    sing N N 261 
PRO CA  CB   sing N N 262 
PRO CA  HA   sing N N 263 
PRO C   O    doub N N 264 
PRO C   OXT  sing N N 265 
PRO CB  CG   sing N N 266 
PRO CB  HB2  sing N N 267 
PRO CB  HB3  sing N N 268 
PRO CG  CD   sing N N 269 
PRO CG  HG2  sing N N 270 
PRO CG  HG3  sing N N 271 
PRO CD  HD2  sing N N 272 
PRO CD  HD3  sing N N 273 
PRO OXT HXT  sing N N 274 
SER N   CA   sing N N 275 
SER N   H    sing N N 276 
SER N   H2   sing N N 277 
SER CA  C    sing N N 278 
SER CA  CB   sing N N 279 
SER CA  HA   sing N N 280 
SER C   O    doub N N 281 
SER C   OXT  sing N N 282 
SER CB  OG   sing N N 283 
SER CB  HB2  sing N N 284 
SER CB  HB3  sing N N 285 
SER OG  HG   sing N N 286 
SER OXT HXT  sing N N 287 
THR N   CA   sing N N 288 
THR N   H    sing N N 289 
THR N   H2   sing N N 290 
THR CA  C    sing N N 291 
THR CA  CB   sing N N 292 
THR CA  HA   sing N N 293 
THR C   O    doub N N 294 
THR C   OXT  sing N N 295 
THR CB  OG1  sing N N 296 
THR CB  CG2  sing N N 297 
THR CB  HB   sing N N 298 
THR OG1 HG1  sing N N 299 
THR CG2 HG21 sing N N 300 
THR CG2 HG22 sing N N 301 
THR CG2 HG23 sing N N 302 
THR OXT HXT  sing N N 303 
TRP N   CA   sing N N 304 
TRP N   H    sing N N 305 
TRP N   H2   sing N N 306 
TRP CA  C    sing N N 307 
TRP CA  CB   sing N N 308 
TRP CA  HA   sing N N 309 
TRP C   O    doub N N 310 
TRP C   OXT  sing N N 311 
TRP CB  CG   sing N N 312 
TRP CB  HB2  sing N N 313 
TRP CB  HB3  sing N N 314 
TRP CG  CD1  doub Y N 315 
TRP CG  CD2  sing Y N 316 
TRP CD1 NE1  sing Y N 317 
TRP CD1 HD1  sing N N 318 
TRP CD2 CE2  doub Y N 319 
TRP CD2 CE3  sing Y N 320 
TRP NE1 CE2  sing Y N 321 
TRP NE1 HE1  sing N N 322 
TRP CE2 CZ2  sing Y N 323 
TRP CE3 CZ3  doub Y N 324 
TRP CE3 HE3  sing N N 325 
TRP CZ2 CH2  doub Y N 326 
TRP CZ2 HZ2  sing N N 327 
TRP CZ3 CH2  sing Y N 328 
TRP CZ3 HZ3  sing N N 329 
TRP CH2 HH2  sing N N 330 
TRP OXT HXT  sing N N 331 
TYR N   CA   sing N N 332 
TYR N   H    sing N N 333 
TYR N   H2   sing N N 334 
TYR CA  C    sing N N 335 
TYR CA  CB   sing N N 336 
TYR CA  HA   sing N N 337 
TYR C   O    doub N N 338 
TYR C   OXT  sing N N 339 
TYR CB  CG   sing N N 340 
TYR CB  HB2  sing N N 341 
TYR CB  HB3  sing N N 342 
TYR CG  CD1  doub Y N 343 
TYR CG  CD2  sing Y N 344 
TYR CD1 CE1  sing Y N 345 
TYR CD1 HD1  sing N N 346 
TYR CD2 CE2  doub Y N 347 
TYR CD2 HD2  sing N N 348 
TYR CE1 CZ   doub Y N 349 
TYR CE1 HE1  sing N N 350 
TYR CE2 CZ   sing Y N 351 
TYR CE2 HE2  sing N N 352 
TYR CZ  OH   sing N N 353 
TYR OH  HH   sing N N 354 
TYR OXT HXT  sing N N 355 
VAL N   CA   sing N N 356 
VAL N   H    sing N N 357 
VAL N   H2   sing N N 358 
VAL CA  C    sing N N 359 
VAL CA  CB   sing N N 360 
VAL CA  HA   sing N N 361 
VAL C   O    doub N N 362 
VAL C   OXT  sing N N 363 
VAL CB  CG1  sing N N 364 
VAL CB  CG2  sing N N 365 
VAL CB  HB   sing N N 366 
VAL CG1 HG11 sing N N 367 
VAL CG1 HG12 sing N N 368 
VAL CG1 HG13 sing N N 369 
VAL CG2 HG21 sing N N 370 
VAL CG2 HG22 sing N N 371 
VAL CG2 HG23 sing N N 372 
VAL OXT HXT  sing N N 373 
# 
_em_admin.current_status     REL 
_em_admin.deposition_date    2024-06-04 
_em_admin.deposition_site    RCSB 
_em_admin.entry_id           9C4N 
_em_admin.last_update        2024-11-13 
_em_admin.map_release_date   2024-11-13 
_em_admin.title              'Infectious B19V capsid' 
# 
_em_ctf_correction.details                  ? 
_em_ctf_correction.em_image_processing_id   1 
_em_ctf_correction.id                       1 
_em_ctf_correction.type                     'PHASE FLIPPING AND AMPLITUDE CORRECTION' 
# 
loop_
_em_entity_assembly_naturalsource.cell 
_em_entity_assembly_naturalsource.cellular_location 
_em_entity_assembly_naturalsource.entity_assembly_id 
_em_entity_assembly_naturalsource.id 
_em_entity_assembly_naturalsource.ncbi_tax_id 
_em_entity_assembly_naturalsource.organism 
_em_entity_assembly_naturalsource.organelle 
_em_entity_assembly_naturalsource.organ 
_em_entity_assembly_naturalsource.strain 
_em_entity_assembly_naturalsource.tissue 
_em_entity_assembly_naturalsource.details 
? ? 2 2 10798 'Human parvovirus B19' ? ? ? ? ? 
? ? 3 3 9606  'Homo sapiens'         ? ? ? ? ? 
# 
_em_image_processing.details              ? 
_em_image_processing.id                   1 
_em_image_processing.image_recording_id   1 
# 
_em_image_recording.average_exposure_time               ? 
_em_image_recording.avg_electron_dose_per_subtomogram   ? 
_em_image_recording.avg_electron_dose_per_image         100 
_em_image_recording.details                             ? 
_em_image_recording.detector_mode                       INTEGRATING 
_em_image_recording.film_or_detector_model              'FEI FALCON III (4k x 4k)' 
_em_image_recording.id                                  1 
_em_image_recording.imaging_id                          1 
_em_image_recording.num_diffraction_images              ? 
_em_image_recording.num_grids_imaged                    ? 
_em_image_recording.num_real_images                     ? 
# 
loop_
_em_software.category 
_em_software.details 
_em_software.id 
_em_software.image_processing_id 
_em_software.fitting_id 
_em_software.imaging_id 
_em_software.name 
_em_software.version 
'PARTICLE SELECTION'            ? 1  1 ? ? ? ? 
'IMAGE ACQUISITION'             ? 2  ? ? 1 ? ? 
MASKING                         ? 3  ? ? ? ? ? 
'CTF CORRECTION'                ? 4  1 ? ? ? ? 
'LAYERLINE INDEXING'            ? 5  ? ? ? ? ? 
'DIFFRACTION INDEXING'          ? 6  ? ? ? ? ? 
'MODEL FITTING'                 ? 7  ? ? ? ? ? 
'MODEL REFINEMENT'              ? 8  ? ? ? ? ? 
OTHER                           ? 9  ? ? ? ? ? 
'INITIAL EULER ASSIGNMENT'      ? 10 1 ? ? ? ? 
'FINAL EULER ASSIGNMENT'        ? 11 1 ? ? ? ? 
CLASSIFICATION                  ? 12 1 ? ? ? ? 
RECONSTRUCTION                  ? 13 1 ? ? ? ? 
'VOLUME SELECTION'              ? 14 1 1 1 ? ? 
'SERIES ALIGNMENT'              ? 15 1 1 1 ? ? 
'MOLECULAR REPLACEMENT'         ? 16 1 1 1 ? ? 
'LATTICE DISTORTION CORRECTION' ? 17 1 1 1 ? ? 
'SYMMETRY DETERMINATION'        ? 18 1 1 1 ? ? 
'CRYSTALLOGRAPHY MERGING'       ? 19 1 1 1 ? ? 
# 
_em_specimen.concentration           ? 
_em_specimen.details                 ? 
_em_specimen.embedding_applied       NO 
_em_specimen.experiment_id           1 
_em_specimen.id                      1 
_em_specimen.shadowing_applied       NO 
_em_specimen.staining_applied        NO 
_em_specimen.vitrification_applied   YES 
# 
_pdbx_audit_support.funding_organization   'Not funded' 
_pdbx_audit_support.country                ? 
_pdbx_audit_support.grant_number           ? 
_pdbx_audit_support.ordinal                1 
# 
_atom_sites.entry_id                    9C4N 
_atom_sites.Cartn_transf_matrix[1][1]   ? 
_atom_sites.Cartn_transf_matrix[1][2]   ? 
_atom_sites.Cartn_transf_matrix[1][3]   ? 
_atom_sites.Cartn_transf_matrix[2][1]   ? 
_atom_sites.Cartn_transf_matrix[2][2]   ? 
_atom_sites.Cartn_transf_matrix[2][3]   ? 
_atom_sites.Cartn_transf_matrix[3][1]   ? 
_atom_sites.Cartn_transf_matrix[3][2]   ? 
_atom_sites.Cartn_transf_matrix[3][3]   ? 
_atom_sites.Cartn_transf_vector[1]      ? 
_atom_sites.Cartn_transf_vector[2]      ? 
_atom_sites.Cartn_transf_vector[3]      ? 
_atom_sites.Cartn_transform_axes        ? 
_atom_sites.fract_transf_matrix[1][1]   1.000000 
_atom_sites.fract_transf_matrix[1][2]   0.000000 
_atom_sites.fract_transf_matrix[1][3]   0.000000 
_atom_sites.fract_transf_matrix[2][1]   0.000000 
_atom_sites.fract_transf_matrix[2][2]   1.000000 
_atom_sites.fract_transf_matrix[2][3]   0.000000 
_atom_sites.fract_transf_matrix[3][1]   0.000000 
_atom_sites.fract_transf_matrix[3][2]   0.000000 
_atom_sites.fract_transf_matrix[3][3]   1.000000 
_atom_sites.fract_transf_vector[1]      0.00000 
_atom_sites.fract_transf_vector[2]      0.00000 
_atom_sites.fract_transf_vector[3]      0.00000 
_atom_sites.solution_primary            ? 
_atom_sites.solution_secondary          ? 
_atom_sites.solution_hydrogens          ? 
_atom_sites.special_details             ? 
# 
loop_
_atom_type.symbol 
C 
N 
O 
# 
loop_
_atom_site.group_PDB 
_atom_site.id 
_atom_site.type_symbol 
_atom_site.label_atom_id 
_atom_site.label_alt_id 
_atom_site.label_comp_id 
_atom_site.label_asym_id 
_atom_site.label_entity_id 
_atom_site.label_seq_id 
_atom_site.pdbx_PDB_ins_code 
_atom_site.Cartn_x 
_atom_site.Cartn_y 
_atom_site.Cartn_z 
_atom_site.occupancy 
_atom_site.B_iso_or_equiv 
_atom_site.pdbx_formal_charge 
_atom_site.auth_seq_id 
_atom_site.auth_comp_id 
_atom_site.auth_asym_id 
_atom_site.auth_atom_id 
_atom_site.pdbx_PDB_model_num 
ATOM 1  N N   . ARG A 1 661 ? -0.353 -4.201 -4.012 1.00 100.00 ? 661 ARG Y N   1 
ATOM 2  C CA  . ARG A 1 661 ? -1.646 -3.843 -4.646 1.00 100.00 ? 661 ARG Y CA  1 
ATOM 3  C C   . ARG A 1 661 ? -1.571 -2.447 -5.252 1.00 100.00 ? 661 ARG Y C   1 
ATOM 4  O O   . ARG A 1 661 ? -1.092 -1.535 -4.579 1.00 100.00 ? 661 ARG Y O   1 
ATOM 5  C CB  . ARG A 1 661 ? -2.825 -3.899 -3.659 1.00 100.00 ? 661 ARG Y CB  1 
ATOM 6  C CG  . ARG A 1 661 ? -3.337 -5.320 -3.417 1.00 100.00 ? 661 ARG Y CG  1 
ATOM 7  C CD  . ARG A 1 661 ? -4.525 -5.334 -2.446 1.00 100.00 ? 661 ARG Y CD  1 
ATOM 8  N NE  . ARG A 1 661 ? -4.115 -5.038 -1.062 1.00 100.00 ? 661 ARG Y NE  1 
ATOM 9  C CZ  . ARG A 1 661 ? -4.906 -4.721 -0.059 1.00 100.00 ? 661 ARG Y CZ  1 
ATOM 10 N NH1 . ARG A 1 661 ? -4.409 -4.513 1.121  1.00 100.00 ? 661 ARG Y NH1 1 
ATOM 11 N NH2 . ARG A 1 661 ? -6.190 -4.605 -0.196 1.00 100.00 ? 661 ARG Y NH2 1 
ATOM 12 N N   . PRO A 1 662 ? -2.058 -2.239 -6.485 1.00 100.00 ? 662 PRO Y N   1 
ATOM 13 C CA  . PRO A 1 662 ? -2.112 -0.921 -7.105 1.00 100.00 ? 662 PRO Y CA  1 
ATOM 14 C C   . PRO A 1 662 ? -3.188 -0.053 -6.452 1.00 100.00 ? 662 PRO Y C   1 
ATOM 15 O O   . PRO A 1 662 ? -4.258 -0.541 -6.093 1.00 100.00 ? 662 PRO Y O   1 
ATOM 16 C CB  . PRO A 1 662 ? -2.422 -1.183 -8.577 1.00 100.00 ? 662 PRO Y CB  1 
ATOM 17 C CG  . PRO A 1 662 ? -3.248 -2.464 -8.538 1.00 100.00 ? 662 PRO Y CG  1 
ATOM 18 C CD  . PRO A 1 662 ? -2.646 -3.235 -7.367 1.00 100.00 ? 662 PRO Y CD  1 
ATOM 19 N N   . GLY A 1 663 ? -2.925 1.241  -6.306 1.00 100.00 ? 663 GLY Y N   1 
ATOM 20 C CA  . GLY A 1 663 ? -3.875 2.185  -5.716 1.00 100.00 ? 663 GLY Y CA  1 
ATOM 21 C C   . GLY A 1 663 ? -4.047 2.064  -4.204 1.00 100.00 ? 663 GLY Y C   1 
ATOM 22 O O   . GLY A 1 663 ? -5.036 2.549  -3.673 1.00 100.00 ? 663 GLY Y O   1 
ATOM 23 N N   . VAL A 1 664 ? -3.118 1.419  -3.503 1.00 100.00 ? 664 VAL Y N   1 
ATOM 24 C CA  . VAL A 1 664 ? -3.124 1.233  -2.044 1.00 100.00 ? 664 VAL Y CA  1 
ATOM 25 C C   . VAL A 1 664 ? -1.856 1.831  -1.446 1.00 100.00 ? 664 VAL Y C   1 
ATOM 26 O O   . VAL A 1 664 ? -0.774 1.684  -2.005 1.00 100.00 ? 664 VAL Y O   1 
ATOM 27 C CB  . VAL A 1 664 ? -3.267 -0.253 -1.679 1.00 100.00 ? 664 VAL Y CB  1 
ATOM 28 C CG1 . VAL A 1 664 ? -3.173 -0.515 -0.179 1.00 100.00 ? 664 VAL Y CG1 1 
ATOM 29 C CG2 . VAL A 1 664 ? -4.612 -0.808 -2.140 1.00 100.00 ? 664 VAL Y CG2 1 
ATOM 30 N N   . LEU A 1 665 ? -1.977 2.486  -0.296 1.00 100.00 ? 665 LEU Y N   1 
ATOM 31 C CA  . LEU A 1 665 ? -0.875 3.066  0.464  1.00 100.00 ? 665 LEU Y CA  1 
ATOM 32 C C   . LEU A 1 665 ? -0.841 2.432  1.851  1.00 100.00 ? 665 LEU Y C   1 
ATOM 33 O O   . LEU A 1 665 ? -1.384 2.966  2.810  1.00 100.00 ? 665 LEU Y O   1 
ATOM 34 C CB  . LEU A 1 665 ? -1.040 4.591  0.478  1.00 100.00 ? 665 LEU Y CB  1 
ATOM 35 C CG  . LEU A 1 665 ? 0.082  5.344  1.199  1.00 100.00 ? 665 LEU Y CG  1 
ATOM 36 C CD1 . LEU A 1 665 ? 1.414  5.180  0.487  1.00 100.00 ? 665 LEU Y CD1 1 
ATOM 37 C CD2 . LEU A 1 665 ? -0.248 6.827  1.249  1.00 100.00 ? 665 LEU Y CD2 1 
ATOM 38 N N   . SER A 1 666 ? -0.286 1.230  1.942  1.00 100.00 ? 666 SER Y N   1 
ATOM 39 C CA  . SER A 1 666 ? -0.292 0.433  3.167  1.00 100.00 ? 666 SER Y CA  1 
ATOM 40 C C   . SER A 1 666 ? 0.802  0.866  4.137  1.00 100.00 ? 666 SER Y C   1 
ATOM 41 O O   . SER A 1 666 ? 1.865  1.325  3.725  1.00 100.00 ? 666 SER Y O   1 
ATOM 42 C CB  . SER A 1 666 ? -0.137 -1.044 2.810  1.00 100.00 ? 666 SER Y CB  1 
ATOM 43 O OG  . SER A 1 666 ? -0.306 -1.859 3.949  1.00 100.00 ? 666 SER Y OG  1 
ATOM 44 N N   . SER A 1 667 ? 0.588  0.661  5.432  1.00 100.00 ? 667 SER Y N   1 
ATOM 45 C CA  . SER A 1 667 ? 1.616  0.798  6.465  1.00 100.00 ? 667 SER Y CA  1 
ATOM 46 C C   . SER A 1 667 ? 2.710  -0.275 6.406  1.00 100.00 ? 667 SER Y C   1 
ATOM 47 O O   . SER A 1 667 ? 3.743  -0.132 7.058  1.00 100.00 ? 667 SER Y O   1 
ATOM 48 C CB  . SER A 1 667 ? 0.942  0.762  7.827  1.00 100.00 ? 667 SER Y CB  1 
ATOM 49 O OG  . SER A 1 667 ? 0.265  -0.465 7.990  1.00 100.00 ? 667 SER Y OG  1 
ATOM 50 N N   . ARG A 1 668 ? 2.538  -1.342 5.619  1.00 100.00 ? 668 ARG Y N   1 
ATOM 51 C CA  . ARG A 1 668 ? 3.570  -2.347 5.339  1.00 100.00 ? 668 ARG Y CA  1 
ATOM 52 C C   . ARG A 1 668 ? 4.601  -1.814 4.345  1.00 100.00 ? 668 ARG Y C   1 
ATOM 53 O O   . ARG A 1 668 ? 4.508  -2.050 3.144  1.00 100.00 ? 668 ARG Y O   1 
ATOM 54 C CB  . ARG A 1 668 ? 2.921  -3.649 4.851  1.00 100.00 ? 668 ARG Y CB  1 
ATOM 55 C CG  . ARG A 1 668 ? 2.123  -4.316 5.972  1.00 100.00 ? 668 ARG Y CG  1 
ATOM 56 C CD  . ARG A 1 668 ? 1.539  -5.650 5.512  1.00 100.00 ? 668 ARG Y CD  1 
ATOM 57 N NE  . ARG A 1 668 ? 0.775  -6.277 6.601  1.00 100.00 ? 668 ARG Y NE  1 
ATOM 58 C CZ  . ARG A 1 668 ? -0.286 -7.043 6.500  1.00 100.00 ? 668 ARG Y CZ  1 
ATOM 59 N NH1 . ARG A 1 668 ? -0.887 -7.470 7.567  1.00 100.00 ? 668 ARG Y NH1 1 
ATOM 60 N NH2 . ARG A 1 668 ? -0.772 -7.401 5.357  1.00 100.00 ? 668 ARG Y NH2 1 
ATOM 61 N N   . GLN A 1 669 ? 5.584  -1.080 4.846  1.00 88.98  ? 669 GLN Y N   1 
ATOM 62 C CA  . GLN A 1 669 ? 6.739  -0.604 4.076  1.00 88.98  ? 669 GLN Y CA  1 
ATOM 63 C C   . GLN A 1 669 ? 7.662  -1.751 3.635  1.00 88.98  ? 669 GLN Y C   1 
ATOM 64 O O   . GLN A 1 669 ? 7.744  -2.803 4.279  1.00 88.98  ? 669 GLN Y O   1 
ATOM 65 C CB  . GLN A 1 669 ? 7.497  0.476  4.866  1.00 88.98  ? 669 GLN Y CB  1 
ATOM 66 C CG  . GLN A 1 669 ? 8.037  0.027  6.235  1.00 88.98  ? 669 GLN Y CG  1 
ATOM 67 C CD  . GLN A 1 669 ? 8.852  1.107  6.948  1.00 88.98  ? 669 GLN Y CD  1 
ATOM 68 O OE1 . GLN A 1 669 ? 9.236  2.126  6.396  1.00 88.98  ? 669 GLN Y OE1 1 
ATOM 69 N NE2 . GLN A 1 669 ? 9.165  0.927  8.209  1.00 88.98  ? 669 GLN Y NE2 1 
# 
